data_8TZ6
#
_entry.id   8TZ6
#
_cell.length_a   1.00
_cell.length_b   1.00
_cell.length_c   1.00
_cell.angle_alpha   90.00
_cell.angle_beta   90.00
_cell.angle_gamma   90.00
#
_symmetry.space_group_name_H-M   'P 1'
#
loop_
_entity.id
_entity.type
_entity.pdbx_description
1 polymer 'Sodium/nucleoside cotransporter'
2 non-polymer "2'-deoxy-2'-fluoro-2'-methyluridine"
3 non-polymer 'SODIUM ION'
4 non-polymer 1-palmitoyl-2-oleoyl-sn-glycero-3-phosphocholine
5 water water
#
_entity_poly.entity_id   1
_entity_poly.type   'polypeptide(L)'
_entity_poly.pdbx_seq_one_letter_code
;MDYKDDDDKLEATMAMSSKISVELQRVAALPAQGCSNTGFQNDEDGFENQNPSGNDHSLRNRVVQNREHENGKQVEEHIT
IGQDSLRKDEEEEDDQETHRKGCLERMCGRMSDFCREHKTTLRYIIWGILIAGYLALVIAACVMNFHRALPLFVITVVAI
FFVVWDHLMAKYESQIARFLSPGQRLLDSHWFWLKWVIWGCLILGVILWLVFDTAKLGQQQLVSFGGLIIYTSLTFLFSK
HPTKVYWRPVFWGIGLQFLLGLLILRTEPGFMAFDWLGKQVQTFLGYSDAGASFVFGEKYTDHFFAFKVLPIVIFFSTVM
SMLYYLGLMQWIIRKVGWVMLVTMGTSPVESVVASGNIFIGQTESPLLVRPYLPYVTKSELHAIMTAGFSTIAGSVLGAY
ISFGVSSSHLLTASVMSAPAALAISKLFWPETETPKINLKNAMKMESGDSRNLLEAATQGASSSISLVANIAVNLIAFLA
LLSFMNSALSWLGNMFDYPQLSFEVICSYVFMPFAFMMGVDWQDSFMVAKLIGYKTFFNEFVAYQQLSKLISLRQVGGPK
FVDGVQQYMSMRSEAISTYALCGFANFGSLGIVIGGLTSMAPSRKRDITAGAMRALIAGTIACFLTACIAGMLTNTPVDI
NCHHILENAFNSGLVRNTTNVVSCCQGLLSSAVVKGPGEVIPTGNHSLYSLKNCCNLLNTPTLNCSWIPNVLSNS
;
_entity_poly.pdbx_strand_id   A,B,C
#
loop_
_chem_comp.id
_chem_comp.type
_chem_comp.name
_chem_comp.formula
LBN non-polymer 1-palmitoyl-2-oleoyl-sn-glycero-3-phosphocholine 'C42 H82 N O8 P'
NA non-polymer 'SODIUM ION' 'Na 1'
U7I non-polymer 2'-deoxy-2'-fluoro-2'-methyluridine 'C10 H13 F N2 O5'
#
# COMPACT_ATOMS: atom_id res chain seq x y z
N GLU A 105 -20.59 46.23 -15.19
CA GLU A 105 -20.86 45.74 -13.85
C GLU A 105 -20.48 46.81 -12.81
N ARG A 106 -21.07 48.00 -12.95
CA ARG A 106 -20.80 49.07 -11.99
C ARG A 106 -21.28 48.69 -10.60
N MET A 107 -22.45 48.06 -10.51
CA MET A 107 -22.96 47.63 -9.21
C MET A 107 -22.02 46.61 -8.56
N CYS A 108 -21.49 45.69 -9.36
CA CYS A 108 -20.55 44.70 -8.82
C CYS A 108 -19.29 45.38 -8.29
N GLY A 109 -18.78 46.37 -9.03
CA GLY A 109 -17.60 47.10 -8.56
C GLY A 109 -17.88 47.86 -7.28
N ARG A 110 -19.05 48.49 -7.19
CA ARG A 110 -19.41 49.20 -5.96
C ARG A 110 -19.52 48.23 -4.79
N MET A 111 -20.12 47.07 -5.01
CA MET A 111 -20.22 46.07 -3.95
C MET A 111 -18.84 45.59 -3.51
N SER A 112 -17.95 45.34 -4.47
CA SER A 112 -16.60 44.91 -4.13
C SER A 112 -15.86 45.99 -3.33
N ASP A 113 -16.02 47.26 -3.74
CA ASP A 113 -15.38 48.35 -3.01
C ASP A 113 -15.93 48.44 -1.60
N PHE A 114 -17.24 48.31 -1.43
CA PHE A 114 -17.83 48.35 -0.10
C PHE A 114 -17.32 47.20 0.76
N CYS A 115 -17.22 46.00 0.19
CA CYS A 115 -16.70 44.86 0.93
C CYS A 115 -15.25 45.10 1.36
N ARG A 116 -14.44 45.65 0.45
CA ARG A 116 -13.05 45.91 0.78
C ARG A 116 -12.92 46.97 1.87
N GLU A 117 -13.78 48.00 1.82
CA GLU A 117 -13.67 49.12 2.76
C GLU A 117 -13.87 48.66 4.19
N HIS A 118 -14.85 47.78 4.43
CA HIS A 118 -15.24 47.37 5.77
C HIS A 118 -15.19 45.84 5.88
N LYS A 119 -14.09 45.24 5.41
CA LYS A 119 -13.95 43.80 5.49
C LYS A 119 -13.92 43.31 6.93
N THR A 120 -13.20 44.02 7.80
CA THR A 120 -13.03 43.56 9.17
C THR A 120 -14.36 43.51 9.92
N THR A 121 -15.16 44.59 9.78
CA THR A 121 -16.40 44.66 10.54
C THR A 121 -17.43 43.63 10.08
N LEU A 122 -17.44 43.32 8.79
CA LEU A 122 -18.44 42.39 8.26
C LEU A 122 -18.26 41.00 8.85
N ARG A 123 -17.04 40.46 8.77
CA ARG A 123 -16.80 39.12 9.28
C ARG A 123 -16.95 39.06 10.80
N TYR A 124 -16.52 40.13 11.49
CA TYR A 124 -16.72 40.17 12.94
C TYR A 124 -18.20 40.14 13.29
N ILE A 125 -19.02 40.89 12.55
CA ILE A 125 -20.46 40.87 12.80
C ILE A 125 -21.04 39.49 12.53
N ILE A 126 -20.58 38.84 11.46
CA ILE A 126 -21.09 37.50 11.14
C ILE A 126 -20.76 36.53 12.28
N TRP A 127 -19.52 36.57 12.75
CA TRP A 127 -19.12 35.67 13.84
C TRP A 127 -19.90 35.99 15.11
N GLY A 128 -20.12 37.27 15.40
CA GLY A 128 -20.92 37.64 16.54
C GLY A 128 -22.34 37.12 16.45
N ILE A 129 -22.92 37.16 15.25
CA ILE A 129 -24.27 36.65 15.05
C ILE A 129 -24.31 35.14 15.29
N LEU A 130 -23.31 34.42 14.77
CA LEU A 130 -23.24 32.98 15.02
C LEU A 130 -23.13 32.68 16.51
N ILE A 131 -22.28 33.43 17.22
CA ILE A 131 -22.13 33.24 18.66
C ILE A 131 -23.44 33.52 19.37
N ALA A 132 -24.15 34.57 18.97
CA ALA A 132 -25.43 34.89 19.60
C ALA A 132 -26.44 33.78 19.36
N GLY A 133 -26.45 33.21 18.16
CA GLY A 133 -27.34 32.10 17.89
C GLY A 133 -27.03 30.89 18.76
N TYR A 134 -25.75 30.56 18.90
CA TYR A 134 -25.37 29.44 19.77
C TYR A 134 -25.79 29.69 21.21
N LEU A 135 -25.56 30.92 21.71
CA LEU A 135 -25.95 31.24 23.07
C LEU A 135 -27.46 31.19 23.24
N ALA A 136 -28.21 31.62 22.21
CA ALA A 136 -29.66 31.53 22.26
C ALA A 136 -30.12 30.08 22.36
N LEU A 137 -29.51 29.20 21.57
CA LEU A 137 -29.84 27.78 21.68
C LEU A 137 -29.56 27.26 23.07
N VAL A 138 -28.40 27.61 23.63
CA VAL A 138 -28.02 27.09 24.95
C VAL A 138 -29.01 27.57 26.00
N ILE A 139 -29.34 28.86 25.99
CA ILE A 139 -30.23 29.42 27.01
C ILE A 139 -31.63 28.86 26.86
N ALA A 140 -32.11 28.71 25.62
CA ALA A 140 -33.44 28.12 25.44
C ALA A 140 -33.47 26.68 25.94
N ALA A 141 -32.42 25.90 25.66
CA ALA A 141 -32.37 24.53 26.14
C ALA A 141 -32.38 24.49 27.66
N CYS A 142 -31.63 25.39 28.30
CA CYS A 142 -31.63 25.45 29.77
C CYS A 142 -33.00 25.83 30.30
N VAL A 143 -33.68 26.75 29.62
CA VAL A 143 -35.00 27.18 30.07
C VAL A 143 -36.00 26.04 29.99
N MET A 144 -36.02 25.32 28.87
CA MET A 144 -36.97 24.23 28.72
C MET A 144 -36.74 23.15 29.77
N ASN A 145 -35.48 22.82 30.03
CA ASN A 145 -35.14 21.86 31.08
C ASN A 145 -33.67 22.03 31.42
N PHE A 146 -33.37 22.15 32.71
CA PHE A 146 -32.02 22.44 33.14
C PHE A 146 -31.21 21.16 33.40
N HIS A 147 -31.78 20.21 34.12
CA HIS A 147 -31.07 18.96 34.40
C HIS A 147 -30.69 18.24 33.12
N ARG A 148 -31.52 18.36 32.08
CA ARG A 148 -31.25 17.71 30.80
C ARG A 148 -30.18 18.45 30.00
N ALA A 149 -30.08 19.77 30.17
CA ALA A 149 -29.15 20.60 29.41
C ALA A 149 -27.91 20.97 30.19
N LEU A 150 -27.65 20.32 31.32
CA LEU A 150 -26.52 20.70 32.16
C LEU A 150 -25.18 20.57 31.43
N PRO A 151 -24.85 19.44 30.79
CA PRO A 151 -23.52 19.32 30.18
C PRO A 151 -23.23 20.38 29.14
N LEU A 152 -24.23 20.75 28.33
CA LEU A 152 -24.03 21.80 27.34
C LEU A 152 -23.68 23.12 28.01
N PHE A 153 -24.40 23.44 29.10
CA PHE A 153 -24.11 24.65 29.85
C PHE A 153 -22.70 24.63 30.42
N VAL A 154 -22.28 23.49 30.96
CA VAL A 154 -20.94 23.38 31.53
C VAL A 154 -19.88 23.58 30.46
N ILE A 155 -20.07 22.94 29.30
CA ILE A 155 -19.10 23.07 28.21
C ILE A 155 -19.00 24.52 27.77
N THR A 156 -20.15 25.18 27.60
CA THR A 156 -20.14 26.57 27.19
C THR A 156 -19.42 27.44 28.23
N VAL A 157 -19.70 27.20 29.51
CA VAL A 157 -19.08 28.01 30.56
C VAL A 157 -17.58 27.85 30.56
N VAL A 158 -17.08 26.61 30.46
CA VAL A 158 -15.65 26.40 30.49
C VAL A 158 -14.99 27.00 29.26
N ALA A 159 -15.63 26.88 28.10
CA ALA A 159 -15.07 27.48 26.89
C ALA A 159 -14.98 28.99 27.04
N ILE A 160 -16.03 29.63 27.55
CA ILE A 160 -16.02 31.08 27.75
C ILE A 160 -14.90 31.46 28.72
N PHE A 161 -14.78 30.72 29.82
CA PHE A 161 -13.74 31.04 30.80
C PHE A 161 -12.36 30.97 30.17
N PHE A 162 -12.09 29.90 29.42
CA PHE A 162 -10.77 29.76 28.82
C PHE A 162 -10.49 30.84 27.78
N VAL A 163 -11.50 31.18 26.98
CA VAL A 163 -11.31 32.24 25.98
C VAL A 163 -10.97 33.56 26.66
N VAL A 164 -11.75 33.92 27.68
CA VAL A 164 -11.50 35.18 28.38
C VAL A 164 -10.12 35.16 29.03
N TRP A 165 -9.76 34.03 29.65
CA TRP A 165 -8.45 33.93 30.31
C TRP A 165 -7.33 34.12 29.30
N ASP A 166 -7.42 33.45 28.15
CA ASP A 166 -6.37 33.58 27.14
C ASP A 166 -6.27 35.01 26.64
N HIS A 167 -7.41 35.65 26.40
CA HIS A 167 -7.37 37.04 25.95
C HIS A 167 -6.71 37.93 26.98
N LEU A 168 -7.07 37.76 28.25
CA LEU A 168 -6.49 38.60 29.31
C LEU A 168 -4.99 38.37 29.43
N MET A 169 -4.56 37.10 29.43
CA MET A 169 -3.13 36.82 29.55
C MET A 169 -2.36 37.41 28.38
N ALA A 170 -2.90 37.31 27.17
CA ALA A 170 -2.24 37.90 26.01
C ALA A 170 -2.17 39.41 26.13
N LYS A 171 -3.24 40.04 26.62
CA LYS A 171 -3.30 41.50 26.65
C LYS A 171 -2.49 42.08 27.80
N TYR A 172 -2.66 41.56 29.01
CA TYR A 172 -2.07 42.13 30.21
C TYR A 172 -0.86 41.35 30.71
N GLU A 173 -0.08 40.77 29.80
CA GLU A 173 1.08 39.98 30.23
C GLU A 173 2.10 40.85 30.95
N SER A 174 2.43 42.00 30.37
CA SER A 174 3.47 42.85 30.94
C SER A 174 3.09 43.35 32.33
N GLN A 175 1.83 43.79 32.48
CA GLN A 175 1.39 44.30 33.78
C GLN A 175 1.43 43.21 34.84
N ILE A 176 1.00 41.99 34.49
CA ILE A 176 1.02 40.89 35.44
C ILE A 176 2.45 40.55 35.83
N ALA A 177 3.36 40.52 34.85
CA ALA A 177 4.76 40.22 35.15
C ALA A 177 5.34 41.28 36.09
N ARG A 178 5.07 42.55 35.81
CA ARG A 178 5.58 43.61 36.67
C ARG A 178 4.99 43.50 38.08
N PHE A 179 3.71 43.16 38.17
CA PHE A 179 3.08 42.99 39.48
C PHE A 179 3.71 41.84 40.25
N LEU A 180 4.08 40.77 39.55
CA LEU A 180 4.66 39.61 40.23
C LEU A 180 6.13 39.84 40.61
N SER A 181 6.83 40.70 39.89
CA SER A 181 8.28 40.83 40.08
C SER A 181 8.69 41.10 41.53
N PRO A 182 8.06 42.03 42.26
CA PRO A 182 8.53 42.28 43.64
C PRO A 182 8.55 41.05 44.52
N GLY A 183 7.51 40.23 44.46
CA GLY A 183 7.49 39.01 45.26
C GLY A 183 8.62 38.07 44.89
N GLN A 184 8.92 37.97 43.59
CA GLN A 184 10.04 37.15 43.15
C GLN A 184 11.36 37.68 43.72
N ARG A 185 11.54 39.00 43.74
CA ARG A 185 12.75 39.57 44.30
C ARG A 185 12.86 39.27 45.79
N LEU A 186 11.76 39.40 46.53
CA LEU A 186 11.79 39.11 47.96
C LEU A 186 12.12 37.64 48.21
N LEU A 187 11.49 36.75 47.43
CA LEU A 187 11.76 35.32 47.59
C LEU A 187 13.22 35.00 47.26
N ASP A 188 13.76 35.62 46.22
CA ASP A 188 15.18 35.42 45.90
C ASP A 188 16.06 35.92 47.05
N SER A 189 15.68 37.04 47.66
CA SER A 189 16.47 37.59 48.76
C SER A 189 16.50 36.63 49.94
N HIS A 190 15.35 36.04 50.29
CA HIS A 190 15.28 35.18 51.46
C HIS A 190 15.51 33.70 51.15
N TRP A 191 15.75 33.36 49.89
CA TRP A 191 15.87 31.95 49.51
C TRP A 191 17.04 31.27 50.19
N PHE A 192 18.16 32.00 50.37
CA PHE A 192 19.38 31.36 50.86
C PHE A 192 19.13 30.64 52.19
N TRP A 193 18.17 31.12 52.98
CA TRP A 193 17.79 30.43 54.21
C TRP A 193 16.44 29.74 54.13
N LEU A 194 15.55 30.15 53.24
CA LEU A 194 14.23 29.52 53.14
C LEU A 194 14.27 28.17 52.42
N LYS A 195 15.32 27.92 51.62
CA LYS A 195 15.38 26.67 50.88
C LYS A 195 15.49 25.48 51.82
N TRP A 196 16.28 25.62 52.89
CA TRP A 196 16.41 24.53 53.85
C TRP A 196 15.06 24.22 54.51
N VAL A 197 14.31 25.26 54.87
CA VAL A 197 13.01 25.05 55.49
C VAL A 197 12.08 24.32 54.55
N ILE A 198 12.02 24.77 53.30
CA ILE A 198 11.10 24.14 52.33
C ILE A 198 11.49 22.68 52.11
N TRP A 199 12.79 22.43 51.93
CA TRP A 199 13.25 21.06 51.69
C TRP A 199 12.95 20.16 52.89
N GLY A 200 13.20 20.66 54.10
CA GLY A 200 12.90 19.88 55.28
C GLY A 200 11.42 19.56 55.40
N CYS A 201 10.56 20.55 55.11
CA CYS A 201 9.13 20.29 55.14
C CYS A 201 8.73 19.22 54.13
N LEU A 202 9.29 19.29 52.92
CA LEU A 202 8.95 18.28 51.91
C LEU A 202 9.41 16.89 52.35
N ILE A 203 10.63 16.79 52.89
CA ILE A 203 11.14 15.50 53.34
C ILE A 203 10.28 14.95 54.47
N LEU A 204 9.90 15.80 55.41
CA LEU A 204 9.04 15.37 56.50
C LEU A 204 7.70 14.89 55.96
N GLY A 205 7.14 15.59 54.98
CA GLY A 205 5.88 15.16 54.40
C GLY A 205 6.01 13.80 53.73
N VAL A 206 7.11 13.57 53.02
CA VAL A 206 7.33 12.26 52.41
C VAL A 206 7.38 11.18 53.48
N ILE A 207 8.13 11.43 54.55
CA ILE A 207 8.27 10.44 55.62
C ILE A 207 6.92 10.14 56.25
N LEU A 208 6.14 11.19 56.54
CA LEU A 208 4.84 10.98 57.16
C LEU A 208 3.91 10.21 56.24
N TRP A 209 3.91 10.55 54.95
CA TRP A 209 3.07 9.82 54.01
C TRP A 209 3.43 8.35 54.01
N LEU A 210 4.73 8.05 53.89
CA LEU A 210 5.16 6.66 53.94
C LEU A 210 4.62 5.99 55.19
N VAL A 211 4.94 6.54 56.36
CA VAL A 211 4.64 5.86 57.62
C VAL A 211 3.13 5.61 57.75
N PHE A 212 2.31 6.62 57.44
CA PHE A 212 0.90 6.55 57.77
C PHE A 212 0.01 6.01 56.65
N ASP A 213 0.51 5.88 55.42
CA ASP A 213 -0.27 5.26 54.35
C ASP A 213 0.40 4.02 53.80
N THR A 214 1.67 4.12 53.39
CA THR A 214 2.31 3.03 52.67
C THR A 214 2.48 1.81 53.56
N ALA A 215 2.92 2.02 54.81
CA ALA A 215 3.07 0.90 55.73
C ALA A 215 1.73 0.25 56.02
N LYS A 216 0.68 1.06 56.18
CA LYS A 216 -0.65 0.50 56.40
C LYS A 216 -1.09 -0.35 55.21
N LEU A 217 -0.83 0.13 54.00
CA LEU A 217 -1.23 -0.62 52.81
C LEU A 217 -0.54 -1.98 52.75
N GLY A 218 0.75 -2.03 53.03
CA GLY A 218 1.45 -3.29 53.10
C GLY A 218 2.90 -3.14 52.69
N GLN A 219 3.55 -4.30 52.54
CA GLN A 219 4.96 -4.36 52.21
C GLN A 219 5.23 -4.05 50.74
N GLN A 220 4.34 -4.50 49.85
CA GLN A 220 4.59 -4.35 48.42
C GLN A 220 4.71 -2.89 48.02
N GLN A 221 3.98 -2.00 48.69
CA GLN A 221 4.06 -0.58 48.36
C GLN A 221 5.42 -0.01 48.77
N LEU A 222 5.92 -0.43 49.92
CA LEU A 222 7.28 -0.04 50.32
C LEU A 222 8.30 -0.56 49.33
N VAL A 223 8.09 -1.78 48.82
CA VAL A 223 8.99 -2.31 47.80
C VAL A 223 8.90 -1.47 46.53
N SER A 224 7.72 -0.97 46.21
CA SER A 224 7.59 -0.09 45.05
C SER A 224 8.38 1.19 45.24
N PHE A 225 8.30 1.79 46.42
CA PHE A 225 9.09 2.98 46.71
C PHE A 225 10.58 2.69 46.61
N GLY A 226 11.02 1.58 47.18
CA GLY A 226 12.42 1.20 47.06
C GLY A 226 12.84 0.99 45.63
N GLY A 227 11.97 0.41 44.80
CA GLY A 227 12.29 0.25 43.40
C GLY A 227 12.42 1.57 42.67
N LEU A 228 11.55 2.52 43.01
CA LEU A 228 11.70 3.87 42.47
C LEU A 228 13.07 4.44 42.79
N ILE A 229 13.46 4.39 44.06
CA ILE A 229 14.77 4.89 44.46
C ILE A 229 15.87 4.16 43.70
N ILE A 230 15.75 2.84 43.55
CA ILE A 230 16.80 2.05 42.94
C ILE A 230 16.94 2.38 41.46
N TYR A 231 15.81 2.53 40.75
CA TYR A 231 15.89 2.91 39.34
C TYR A 231 16.54 4.27 39.19
N THR A 232 16.18 5.23 40.05
CA THR A 232 16.82 6.55 39.96
C THR A 232 18.32 6.45 40.21
N SER A 233 18.72 5.67 41.21
CA SER A 233 20.15 5.53 41.50
C SER A 233 20.89 4.88 40.34
N LEU A 234 20.30 3.85 39.74
CA LEU A 234 20.95 3.19 38.60
C LEU A 234 21.10 4.15 37.43
N THR A 235 20.06 4.95 37.16
CA THR A 235 20.18 5.95 36.11
C THR A 235 21.29 6.95 36.43
N PHE A 236 21.47 7.29 37.71
CA PHE A 236 22.53 8.22 38.08
C PHE A 236 23.90 7.61 37.84
N LEU A 237 24.09 6.35 38.24
CA LEU A 237 25.42 5.73 38.15
C LEU A 237 25.89 5.66 36.70
N PHE A 238 25.01 5.23 35.79
CA PHE A 238 25.34 5.05 34.39
C PHE A 238 25.06 6.31 33.57
N SER A 239 25.12 7.48 34.19
CA SER A 239 24.84 8.72 33.49
C SER A 239 25.99 9.10 32.58
N LYS A 240 25.67 9.83 31.51
CA LYS A 240 26.70 10.29 30.58
C LYS A 240 27.66 11.24 31.26
N HIS A 241 27.14 12.20 32.05
CA HIS A 241 27.94 13.18 32.76
C HIS A 241 27.47 13.20 34.21
N PRO A 242 27.90 12.23 35.03
CA PRO A 242 27.40 12.17 36.41
C PRO A 242 27.68 13.42 37.22
N THR A 243 28.81 14.08 36.98
CA THR A 243 29.15 15.27 37.75
C THR A 243 28.26 16.45 37.39
N LYS A 244 27.90 16.57 36.10
CA LYS A 244 27.15 17.72 35.61
C LYS A 244 25.65 17.40 35.56
N VAL A 245 25.07 17.23 36.75
CA VAL A 245 23.67 16.87 36.91
C VAL A 245 22.92 18.03 37.55
N TYR A 246 21.79 18.39 36.95
CA TYR A 246 20.91 19.44 37.47
C TYR A 246 19.70 18.73 38.08
N TRP A 247 19.60 18.77 39.40
CA TRP A 247 18.65 17.93 40.12
C TRP A 247 17.24 18.49 40.18
N ARG A 248 17.04 19.75 39.85
CA ARG A 248 15.70 20.33 39.90
C ARG A 248 14.71 19.57 39.02
N PRO A 249 14.97 19.32 37.74
CA PRO A 249 13.98 18.60 36.92
C PRO A 249 13.67 17.21 37.43
N VAL A 250 14.65 16.50 37.99
CA VAL A 250 14.42 15.13 38.45
C VAL A 250 13.36 15.13 39.56
N PHE A 251 13.63 15.88 40.63
CA PHE A 251 12.72 15.94 41.75
C PHE A 251 11.37 16.49 41.34
N TRP A 252 11.37 17.54 40.50
CA TRP A 252 10.09 18.12 40.09
C TRP A 252 9.26 17.15 39.27
N GLY A 253 9.88 16.39 38.38
CA GLY A 253 9.13 15.41 37.61
C GLY A 253 8.56 14.31 38.48
N ILE A 254 9.37 13.79 39.40
CA ILE A 254 8.87 12.75 40.30
C ILE A 254 7.73 13.29 41.15
N GLY A 255 7.86 14.52 41.63
CA GLY A 255 6.80 15.11 42.42
C GLY A 255 5.52 15.34 41.64
N LEU A 256 5.64 15.78 40.38
CA LEU A 256 4.47 15.94 39.54
C LEU A 256 3.77 14.62 39.32
N GLN A 257 4.54 13.56 39.08
CA GLN A 257 3.95 12.23 38.94
C GLN A 257 3.22 11.84 40.22
N PHE A 258 3.84 12.07 41.37
CA PHE A 258 3.21 11.70 42.64
C PHE A 258 1.91 12.48 42.85
N LEU A 259 1.92 13.77 42.54
CA LEU A 259 0.71 14.58 42.71
C LEU A 259 -0.40 14.12 41.77
N LEU A 260 -0.06 13.85 40.51
CA LEU A 260 -1.06 13.34 39.57
C LEU A 260 -1.63 12.02 40.07
N GLY A 261 -0.77 11.13 40.56
CA GLY A 261 -1.26 9.86 41.08
C GLY A 261 -2.19 10.05 42.27
N LEU A 262 -1.83 10.95 43.17
CA LEU A 262 -2.69 11.23 44.32
C LEU A 262 -4.04 11.74 43.89
N LEU A 263 -4.05 12.70 42.94
CA LEU A 263 -5.31 13.31 42.54
C LEU A 263 -6.19 12.33 41.77
N ILE A 264 -5.59 11.46 40.94
CA ILE A 264 -6.38 10.60 40.08
C ILE A 264 -6.72 9.25 40.70
N LEU A 265 -5.93 8.78 41.67
CA LEU A 265 -6.12 7.46 42.25
C LEU A 265 -6.68 7.48 43.66
N ARG A 266 -6.39 8.52 44.44
CA ARG A 266 -6.76 8.56 45.85
C ARG A 266 -7.74 9.68 46.17
N THR A 267 -8.47 10.17 45.18
CA THR A 267 -9.49 11.18 45.39
C THR A 267 -10.69 10.86 44.53
N GLU A 268 -11.88 10.98 45.12
CA GLU A 268 -13.11 10.74 44.36
C GLU A 268 -13.25 11.64 43.15
N PRO A 269 -12.96 12.94 43.22
CA PRO A 269 -13.13 13.78 42.02
C PRO A 269 -12.30 13.32 40.83
N GLY A 270 -11.00 13.13 41.00
CA GLY A 270 -10.16 12.71 39.88
C GLY A 270 -10.49 11.31 39.40
N PHE A 271 -10.76 10.40 40.34
CA PHE A 271 -11.17 9.06 39.96
C PHE A 271 -12.40 9.09 39.07
N MET A 272 -13.43 9.83 39.50
CA MET A 272 -14.65 9.94 38.71
C MET A 272 -14.38 10.59 37.35
N ALA A 273 -13.59 11.66 37.35
CA ALA A 273 -13.33 12.38 36.11
C ALA A 273 -12.66 11.46 35.09
N PHE A 274 -11.63 10.73 35.51
CA PHE A 274 -10.91 9.89 34.57
C PHE A 274 -11.70 8.64 34.19
N ASP A 275 -12.51 8.11 35.10
CA ASP A 275 -13.41 7.00 34.71
C ASP A 275 -14.40 7.46 33.65
N TRP A 276 -14.98 8.65 33.84
CA TRP A 276 -15.90 9.20 32.85
C TRP A 276 -15.19 9.41 31.52
N LEU A 277 -13.99 9.97 31.56
CA LEU A 277 -13.21 10.21 30.35
C LEU A 277 -12.93 8.90 29.62
N GLY A 278 -12.56 7.86 30.36
CA GLY A 278 -12.34 6.56 29.74
C GLY A 278 -13.61 6.00 29.12
N LYS A 279 -14.73 6.15 29.81
CA LYS A 279 -15.99 5.64 29.28
C LYS A 279 -16.38 6.34 27.98
N GLN A 280 -16.10 7.64 27.89
CA GLN A 280 -16.44 8.36 26.66
C GLN A 280 -15.65 7.80 25.47
N VAL A 281 -14.38 7.49 25.67
CA VAL A 281 -13.56 6.93 24.59
C VAL A 281 -14.13 5.58 24.15
N GLN A 282 -14.54 4.76 25.10
CA GLN A 282 -15.12 3.46 24.77
C GLN A 282 -16.37 3.62 23.92
N THR A 283 -17.18 4.64 24.20
CA THR A 283 -18.32 4.94 23.35
C THR A 283 -17.88 5.48 22.00
N PHE A 284 -16.82 6.28 21.98
CA PHE A 284 -16.37 6.91 20.74
C PHE A 284 -15.85 5.88 19.75
N LEU A 285 -15.19 4.82 20.23
CA LEU A 285 -14.62 3.85 19.30
C LEU A 285 -15.67 2.95 18.68
N GLY A 286 -16.92 3.02 19.12
CA GLY A 286 -17.98 2.20 18.54
C GLY A 286 -18.56 2.73 17.25
N TYR A 287 -18.20 3.95 16.85
CA TYR A 287 -18.74 4.54 15.64
C TYR A 287 -18.11 3.95 14.38
N SER A 288 -16.88 3.45 14.48
CA SER A 288 -16.21 2.87 13.33
C SER A 288 -16.91 1.60 12.83
N ASP A 289 -17.78 1.01 13.66
CA ASP A 289 -18.46 -0.21 13.26
C ASP A 289 -19.34 0.01 12.04
N ALA A 290 -19.87 1.22 11.86
CA ALA A 290 -20.69 1.50 10.68
C ALA A 290 -19.89 1.34 9.40
N GLY A 291 -18.73 2.00 9.33
CA GLY A 291 -17.89 1.86 8.16
C GLY A 291 -17.37 0.46 7.97
N ALA A 292 -16.97 -0.20 9.07
CA ALA A 292 -16.50 -1.56 8.96
C ALA A 292 -17.59 -2.49 8.43
N SER A 293 -18.82 -2.30 8.89
CA SER A 293 -19.93 -3.13 8.44
C SER A 293 -20.22 -2.90 6.96
N PHE A 294 -20.22 -1.65 6.51
CA PHE A 294 -20.48 -1.42 5.10
C PHE A 294 -19.39 -2.00 4.22
N VAL A 295 -18.13 -1.67 4.53
CA VAL A 295 -17.03 -2.10 3.66
C VAL A 295 -16.86 -3.61 3.72
N PHE A 296 -16.90 -4.19 4.92
CA PHE A 296 -16.61 -5.60 5.11
C PHE A 296 -17.85 -6.43 5.43
N GLY A 297 -19.03 -5.84 5.38
CA GLY A 297 -20.27 -6.58 5.52
C GLY A 297 -20.66 -6.83 6.96
N GLU A 298 -21.85 -7.42 7.11
CA GLU A 298 -22.36 -7.79 8.43
C GLU A 298 -21.60 -8.95 9.04
N LYS A 299 -20.75 -9.62 8.27
CA LYS A 299 -19.90 -10.70 8.76
C LYS A 299 -18.50 -10.22 9.12
N TYR A 300 -18.32 -8.91 9.29
CA TYR A 300 -17.01 -8.37 9.60
C TYR A 300 -16.49 -8.86 10.94
N THR A 301 -17.36 -9.41 11.78
CA THR A 301 -16.93 -9.97 13.06
C THR A 301 -16.34 -11.37 12.92
N ASP A 302 -16.44 -11.99 11.75
CA ASP A 302 -15.77 -13.26 11.53
C ASP A 302 -14.26 -13.09 11.61
N HIS A 303 -13.76 -11.90 11.26
CA HIS A 303 -12.35 -11.55 11.37
C HIS A 303 -12.28 -10.33 12.28
N PHE A 304 -12.22 -10.58 13.59
CA PHE A 304 -12.36 -9.50 14.56
C PHE A 304 -11.25 -8.47 14.40
N PHE A 305 -10.00 -8.89 14.55
CA PHE A 305 -8.89 -7.94 14.52
C PHE A 305 -8.90 -7.12 13.24
N ALA A 306 -8.74 -7.78 12.10
CA ALA A 306 -8.52 -7.06 10.85
C ALA A 306 -9.69 -6.15 10.50
N PHE A 307 -10.91 -6.63 10.63
CA PHE A 307 -12.08 -5.93 10.13
C PHE A 307 -12.85 -5.15 11.20
N LYS A 308 -12.37 -5.12 12.44
CA LYS A 308 -13.02 -4.31 13.47
C LYS A 308 -12.05 -3.46 14.27
N VAL A 309 -10.83 -3.94 14.51
CA VAL A 309 -9.89 -3.20 15.35
C VAL A 309 -9.17 -2.13 14.55
N LEU A 310 -8.62 -2.49 13.40
CA LEU A 310 -7.88 -1.51 12.60
C LEU A 310 -8.74 -0.34 12.16
N PRO A 311 -10.00 -0.51 11.76
CA PRO A 311 -10.86 0.64 11.50
C PRO A 311 -10.92 1.62 12.66
N ILE A 312 -10.78 1.14 13.89
CA ILE A 312 -10.70 2.06 15.03
C ILE A 312 -9.47 2.94 14.91
N VAL A 313 -8.34 2.34 14.51
CA VAL A 313 -7.12 3.12 14.29
C VAL A 313 -7.34 4.16 13.21
N ILE A 314 -8.00 3.76 12.11
CA ILE A 314 -8.26 4.68 11.01
C ILE A 314 -9.09 5.87 11.50
N PHE A 315 -10.19 5.57 12.20
CA PHE A 315 -11.08 6.63 12.66
C PHE A 315 -10.38 7.56 13.65
N PHE A 316 -9.60 7.00 14.57
CA PHE A 316 -8.89 7.84 15.54
C PHE A 316 -7.87 8.73 14.85
N SER A 317 -7.15 8.21 13.85
CA SER A 317 -6.22 9.05 13.11
C SER A 317 -6.95 10.18 12.40
N THR A 318 -8.09 9.87 11.79
CA THR A 318 -8.89 10.91 11.14
C THR A 318 -9.27 12.01 12.15
N VAL A 319 -9.78 11.61 13.31
CA VAL A 319 -10.21 12.59 14.30
C VAL A 319 -9.03 13.41 14.80
N MET A 320 -7.87 12.77 14.98
CA MET A 320 -6.70 13.50 15.45
C MET A 320 -6.26 14.54 14.42
N SER A 321 -6.29 14.18 13.13
CA SER A 321 -5.95 15.15 12.10
C SER A 321 -6.93 16.32 12.10
N MET A 322 -8.23 16.03 12.25
CA MET A 322 -9.22 17.10 12.32
C MET A 322 -8.96 18.03 13.50
N LEU A 323 -8.66 17.45 14.66
CA LEU A 323 -8.38 18.27 15.84
C LEU A 323 -7.14 19.12 15.64
N TYR A 324 -6.11 18.56 15.01
CA TYR A 324 -4.91 19.33 14.73
C TYR A 324 -5.22 20.49 13.79
N TYR A 325 -6.08 20.26 12.80
CA TYR A 325 -6.51 21.35 11.92
C TYR A 325 -7.21 22.44 12.72
N LEU A 326 -8.13 22.06 13.60
CA LEU A 326 -8.87 23.07 14.36
C LEU A 326 -7.96 23.85 15.31
N GLY A 327 -7.05 23.17 15.99
CA GLY A 327 -6.09 23.83 16.86
C GLY A 327 -6.27 23.56 18.34
N LEU A 328 -7.10 22.60 18.73
CA LEU A 328 -7.26 22.28 20.15
C LEU A 328 -6.04 21.54 20.68
N MET A 329 -5.48 20.63 19.87
CA MET A 329 -4.31 19.87 20.28
C MET A 329 -3.18 20.80 20.68
N GLN A 330 -2.91 21.81 19.86
CA GLN A 330 -1.84 22.75 20.16
C GLN A 330 -2.14 23.53 21.43
N TRP A 331 -3.40 23.90 21.62
CA TRP A 331 -3.80 24.61 22.83
C TRP A 331 -3.46 23.80 24.08
N ILE A 332 -3.88 22.54 24.12
CA ILE A 332 -3.60 21.70 25.28
C ILE A 332 -2.11 21.49 25.43
N ILE A 333 -1.41 21.29 24.31
CA ILE A 333 0.03 21.04 24.35
C ILE A 333 0.75 22.23 24.98
N ARG A 334 0.40 23.44 24.57
CA ARG A 334 1.02 24.63 25.14
C ARG A 334 0.69 24.74 26.62
N LYS A 335 -0.56 24.47 27.00
CA LYS A 335 -0.93 24.58 28.40
C LYS A 335 -0.11 23.65 29.28
N VAL A 336 0.08 22.40 28.84
CA VAL A 336 0.85 21.45 29.63
C VAL A 336 2.33 21.79 29.61
N GLY A 337 2.85 22.16 28.44
CA GLY A 337 4.26 22.47 28.32
C GLY A 337 4.68 23.65 29.17
N TRP A 338 3.80 24.64 29.31
CA TRP A 338 4.14 25.78 30.16
C TRP A 338 4.33 25.33 31.61
N VAL A 339 3.46 24.46 32.09
CA VAL A 339 3.59 23.96 33.46
C VAL A 339 4.89 23.20 33.63
N MET A 340 5.16 22.27 32.71
CA MET A 340 6.37 21.46 32.83
C MET A 340 7.62 22.34 32.75
N LEU A 341 7.58 23.38 31.91
CA LEU A 341 8.72 24.27 31.76
C LEU A 341 8.95 25.10 33.02
N VAL A 342 7.87 25.68 33.55
CA VAL A 342 8.01 26.56 34.72
C VAL A 342 8.47 25.76 35.94
N THR A 343 7.85 24.61 36.19
CA THR A 343 8.17 23.87 37.40
C THR A 343 9.54 23.21 37.29
N MET A 344 9.81 22.55 36.16
CA MET A 344 11.00 21.71 36.03
C MET A 344 12.21 22.47 35.49
N GLY A 345 12.00 23.55 34.75
CA GLY A 345 13.11 24.31 34.22
C GLY A 345 13.74 23.72 32.97
N THR A 346 13.02 22.92 32.22
CA THR A 346 13.54 22.34 30.99
C THR A 346 13.46 23.35 29.85
N SER A 347 14.05 22.98 28.71
CA SER A 347 14.04 23.84 27.55
C SER A 347 12.67 23.80 26.86
N PRO A 348 12.27 24.88 26.19
CA PRO A 348 10.95 24.88 25.56
C PRO A 348 10.75 23.77 24.55
N VAL A 349 11.77 23.44 23.76
CA VAL A 349 11.59 22.46 22.69
C VAL A 349 11.24 21.09 23.25
N GLU A 350 12.05 20.63 24.21
CA GLU A 350 11.82 19.31 24.79
C GLU A 350 10.52 19.27 25.58
N SER A 351 10.19 20.35 26.27
CA SER A 351 8.92 20.42 27.00
C SER A 351 7.74 20.29 26.04
N VAL A 352 7.79 21.03 24.93
CA VAL A 352 6.70 20.96 23.95
C VAL A 352 6.59 19.57 23.37
N VAL A 353 7.73 18.96 23.03
CA VAL A 353 7.70 17.63 22.44
C VAL A 353 7.15 16.60 23.44
N ALA A 354 7.56 16.70 24.70
CA ALA A 354 7.06 15.78 25.71
C ALA A 354 5.56 15.94 25.91
N SER A 355 5.08 17.18 25.96
CA SER A 355 3.64 17.40 26.10
C SER A 355 2.87 16.91 24.89
N GLY A 356 3.46 17.03 23.69
CA GLY A 356 2.78 16.57 22.49
C GLY A 356 2.81 15.08 22.27
N ASN A 357 3.80 14.39 22.85
CA ASN A 357 3.90 12.94 22.68
C ASN A 357 2.86 12.20 23.51
N ILE A 358 2.15 12.90 24.40
CA ILE A 358 1.02 12.28 25.08
C ILE A 358 -0.03 11.85 24.07
N PHE A 359 -0.25 12.68 23.03
CA PHE A 359 -1.29 12.43 22.05
C PHE A 359 -0.76 11.92 20.71
N ILE A 360 0.52 12.14 20.42
CA ILE A 360 1.07 11.89 19.10
C ILE A 360 2.20 10.88 19.20
N GLY A 361 2.45 10.20 18.09
CA GLY A 361 3.49 9.20 18.04
C GLY A 361 4.89 9.80 18.08
N GLN A 362 5.87 8.91 18.29
CA GLN A 362 7.25 9.34 18.38
C GLN A 362 7.76 9.89 17.06
N THR A 363 7.29 9.34 15.93
CA THR A 363 7.77 9.79 14.63
C THR A 363 7.17 11.14 14.23
N GLU A 364 5.89 11.36 14.57
CA GLU A 364 5.19 12.58 14.14
C GLU A 364 5.27 13.71 15.15
N SER A 365 5.78 13.47 16.34
CA SER A 365 5.80 14.51 17.37
C SER A 365 6.90 15.53 17.10
N PRO A 366 8.08 15.12 16.61
CA PRO A 366 9.11 16.12 16.29
C PRO A 366 8.69 17.09 15.20
N LEU A 367 7.69 16.75 14.39
CA LEU A 367 7.22 17.68 13.37
C LEU A 367 6.66 18.96 13.98
N LEU A 368 6.31 18.94 15.27
CA LEU A 368 5.85 20.15 15.93
C LEU A 368 6.92 21.24 15.91
N VAL A 369 8.18 20.83 15.95
CA VAL A 369 9.32 21.75 15.86
C VAL A 369 10.24 21.18 14.79
N ARG A 370 9.88 21.40 13.53
CA ARG A 370 10.69 20.88 12.43
C ARG A 370 11.87 21.81 12.16
N PRO A 371 11.63 23.12 12.04
CA PRO A 371 12.72 24.02 11.63
C PRO A 371 13.89 24.04 12.60
N TYR A 372 13.64 23.87 13.90
CA TYR A 372 14.66 24.09 14.91
C TYR A 372 15.44 22.84 15.27
N LEU A 373 15.16 21.72 14.62
CA LEU A 373 15.90 20.48 14.93
C LEU A 373 17.39 20.61 14.70
N PRO A 374 17.87 21.20 13.59
CA PRO A 374 19.33 21.29 13.39
C PRO A 374 20.05 22.08 14.47
N TYR A 375 19.34 22.92 15.22
CA TYR A 375 19.96 23.82 16.19
C TYR A 375 19.77 23.36 17.63
N VAL A 376 19.21 22.17 17.85
CA VAL A 376 19.06 21.67 19.20
C VAL A 376 20.38 21.04 19.67
N THR A 377 20.50 20.90 20.99
CA THR A 377 21.66 20.25 21.58
C THR A 377 21.48 18.73 21.57
N LYS A 378 22.54 18.04 21.98
CA LYS A 378 22.46 16.59 22.12
C LYS A 378 21.47 16.19 23.20
N SER A 379 21.47 16.90 24.32
CA SER A 379 20.57 16.56 25.42
C SER A 379 19.11 16.70 25.01
N GLU A 380 18.77 17.78 24.30
CA GLU A 380 17.39 17.96 23.85
C GLU A 380 16.98 16.88 22.86
N LEU A 381 17.87 16.49 21.96
CA LEU A 381 17.58 15.41 21.03
C LEU A 381 17.35 14.10 21.77
N HIS A 382 18.19 13.82 22.77
CA HIS A 382 18.01 12.62 23.58
C HIS A 382 16.67 12.65 24.31
N ALA A 383 16.31 13.80 24.86
CA ALA A 383 15.02 13.94 25.54
C ALA A 383 13.87 13.71 24.57
N ILE A 384 14.00 14.21 23.35
CA ILE A 384 12.96 14.01 22.35
C ILE A 384 12.77 12.52 22.10
N MET A 385 13.86 11.80 21.86
CA MET A 385 13.76 10.38 21.59
C MET A 385 13.20 9.62 22.79
N THR A 386 13.65 9.99 24.00
CA THR A 386 13.16 9.34 25.21
C THR A 386 11.66 9.55 25.38
N ALA A 387 11.18 10.77 25.18
CA ALA A 387 9.75 11.04 25.26
C ALA A 387 8.99 10.25 24.22
N GLY A 388 9.57 10.10 23.03
CA GLY A 388 8.93 9.27 22.02
C GLY A 388 8.82 7.82 22.44
N PHE A 389 9.83 7.32 23.15
CA PHE A 389 9.87 5.91 23.53
C PHE A 389 9.05 5.60 24.78
N SER A 390 8.67 6.62 25.56
CA SER A 390 8.01 6.40 26.84
C SER A 390 6.50 6.62 26.78
N THR A 391 5.94 6.85 25.59
CA THR A 391 4.53 7.14 25.46
C THR A 391 3.97 6.37 24.27
N ILE A 392 2.64 6.38 24.16
CA ILE A 392 1.94 5.78 23.04
C ILE A 392 1.23 6.87 22.27
N ALA A 393 0.54 6.51 21.20
CA ALA A 393 -0.23 7.43 20.40
C ALA A 393 -1.72 7.28 20.69
N GLY A 394 -2.49 8.29 20.29
CA GLY A 394 -3.93 8.23 20.46
C GLY A 394 -4.64 7.34 19.46
N SER A 395 -3.97 6.99 18.36
CA SER A 395 -4.58 6.13 17.36
C SER A 395 -4.68 4.69 17.87
N VAL A 396 -3.62 4.20 18.53
CA VAL A 396 -3.60 2.82 19.00
C VAL A 396 -4.30 2.64 20.35
N LEU A 397 -4.76 3.73 20.97
CA LEU A 397 -5.45 3.63 22.24
C LEU A 397 -6.72 2.80 22.11
N GLY A 398 -7.49 3.02 21.04
CA GLY A 398 -8.74 2.31 20.88
C GLY A 398 -8.56 0.81 20.76
N ALA A 399 -7.49 0.37 20.10
CA ALA A 399 -7.23 -1.06 19.98
C ALA A 399 -6.96 -1.67 21.35
N TYR A 400 -6.12 -1.01 22.15
CA TYR A 400 -5.83 -1.52 23.49
C TYR A 400 -7.09 -1.58 24.34
N ILE A 401 -7.96 -0.57 24.20
CA ILE A 401 -9.21 -0.60 24.96
C ILE A 401 -10.12 -1.72 24.46
N SER A 402 -10.15 -1.95 23.14
CA SER A 402 -10.96 -3.03 22.60
C SER A 402 -10.51 -4.38 23.12
N PHE A 403 -9.19 -4.58 23.24
CA PHE A 403 -8.69 -5.82 23.82
C PHE A 403 -9.30 -6.07 25.20
N GLY A 404 -9.44 -5.01 25.99
CA GLY A 404 -10.00 -5.13 27.32
C GLY A 404 -9.18 -4.41 28.38
N VAL A 405 -8.13 -3.72 27.94
CA VAL A 405 -7.27 -3.00 28.88
C VAL A 405 -7.99 -1.75 29.37
N SER A 406 -7.76 -1.42 30.64
CA SER A 406 -8.46 -0.29 31.25
C SER A 406 -8.12 1.02 30.55
N SER A 407 -9.14 1.81 30.26
CA SER A 407 -8.94 3.11 29.64
C SER A 407 -8.39 4.14 30.61
N SER A 408 -8.93 4.17 31.83
CA SER A 408 -8.50 5.16 32.81
C SER A 408 -7.01 5.00 33.12
N HIS A 409 -6.55 3.76 33.31
CA HIS A 409 -5.15 3.52 33.59
C HIS A 409 -4.27 3.92 32.41
N LEU A 410 -4.74 3.65 31.18
CA LEU A 410 -3.97 4.04 30.01
C LEU A 410 -3.81 5.55 29.92
N LEU A 411 -4.91 6.29 30.13
CA LEU A 411 -4.83 7.75 30.10
C LEU A 411 -3.92 8.25 31.20
N THR A 412 -4.05 7.70 32.41
CA THR A 412 -3.23 8.14 33.53
C THR A 412 -1.74 7.90 33.24
N ALA A 413 -1.41 6.73 32.69
CA ALA A 413 -0.03 6.42 32.36
C ALA A 413 0.50 7.36 31.28
N SER A 414 -0.31 7.62 30.25
CA SER A 414 0.12 8.53 29.19
C SER A 414 0.41 9.91 29.74
N VAL A 415 -0.43 10.38 30.66
CA VAL A 415 -0.20 11.69 31.27
C VAL A 415 1.05 11.68 32.13
N MET A 416 1.25 10.63 32.92
CA MET A 416 2.37 10.57 33.85
C MET A 416 3.70 10.29 33.16
N SER A 417 3.69 9.83 31.91
CA SER A 417 4.93 9.40 31.27
C SER A 417 5.81 10.56 30.83
N ALA A 418 5.28 11.77 30.75
CA ALA A 418 6.05 12.88 30.22
C ALA A 418 7.03 13.44 31.25
N PRO A 419 6.58 13.81 32.46
CA PRO A 419 7.54 14.25 33.47
C PRO A 419 8.61 13.22 33.76
N ALA A 420 8.23 11.94 33.82
CA ALA A 420 9.20 10.89 34.04
C ALA A 420 10.21 10.83 32.89
N ALA A 421 9.74 10.94 31.66
CA ALA A 421 10.63 10.93 30.51
C ALA A 421 11.64 12.05 30.61
N LEU A 422 11.18 13.27 30.88
CA LEU A 422 12.09 14.41 30.96
C LEU A 422 13.09 14.25 32.10
N ALA A 423 12.62 13.83 33.28
CA ALA A 423 13.51 13.66 34.42
C ALA A 423 14.57 12.61 34.14
N ILE A 424 14.16 11.45 33.62
CA ILE A 424 15.11 10.39 33.34
C ILE A 424 16.09 10.81 32.26
N SER A 425 15.63 11.56 31.27
CA SER A 425 16.53 12.03 30.23
C SER A 425 17.56 13.00 30.80
N LYS A 426 17.13 13.94 31.64
CA LYS A 426 18.06 14.91 32.21
C LYS A 426 19.08 14.22 33.11
N LEU A 427 18.65 13.18 33.84
CA LEU A 427 19.59 12.48 34.71
C LEU A 427 20.55 11.59 33.90
N PHE A 428 20.02 10.90 32.89
CA PHE A 428 20.83 10.01 32.06
C PHE A 428 21.79 10.80 31.19
N TRP A 429 21.30 11.87 30.56
CA TRP A 429 22.10 12.69 29.66
C TRP A 429 21.84 14.16 29.97
N PRO A 430 22.55 14.71 30.96
CA PRO A 430 22.31 16.11 31.34
C PRO A 430 22.85 17.07 30.30
N GLU A 431 22.54 18.35 30.50
CA GLU A 431 22.87 19.39 29.55
C GLU A 431 24.23 19.99 29.88
N THR A 432 25.09 20.09 28.87
CA THR A 432 26.42 20.69 29.01
C THR A 432 26.67 21.76 27.96
N GLU A 433 25.62 22.28 27.33
CA GLU A 433 25.74 23.29 26.30
C GLU A 433 24.75 24.42 26.59
N THR A 434 24.66 25.37 25.66
CA THR A 434 23.75 26.50 25.78
C THR A 434 22.61 26.35 24.78
N PRO A 435 21.37 26.22 25.22
CA PRO A 435 20.26 26.13 24.26
C PRO A 435 20.10 27.42 23.48
N LYS A 436 19.68 27.27 22.22
CA LYS A 436 19.49 28.39 21.31
C LYS A 436 18.03 28.77 21.10
N ILE A 437 17.14 27.79 21.03
CA ILE A 437 15.74 28.08 20.71
C ILE A 437 15.07 28.74 21.90
N ASN A 438 14.11 29.62 21.60
CA ASN A 438 13.39 30.39 22.61
C ASN A 438 11.93 29.95 22.65
N LEU A 439 11.20 30.50 23.63
CA LEU A 439 9.85 30.03 23.92
C LEU A 439 8.89 30.33 22.78
N LYS A 440 8.95 31.56 22.24
CA LYS A 440 8.01 31.94 21.19
C LYS A 440 8.18 31.05 19.96
N ASN A 441 9.42 30.77 19.58
CA ASN A 441 9.68 29.93 18.42
C ASN A 441 9.18 28.50 18.67
N ALA A 442 9.41 27.97 19.86
CA ALA A 442 9.01 26.59 20.14
C ALA A 442 7.49 26.44 20.19
N MET A 443 6.80 27.38 20.84
CA MET A 443 5.36 27.24 21.02
C MET A 443 4.61 27.33 19.70
N LYS A 444 5.06 28.17 18.78
CA LYS A 444 4.40 28.26 17.48
C LYS A 444 4.55 26.93 16.75
N MET A 445 3.43 26.33 16.38
CA MET A 445 3.40 25.05 15.69
C MET A 445 2.66 25.21 14.39
N GLU A 446 3.32 24.89 13.28
CA GLU A 446 2.77 25.12 11.94
C GLU A 446 1.74 24.05 11.63
N SER A 447 0.48 24.45 11.47
CA SER A 447 -0.56 23.52 11.08
C SER A 447 -0.34 23.05 9.65
N GLY A 448 -1.01 21.96 9.29
CA GLY A 448 -0.80 21.33 8.01
C GLY A 448 -1.39 22.11 6.85
N ASP A 449 -1.15 21.60 5.65
CA ASP A 449 -1.65 22.22 4.43
C ASP A 449 -3.03 21.65 4.09
N SER A 450 -4.00 22.02 4.92
CA SER A 450 -5.38 21.60 4.76
C SER A 450 -6.26 22.83 4.63
N ARG A 451 -7.01 22.91 3.53
CA ARG A 451 -7.87 24.05 3.30
C ARG A 451 -9.15 24.01 4.13
N ASN A 452 -9.68 22.82 4.41
CA ASN A 452 -10.91 22.70 5.17
C ASN A 452 -10.87 21.42 5.99
N LEU A 453 -11.91 21.27 6.82
CA LEU A 453 -11.97 20.15 7.77
C LEU A 453 -12.02 18.82 7.05
N LEU A 454 -12.79 18.73 5.97
CA LEU A 454 -12.95 17.46 5.28
C LEU A 454 -11.66 17.03 4.58
N GLU A 455 -10.91 18.00 4.05
CA GLU A 455 -9.60 17.67 3.50
C GLU A 455 -8.67 17.13 4.57
N ALA A 456 -8.73 17.71 5.77
CA ALA A 456 -7.95 17.20 6.88
C ALA A 456 -8.35 15.78 7.23
N ALA A 457 -9.66 15.48 7.21
CA ALA A 457 -10.12 14.13 7.47
C ALA A 457 -9.58 13.15 6.43
N THR A 458 -9.63 13.54 5.15
CA THR A 458 -9.11 12.66 4.10
C THR A 458 -7.61 12.43 4.27
N GLN A 459 -6.86 13.49 4.58
CA GLN A 459 -5.42 13.34 4.79
C GLN A 459 -5.13 12.41 5.96
N GLY A 460 -5.87 12.56 7.06
CA GLY A 460 -5.68 11.67 8.19
C GLY A 460 -6.01 10.23 7.85
N ALA A 461 -7.08 10.02 7.09
CA ALA A 461 -7.45 8.67 6.69
C ALA A 461 -6.40 8.02 5.81
N SER A 462 -5.89 8.76 4.83
CA SER A 462 -4.91 8.18 3.90
C SER A 462 -3.64 7.75 4.63
N SER A 463 -3.17 8.56 5.57
CA SER A 463 -1.94 8.25 6.27
C SER A 463 -2.04 6.97 7.08
N SER A 464 -3.25 6.55 7.43
CA SER A 464 -3.44 5.39 8.29
C SER A 464 -3.26 4.06 7.55
N ILE A 465 -3.13 4.09 6.23
CA ILE A 465 -3.00 2.85 5.46
C ILE A 465 -1.69 2.13 5.83
N SER A 466 -0.58 2.87 5.78
CA SER A 466 0.71 2.28 6.08
C SER A 466 0.78 1.79 7.52
N LEU A 467 0.19 2.56 8.44
CA LEU A 467 0.19 2.18 9.85
C LEU A 467 -0.41 0.80 10.05
N VAL A 468 -1.63 0.60 9.56
CA VAL A 468 -2.33 -0.67 9.77
C VAL A 468 -1.64 -1.79 8.99
N ALA A 469 -1.18 -1.50 7.78
CA ALA A 469 -0.49 -2.53 7.01
C ALA A 469 0.74 -3.04 7.74
N ASN A 470 1.59 -2.13 8.21
CA ASN A 470 2.78 -2.53 8.95
C ASN A 470 2.42 -3.23 10.24
N ILE A 471 1.38 -2.76 10.95
CA ILE A 471 0.97 -3.43 12.17
C ILE A 471 0.64 -4.89 11.88
N ALA A 472 -0.18 -5.12 10.86
CA ALA A 472 -0.61 -6.49 10.56
C ALA A 472 0.56 -7.37 10.15
N VAL A 473 1.41 -6.88 9.25
CA VAL A 473 2.51 -7.69 8.76
C VAL A 473 3.50 -8.01 9.88
N ASN A 474 3.84 -7.00 10.69
CA ASN A 474 4.77 -7.23 11.78
C ASN A 474 4.19 -8.21 12.80
N LEU A 475 2.89 -8.12 13.07
CA LEU A 475 2.28 -9.10 13.96
C LEU A 475 2.39 -10.51 13.40
N ILE A 476 2.10 -10.67 12.12
CA ILE A 476 2.20 -12.00 11.51
C ILE A 476 3.61 -12.54 11.67
N ALA A 477 4.61 -11.74 11.29
CA ALA A 477 5.99 -12.21 11.33
C ALA A 477 6.43 -12.52 12.75
N PHE A 478 6.10 -11.63 13.71
CA PHE A 478 6.53 -11.84 15.08
C PHE A 478 5.91 -13.09 15.68
N LEU A 479 4.62 -13.33 15.45
CA LEU A 479 4.01 -14.52 16.02
C LEU A 479 4.53 -15.80 15.37
N ALA A 480 4.78 -15.76 14.06
CA ALA A 480 5.40 -16.92 13.42
C ALA A 480 6.78 -17.21 13.99
N LEU A 481 7.59 -16.16 14.18
CA LEU A 481 8.91 -16.35 14.78
C LEU A 481 8.81 -16.88 16.20
N LEU A 482 7.83 -16.39 16.97
CA LEU A 482 7.64 -16.89 18.32
C LEU A 482 7.32 -18.38 18.31
N SER A 483 6.43 -18.81 17.42
CA SER A 483 6.10 -20.23 17.33
C SER A 483 7.33 -21.05 16.96
N PHE A 484 8.10 -20.59 15.98
CA PHE A 484 9.29 -21.32 15.57
C PHE A 484 10.30 -21.41 16.71
N MET A 485 10.52 -20.31 17.41
CA MET A 485 11.47 -20.28 18.51
C MET A 485 11.05 -21.25 19.61
N ASN A 486 9.75 -21.24 19.96
CA ASN A 486 9.28 -22.14 21.01
C ASN A 486 9.43 -23.59 20.59
N SER A 487 9.12 -23.92 19.34
CA SER A 487 9.28 -25.30 18.88
C SER A 487 10.74 -25.72 18.94
N ALA A 488 11.65 -24.84 18.49
CA ALA A 488 13.08 -25.16 18.52
C ALA A 488 13.57 -25.35 19.95
N LEU A 489 13.13 -24.48 20.87
CA LEU A 489 13.55 -24.61 22.26
C LEU A 489 13.03 -25.91 22.88
N SER A 490 11.79 -26.29 22.56
CA SER A 490 11.28 -27.57 23.04
C SER A 490 12.10 -28.73 22.47
N TRP A 491 12.49 -28.63 21.20
CA TRP A 491 13.34 -29.65 20.60
C TRP A 491 14.67 -29.75 21.32
N LEU A 492 15.27 -28.60 21.64
CA LEU A 492 16.54 -28.60 22.38
C LEU A 492 16.34 -29.06 23.82
N GLY A 493 15.21 -28.71 24.42
CA GLY A 493 14.96 -29.05 25.81
C GLY A 493 14.68 -30.52 26.04
N ASN A 494 14.25 -31.24 25.01
CA ASN A 494 13.97 -32.66 25.19
C ASN A 494 15.23 -33.48 25.41
N MET A 495 16.39 -32.95 25.02
CA MET A 495 17.64 -33.68 25.27
C MET A 495 17.85 -33.91 26.76
N PHE A 496 17.55 -32.91 27.57
CA PHE A 496 17.69 -33.00 29.01
C PHE A 496 16.37 -33.39 29.70
N ASP A 497 15.46 -34.02 28.97
CA ASP A 497 14.17 -34.46 29.50
C ASP A 497 13.37 -33.30 30.06
N TYR A 498 13.53 -32.11 29.47
CA TYR A 498 12.78 -30.91 29.84
C TYR A 498 12.21 -30.30 28.57
N PRO A 499 11.12 -30.87 28.05
CA PRO A 499 10.53 -30.34 26.80
C PRO A 499 9.68 -29.11 26.99
N GLN A 500 9.55 -28.59 28.21
CA GLN A 500 8.72 -27.42 28.47
C GLN A 500 9.48 -26.11 28.32
N LEU A 501 10.76 -26.16 27.96
CA LEU A 501 11.53 -24.94 27.77
C LEU A 501 10.90 -24.07 26.69
N SER A 502 10.88 -22.77 26.92
CA SER A 502 10.24 -21.85 25.99
C SER A 502 10.75 -20.44 26.24
N PHE A 503 10.38 -19.55 25.31
CA PHE A 503 10.69 -18.13 25.45
C PHE A 503 10.07 -17.57 26.73
N GLU A 504 8.83 -17.97 27.03
CA GLU A 504 8.13 -17.43 28.19
C GLU A 504 8.84 -17.80 29.49
N VAL A 505 9.31 -19.04 29.61
CA VAL A 505 10.00 -19.46 30.83
C VAL A 505 11.26 -18.64 31.05
N ILE A 506 12.06 -18.49 30.00
CA ILE A 506 13.31 -17.75 30.10
C ILE A 506 13.03 -16.31 30.50
N CYS A 507 12.05 -15.68 29.84
CA CYS A 507 11.75 -14.30 30.17
C CYS A 507 11.18 -14.16 31.58
N SER A 508 10.40 -15.13 32.04
CA SER A 508 9.87 -15.09 33.39
C SER A 508 11.00 -15.14 34.42
N TYR A 509 12.01 -15.97 34.16
CA TYR A 509 13.13 -16.07 35.10
C TYR A 509 14.17 -14.99 34.90
N VAL A 510 14.08 -14.18 33.84
CA VAL A 510 15.06 -13.14 33.56
C VAL A 510 14.57 -11.77 34.03
N PHE A 511 13.36 -11.37 33.65
CA PHE A 511 12.83 -10.06 33.97
C PHE A 511 12.15 -10.00 35.33
N MET A 512 12.28 -11.05 36.14
CA MET A 512 11.59 -11.07 37.43
C MET A 512 12.03 -9.94 38.35
N PRO A 513 13.32 -9.63 38.50
CA PRO A 513 13.70 -8.55 39.44
C PRO A 513 13.08 -7.21 39.10
N PHE A 514 12.95 -6.88 37.81
CA PHE A 514 12.37 -5.59 37.44
C PHE A 514 10.92 -5.50 37.87
N ALA A 515 10.18 -6.60 37.79
CA ALA A 515 8.79 -6.60 38.22
C ALA A 515 8.67 -6.64 39.74
N PHE A 516 9.60 -7.31 40.42
CA PHE A 516 9.56 -7.36 41.87
C PHE A 516 9.79 -5.98 42.48
N MET A 517 10.72 -5.22 41.91
CA MET A 517 10.99 -3.87 42.40
C MET A 517 9.78 -2.95 42.19
N MET A 518 8.97 -3.23 41.17
CA MET A 518 7.78 -2.41 40.94
C MET A 518 6.67 -2.68 41.95
N GLY A 519 6.83 -3.66 42.83
CA GLY A 519 5.85 -3.95 43.85
C GLY A 519 4.94 -5.13 43.56
N VAL A 520 5.17 -5.86 42.48
CA VAL A 520 4.38 -7.05 42.20
C VAL A 520 4.81 -8.15 43.15
N ASP A 521 3.84 -8.86 43.71
CA ASP A 521 4.14 -9.91 44.67
C ASP A 521 4.98 -11.00 44.00
N TRP A 522 5.47 -11.92 44.83
CA TRP A 522 6.42 -12.92 44.35
C TRP A 522 5.81 -13.78 43.25
N GLN A 523 4.56 -14.23 43.44
CA GLN A 523 3.96 -15.15 42.49
C GLN A 523 3.70 -14.49 41.14
N ASP A 524 3.16 -13.27 41.14
CA ASP A 524 2.78 -12.62 39.89
C ASP A 524 3.95 -11.95 39.18
N SER A 525 5.11 -11.84 39.83
CA SER A 525 6.25 -11.23 39.18
C SER A 525 6.70 -12.06 37.98
N PHE A 526 6.67 -13.38 38.12
CA PHE A 526 7.05 -14.25 37.00
C PHE A 526 6.09 -14.10 35.83
N MET A 527 4.82 -13.80 36.10
CA MET A 527 3.87 -13.60 35.02
C MET A 527 4.03 -12.23 34.36
N VAL A 528 4.32 -11.20 35.16
CA VAL A 528 4.54 -9.88 34.58
C VAL A 528 5.83 -9.86 33.76
N ALA A 529 6.81 -10.67 34.13
CA ALA A 529 8.06 -10.72 33.40
C ALA A 529 7.85 -11.19 31.96
N LYS A 530 6.91 -12.10 31.74
CA LYS A 530 6.63 -12.55 30.38
C LYS A 530 6.09 -11.41 29.53
N LEU A 531 5.20 -10.59 30.10
CA LEU A 531 4.69 -9.43 29.38
C LEU A 531 5.82 -8.44 29.10
N ILE A 532 6.70 -8.24 30.07
CA ILE A 532 7.84 -7.35 29.86
C ILE A 532 8.69 -7.85 28.69
N GLY A 533 8.91 -9.17 28.61
CA GLY A 533 9.67 -9.71 27.51
C GLY A 533 8.98 -9.52 26.17
N TYR A 534 7.68 -9.84 26.12
CA TYR A 534 6.91 -9.62 24.90
C TYR A 534 7.05 -8.18 24.41
N LYS A 535 6.96 -7.22 25.33
CA LYS A 535 7.07 -5.82 24.93
C LYS A 535 8.49 -5.46 24.53
N THR A 536 9.48 -5.91 25.29
CA THR A 536 10.86 -5.55 25.01
C THR A 536 11.30 -6.03 23.63
N PHE A 537 10.88 -7.24 23.25
CA PHE A 537 11.37 -7.81 22.00
C PHE A 537 10.43 -7.57 20.84
N PHE A 538 9.18 -8.01 20.96
CA PHE A 538 8.29 -7.88 19.83
C PHE A 538 7.66 -6.50 19.74
N ASN A 539 6.74 -6.19 20.65
CA ASN A 539 6.08 -4.89 20.68
C ASN A 539 5.02 -4.93 21.77
N GLU A 540 4.34 -3.79 21.95
CA GLU A 540 3.30 -3.68 22.96
C GLU A 540 1.93 -4.14 22.47
N PHE A 541 1.74 -4.37 21.17
CA PHE A 541 0.48 -4.92 20.69
C PHE A 541 0.30 -6.36 21.14
N VAL A 542 1.40 -7.06 21.39
CA VAL A 542 1.38 -8.44 21.84
C VAL A 542 1.20 -8.53 23.35
N ALA A 543 1.91 -7.67 24.08
CA ALA A 543 1.87 -7.71 25.55
C ALA A 543 0.48 -7.35 26.06
N TYR A 544 -0.12 -6.31 25.51
CA TYR A 544 -1.49 -5.95 25.89
C TYR A 544 -2.48 -7.03 25.48
N GLN A 545 -2.23 -7.68 24.35
CA GLN A 545 -3.10 -8.78 23.92
C GLN A 545 -3.09 -9.92 24.93
N GLN A 546 -1.92 -10.28 25.45
CA GLN A 546 -1.85 -11.33 26.46
C GLN A 546 -2.43 -10.86 27.80
N LEU A 547 -2.21 -9.59 28.15
CA LEU A 547 -2.77 -9.05 29.38
C LEU A 547 -4.29 -9.10 29.33
N SER A 548 -4.88 -8.84 28.17
CA SER A 548 -6.33 -8.92 28.03
C SER A 548 -6.83 -10.33 28.29
N LYS A 549 -6.09 -11.34 27.83
CA LYS A 549 -6.46 -12.71 28.13
C LYS A 549 -6.43 -12.98 29.62
N LEU A 550 -5.38 -12.51 30.29
CA LEU A 550 -5.29 -12.73 31.74
C LEU A 550 -6.47 -12.06 32.46
N ILE A 551 -6.80 -10.83 32.06
CA ILE A 551 -7.91 -10.11 32.67
C ILE A 551 -9.22 -10.84 32.43
N SER A 552 -9.44 -11.35 31.21
CA SER A 552 -10.67 -12.07 30.91
C SER A 552 -10.76 -13.34 31.72
N LEU A 553 -9.64 -14.04 31.90
CA LEU A 553 -9.66 -15.25 32.72
C LEU A 553 -10.04 -14.92 34.15
N ARG A 554 -9.51 -13.83 34.70
CA ARG A 554 -9.91 -13.45 36.05
C ARG A 554 -11.40 -13.12 36.12
N GLN A 555 -11.90 -12.38 35.12
CA GLN A 555 -13.30 -11.99 35.13
C GLN A 555 -14.22 -13.19 35.04
N VAL A 556 -13.82 -14.23 34.28
CA VAL A 556 -14.63 -15.43 34.16
C VAL A 556 -14.81 -16.09 35.53
N GLY A 557 -13.74 -16.14 36.32
CA GLY A 557 -13.83 -16.67 37.67
C GLY A 557 -13.48 -18.12 37.83
N GLY A 558 -12.78 -18.71 36.87
CA GLY A 558 -12.40 -20.10 36.97
C GLY A 558 -11.29 -20.32 37.98
N PRO A 559 -10.80 -21.54 38.09
CA PRO A 559 -9.75 -21.84 39.07
C PRO A 559 -8.50 -21.01 38.80
N LYS A 560 -7.94 -20.43 39.86
CA LYS A 560 -6.72 -19.64 39.72
C LYS A 560 -5.54 -20.53 39.34
N PHE A 561 -5.52 -21.76 39.86
CA PHE A 561 -4.46 -22.73 39.57
C PHE A 561 -5.08 -23.99 39.00
N VAL A 562 -4.56 -24.45 37.86
CA VAL A 562 -4.92 -25.75 37.29
C VAL A 562 -3.63 -26.52 37.04
N ASP A 563 -3.51 -27.69 37.65
CA ASP A 563 -2.30 -28.53 37.52
C ASP A 563 -1.06 -27.78 37.97
N GLY A 564 -1.20 -26.92 38.98
CA GLY A 564 -0.07 -26.16 39.48
C GLY A 564 0.42 -25.08 38.54
N VAL A 565 -0.43 -24.60 37.64
CA VAL A 565 -0.09 -23.52 36.72
C VAL A 565 -1.02 -22.36 37.01
N GLN A 566 -0.45 -21.21 37.32
CA GLN A 566 -1.26 -20.03 37.60
C GLN A 566 -1.91 -19.55 36.31
N GLN A 567 -3.23 -19.32 36.36
CA GLN A 567 -3.99 -18.93 35.18
C GLN A 567 -4.21 -17.43 35.08
N TYR A 568 -4.30 -16.73 36.21
CA TYR A 568 -4.45 -15.29 36.20
C TYR A 568 -3.88 -14.73 37.49
N MET A 569 -3.79 -13.40 37.56
CA MET A 569 -3.19 -12.70 38.68
C MET A 569 -4.19 -11.67 39.20
N SER A 570 -3.73 -10.85 40.15
CA SER A 570 -4.59 -9.94 40.87
C SER A 570 -4.86 -8.66 40.08
N MET A 571 -5.75 -7.83 40.64
CA MET A 571 -6.09 -6.55 40.02
C MET A 571 -4.92 -5.58 40.08
N ARG A 572 -4.24 -5.51 41.22
CA ARG A 572 -3.13 -4.57 41.38
C ARG A 572 -2.01 -4.88 40.41
N SER A 573 -1.70 -6.15 40.23
CA SER A 573 -0.67 -6.53 39.27
C SER A 573 -1.07 -6.15 37.86
N GLU A 574 -2.35 -6.30 37.52
CA GLU A 574 -2.81 -5.90 36.20
C GLU A 574 -2.66 -4.40 35.98
N ALA A 575 -2.99 -3.59 36.99
CA ALA A 575 -2.79 -2.15 36.87
C ALA A 575 -1.30 -1.81 36.71
N ILE A 576 -0.45 -2.44 37.52
CA ILE A 576 0.98 -2.14 37.46
C ILE A 576 1.53 -2.50 36.08
N SER A 577 1.08 -3.63 35.54
CA SER A 577 1.48 -4.02 34.19
C SER A 577 0.95 -3.05 33.14
N THR A 578 -0.25 -2.51 33.35
CA THR A 578 -0.78 -1.52 32.42
C THR A 578 0.12 -0.29 32.37
N TYR A 579 0.56 0.16 33.53
CA TYR A 579 1.45 1.32 33.58
C TYR A 579 2.82 0.99 32.98
N ALA A 580 3.34 -0.21 33.26
CA ALA A 580 4.68 -0.57 32.81
C ALA A 580 4.77 -0.69 31.30
N LEU A 581 3.74 -1.23 30.66
CA LEU A 581 3.78 -1.59 29.25
C LEU A 581 3.44 -0.44 28.32
N CYS A 582 3.04 0.72 28.84
CA CYS A 582 2.59 1.83 28.00
C CYS A 582 3.81 2.56 27.43
N GLY A 583 4.28 2.07 26.29
CA GLY A 583 5.42 2.67 25.63
C GLY A 583 5.63 2.07 24.27
N PHE A 584 6.50 2.72 23.48
CA PHE A 584 6.88 2.27 22.16
C PHE A 584 8.34 1.82 22.10
N ALA A 585 8.91 1.45 23.25
CA ALA A 585 10.32 1.11 23.34
C ALA A 585 10.52 -0.37 23.01
N ASN A 586 10.90 -0.65 21.77
CA ASN A 586 11.31 -1.99 21.36
C ASN A 586 12.53 -1.85 20.46
N PHE A 587 13.31 -2.93 20.40
CA PHE A 587 14.54 -2.93 19.60
C PHE A 587 14.25 -2.64 18.13
N GLY A 588 13.08 -3.03 17.63
CA GLY A 588 12.75 -2.76 16.24
C GLY A 588 12.56 -1.28 15.94
N SER A 589 11.95 -0.55 16.88
CA SER A 589 11.62 0.85 16.65
C SER A 589 12.84 1.75 16.57
N LEU A 590 14.01 1.26 16.98
CA LEU A 590 15.22 2.06 16.95
C LEU A 590 15.53 2.52 15.53
N GLY A 591 15.47 1.60 14.58
CA GLY A 591 15.82 1.93 13.21
C GLY A 591 14.86 2.92 12.58
N ILE A 592 13.55 2.72 12.78
CA ILE A 592 12.58 3.62 12.17
C ILE A 592 12.65 5.00 12.80
N VAL A 593 12.89 5.06 14.11
CA VAL A 593 13.05 6.35 14.78
C VAL A 593 14.25 7.09 14.22
N ILE A 594 15.39 6.40 14.11
CA ILE A 594 16.59 7.03 13.60
C ILE A 594 16.37 7.50 12.16
N GLY A 595 15.76 6.66 11.34
CA GLY A 595 15.53 7.04 9.96
C GLY A 595 14.66 8.28 9.83
N GLY A 596 13.55 8.31 10.58
CA GLY A 596 12.68 9.47 10.52
C GLY A 596 13.36 10.73 11.01
N LEU A 597 14.07 10.64 12.13
CA LEU A 597 14.69 11.84 12.69
C LEU A 597 15.82 12.34 11.80
N THR A 598 16.52 11.45 11.11
CA THR A 598 17.51 11.88 10.13
C THR A 598 16.85 12.50 8.92
N SER A 599 15.73 11.93 8.46
CA SER A 599 15.01 12.49 7.34
C SER A 599 14.52 13.90 7.64
N MET A 600 14.18 14.17 8.91
CA MET A 600 13.80 15.52 9.29
C MET A 600 15.02 16.44 9.43
N ALA A 601 16.13 15.91 9.94
CA ALA A 601 17.34 16.69 10.19
C ALA A 601 18.54 15.92 9.64
N PRO A 602 18.79 16.01 8.34
CA PRO A 602 19.91 15.24 7.76
C PRO A 602 21.26 15.56 8.37
N SER A 603 21.48 16.81 8.76
CA SER A 603 22.81 17.22 9.24
C SER A 603 23.16 16.61 10.59
N ARG A 604 22.17 16.21 11.38
CA ARG A 604 22.40 15.71 12.73
C ARG A 604 22.41 14.18 12.80
N LYS A 605 22.75 13.51 11.69
CA LYS A 605 22.72 12.05 11.67
C LYS A 605 23.72 11.47 12.66
N ARG A 606 24.89 12.08 12.78
CA ARG A 606 25.91 11.55 13.69
C ARG A 606 25.43 11.58 15.13
N ASP A 607 24.75 12.66 15.53
CA ASP A 607 24.29 12.78 16.91
C ASP A 607 23.10 11.89 17.17
N ILE A 608 22.21 11.73 16.19
CA ILE A 608 20.99 10.96 16.38
C ILE A 608 21.33 9.51 16.72
N THR A 609 22.27 8.92 15.98
CA THR A 609 22.61 7.52 16.20
C THR A 609 23.25 7.29 17.56
N ALA A 610 23.92 8.31 18.11
CA ALA A 610 24.68 8.12 19.34
C ALA A 610 23.77 7.92 20.54
N GLY A 611 22.70 8.70 20.66
CA GLY A 611 21.86 8.69 21.83
C GLY A 611 20.61 7.83 21.76
N ALA A 612 20.38 7.14 20.64
CA ALA A 612 19.13 6.41 20.46
C ALA A 612 18.99 5.28 21.47
N MET A 613 20.05 4.52 21.70
CA MET A 613 19.97 3.40 22.62
C MET A 613 19.76 3.86 24.06
N ARG A 614 20.47 4.91 24.46
CA ARG A 614 20.25 5.47 25.79
C ARG A 614 18.81 5.98 25.92
N ALA A 615 18.27 6.56 24.85
CA ALA A 615 16.90 7.03 24.88
C ALA A 615 15.92 5.87 25.06
N LEU A 616 16.17 4.77 24.36
CA LEU A 616 15.31 3.58 24.50
C LEU A 616 15.34 3.06 25.94
N ILE A 617 16.53 2.96 26.52
CA ILE A 617 16.64 2.49 27.89
C ILE A 617 15.95 3.45 28.85
N ALA A 618 16.12 4.76 28.63
CA ALA A 618 15.49 5.75 29.49
C ALA A 618 13.97 5.68 29.40
N GLY A 619 13.44 5.42 28.20
CA GLY A 619 12.00 5.27 28.06
C GLY A 619 11.47 4.08 28.85
N THR A 620 12.17 2.94 28.74
CA THR A 620 11.77 1.79 29.54
C THR A 620 11.79 2.11 31.03
N ILE A 621 12.86 2.78 31.48
CA ILE A 621 12.99 3.11 32.90
C ILE A 621 11.87 4.05 33.34
N ALA A 622 11.50 5.01 32.48
CA ALA A 622 10.41 5.92 32.82
C ALA A 622 9.09 5.19 32.96
N CYS A 623 8.81 4.26 32.05
CA CYS A 623 7.62 3.43 32.20
C CYS A 623 7.64 2.70 33.53
N PHE A 624 8.78 2.14 33.91
CA PHE A 624 8.88 1.43 35.18
C PHE A 624 8.67 2.37 36.36
N LEU A 625 9.16 3.60 36.27
CA LEU A 625 8.97 4.57 37.35
C LEU A 625 7.49 4.90 37.52
N THR A 626 6.78 5.11 36.40
CA THR A 626 5.34 5.35 36.49
C THR A 626 4.65 4.16 37.15
N ALA A 627 5.04 2.95 36.78
CA ALA A 627 4.44 1.76 37.38
C ALA A 627 4.72 1.68 38.87
N CYS A 628 5.94 2.03 39.30
CA CYS A 628 6.25 2.03 40.72
C CYS A 628 5.39 3.02 41.48
N ILE A 629 5.21 4.22 40.94
CA ILE A 629 4.38 5.22 41.61
C ILE A 629 2.94 4.71 41.69
N ALA A 630 2.45 4.08 40.62
CA ALA A 630 1.12 3.50 40.67
C ALA A 630 1.01 2.45 41.76
N GLY A 631 2.02 1.58 41.86
CA GLY A 631 1.97 0.48 42.80
C GLY A 631 2.01 0.92 44.25
N MET A 632 2.79 1.97 44.54
CA MET A 632 2.89 2.42 45.92
C MET A 632 1.64 3.12 46.43
N LEU A 633 0.67 3.37 45.56
CA LEU A 633 -0.59 4.02 45.96
C LEU A 633 -1.79 3.08 45.91
N THR A 634 -1.80 2.11 45.00
CA THR A 634 -2.89 1.15 44.96
C THR A 634 -2.82 0.20 46.15
N ASN A 635 -3.99 -0.30 46.55
CA ASN A 635 -4.12 -1.17 47.71
C ASN A 635 -4.29 -2.62 47.28
N THR A 636 -3.94 -3.52 48.19
CA THR A 636 -4.09 -4.95 47.93
C THR A 636 -5.51 -5.37 48.30
N PRO A 637 -6.31 -5.87 47.35
CA PRO A 637 -7.67 -6.29 47.72
C PRO A 637 -7.68 -7.60 48.51
N GLU B 105 29.81 -16.72 -40.34
CA GLU B 105 28.38 -16.60 -40.53
C GLU B 105 28.06 -15.73 -41.75
N ARG B 106 28.61 -16.12 -42.90
CA ARG B 106 28.35 -15.38 -44.14
C ARG B 106 26.88 -15.42 -44.50
N MET B 107 26.23 -16.57 -44.33
CA MET B 107 24.80 -16.67 -44.63
C MET B 107 24.00 -15.75 -43.72
N CYS B 108 24.37 -15.68 -42.44
CA CYS B 108 23.67 -14.78 -41.52
C CYS B 108 23.82 -13.33 -41.95
N GLY B 109 25.03 -12.94 -42.36
CA GLY B 109 25.25 -11.58 -42.83
C GLY B 109 24.44 -11.27 -44.08
N ARG B 110 24.39 -12.23 -45.01
CA ARG B 110 23.59 -12.04 -46.22
C ARG B 110 22.11 -11.88 -45.88
N MET B 111 21.62 -12.71 -44.95
CA MET B 111 20.22 -12.61 -44.54
C MET B 111 19.95 -11.26 -43.88
N SER B 112 20.85 -10.79 -43.03
CA SER B 112 20.67 -9.50 -42.39
C SER B 112 20.67 -8.37 -43.43
N ASP B 113 21.57 -8.45 -44.40
CA ASP B 113 21.60 -7.44 -45.45
C ASP B 113 20.31 -7.45 -46.26
N PHE B 114 19.81 -8.63 -46.59
CA PHE B 114 18.55 -8.72 -47.33
C PHE B 114 17.40 -8.14 -46.52
N CYS B 115 17.35 -8.44 -45.22
CA CYS B 115 16.31 -7.89 -44.37
C CYS B 115 16.38 -6.36 -44.32
N ARG B 116 17.60 -5.83 -44.19
CA ARG B 116 17.77 -4.37 -44.14
C ARG B 116 17.37 -3.73 -45.45
N GLU B 117 17.69 -4.38 -46.57
CA GLU B 117 17.43 -3.76 -47.89
C GLU B 117 15.94 -3.55 -48.12
N HIS B 118 15.11 -4.52 -47.75
CA HIS B 118 13.68 -4.49 -48.02
C HIS B 118 12.88 -4.65 -46.73
N LYS B 119 13.26 -3.89 -45.71
CA LYS B 119 12.55 -3.97 -44.43
C LYS B 119 11.10 -3.53 -44.57
N THR B 120 10.85 -2.45 -45.32
CA THR B 120 9.50 -1.90 -45.42
C THR B 120 8.55 -2.89 -46.07
N THR B 121 8.97 -3.50 -47.17
CA THR B 121 8.08 -4.38 -47.92
C THR B 121 7.75 -5.66 -47.14
N LEU B 122 8.70 -6.16 -46.36
CA LEU B 122 8.50 -7.41 -45.64
C LEU B 122 7.38 -7.28 -44.61
N ARG B 123 7.47 -6.25 -43.76
CA ARG B 123 6.46 -6.07 -42.72
C ARG B 123 5.11 -5.72 -43.32
N TYR B 124 5.11 -4.91 -44.39
CA TYR B 124 3.86 -4.60 -45.06
C TYR B 124 3.20 -5.85 -45.60
N ILE B 125 3.99 -6.75 -46.20
CA ILE B 125 3.45 -7.99 -46.72
C ILE B 125 2.90 -8.86 -45.58
N ILE B 126 3.61 -8.90 -44.46
CA ILE B 126 3.14 -9.70 -43.32
C ILE B 126 1.79 -9.17 -42.83
N TRP B 127 1.69 -7.84 -42.68
CA TRP B 127 0.43 -7.25 -42.22
C TRP B 127 -0.68 -7.49 -43.22
N GLY B 128 -0.38 -7.39 -44.51
CA GLY B 128 -1.38 -7.68 -45.53
C GLY B 128 -1.86 -9.12 -45.46
N ILE B 129 -0.94 -10.05 -45.20
CA ILE B 129 -1.33 -11.46 -45.07
C ILE B 129 -2.25 -11.65 -43.86
N LEU B 130 -1.91 -11.01 -42.74
CA LEU B 130 -2.78 -11.10 -41.56
C LEU B 130 -4.17 -10.54 -41.86
N ILE B 131 -4.22 -9.40 -42.55
CA ILE B 131 -5.50 -8.80 -42.90
C ILE B 131 -6.29 -9.73 -43.81
N ALA B 132 -5.62 -10.34 -44.78
CA ALA B 132 -6.29 -11.26 -45.69
C ALA B 132 -6.85 -12.47 -44.93
N GLY B 133 -6.08 -12.98 -43.96
CA GLY B 133 -6.59 -14.07 -43.15
C GLY B 133 -7.82 -13.69 -42.36
N TYR B 134 -7.81 -12.50 -41.74
CA TYR B 134 -8.98 -12.05 -41.00
C TYR B 134 -10.18 -11.91 -41.92
N LEU B 135 -9.99 -11.32 -43.10
CA LEU B 135 -11.09 -11.18 -44.05
C LEU B 135 -11.61 -12.52 -44.52
N ALA B 136 -10.70 -13.49 -44.71
CA ALA B 136 -11.11 -14.83 -45.08
C ALA B 136 -11.98 -15.46 -44.00
N LEU B 137 -11.59 -15.30 -42.74
CA LEU B 137 -12.40 -15.82 -41.64
C LEU B 137 -13.78 -15.17 -41.65
N VAL B 138 -13.83 -13.84 -41.83
CA VAL B 138 -15.11 -13.13 -41.80
C VAL B 138 -16.01 -13.61 -42.93
N ILE B 139 -15.47 -13.71 -44.14
CA ILE B 139 -16.28 -14.09 -45.29
C ILE B 139 -16.74 -15.53 -45.16
N ALA B 140 -15.87 -16.42 -44.68
CA ALA B 140 -16.29 -17.81 -44.49
C ALA B 140 -17.40 -17.91 -43.45
N ALA B 141 -17.28 -17.16 -42.36
CA ALA B 141 -18.33 -17.17 -41.34
C ALA B 141 -19.64 -16.67 -41.92
N CYS B 142 -19.60 -15.61 -42.72
CA CYS B 142 -20.82 -15.10 -43.34
C CYS B 142 -21.41 -16.14 -44.29
N VAL B 143 -20.56 -16.85 -45.03
CA VAL B 143 -21.04 -17.85 -45.98
C VAL B 143 -21.74 -18.98 -45.25
N MET B 144 -21.12 -19.50 -44.18
CA MET B 144 -21.72 -20.61 -43.46
C MET B 144 -23.07 -20.22 -42.87
N ASN B 145 -23.17 -19.01 -42.32
CA ASN B 145 -24.42 -18.50 -41.80
C ASN B 145 -24.30 -16.99 -41.64
N PHE B 146 -25.28 -16.26 -42.17
CA PHE B 146 -25.20 -14.80 -42.19
C PHE B 146 -25.83 -14.19 -40.94
N HIS B 147 -27.03 -14.62 -40.56
CA HIS B 147 -27.67 -14.07 -39.38
C HIS B 147 -26.82 -14.27 -38.13
N ARG B 148 -26.08 -15.38 -38.08
CA ARG B 148 -25.23 -15.66 -36.92
C ARG B 148 -23.95 -14.82 -36.94
N ALA B 149 -23.46 -14.46 -38.11
CA ALA B 149 -22.21 -13.73 -38.26
C ALA B 149 -22.42 -12.24 -38.52
N LEU B 150 -23.62 -11.73 -38.33
CA LEU B 150 -23.90 -10.33 -38.65
C LEU B 150 -23.03 -9.36 -37.85
N PRO B 151 -22.95 -9.46 -36.52
CA PRO B 151 -22.18 -8.45 -35.78
C PRO B 151 -20.72 -8.36 -36.20
N LEU B 152 -20.09 -9.50 -36.50
CA LEU B 152 -18.70 -9.47 -36.96
C LEU B 152 -18.59 -8.72 -38.28
N PHE B 153 -19.52 -8.96 -39.19
CA PHE B 153 -19.54 -8.24 -40.46
C PHE B 153 -19.70 -6.74 -40.25
N VAL B 154 -20.60 -6.36 -39.34
CA VAL B 154 -20.84 -4.94 -39.08
C VAL B 154 -19.57 -4.29 -38.52
N ILE B 155 -18.93 -4.96 -37.55
CA ILE B 155 -17.72 -4.41 -36.95
C ILE B 155 -16.64 -4.23 -38.00
N THR B 156 -16.45 -5.25 -38.84
CA THR B 156 -15.45 -5.15 -39.89
C THR B 156 -15.76 -3.99 -40.85
N VAL B 157 -17.03 -3.84 -41.22
CA VAL B 157 -17.43 -2.80 -42.16
C VAL B 157 -17.13 -1.42 -41.57
N VAL B 158 -17.52 -1.21 -40.31
CA VAL B 158 -17.32 0.11 -39.72
C VAL B 158 -15.83 0.40 -39.56
N ALA B 159 -15.05 -0.61 -39.18
CA ALA B 159 -13.61 -0.41 -39.06
C ALA B 159 -13.00 -0.02 -40.41
N ILE B 160 -13.40 -0.72 -41.47
CA ILE B 160 -12.88 -0.40 -42.80
C ILE B 160 -13.26 1.02 -43.19
N PHE B 161 -14.52 1.39 -42.95
CA PHE B 161 -14.97 2.73 -43.30
C PHE B 161 -14.15 3.79 -42.57
N PHE B 162 -13.93 3.61 -41.28
CA PHE B 162 -13.20 4.61 -40.52
C PHE B 162 -11.74 4.68 -40.97
N VAL B 163 -11.12 3.53 -41.25
CA VAL B 163 -9.74 3.54 -41.71
C VAL B 163 -9.62 4.30 -43.03
N VAL B 164 -10.50 3.99 -43.98
CA VAL B 164 -10.46 4.66 -45.28
C VAL B 164 -10.71 6.16 -45.11
N TRP B 165 -11.67 6.52 -44.26
CA TRP B 165 -11.97 7.93 -44.04
C TRP B 165 -10.78 8.66 -43.47
N ASP B 166 -10.13 8.09 -42.46
CA ASP B 166 -8.97 8.73 -41.87
C ASP B 166 -7.85 8.89 -42.89
N HIS B 167 -7.59 7.85 -43.69
CA HIS B 167 -6.56 7.96 -44.70
C HIS B 167 -6.87 9.07 -45.69
N LEU B 168 -8.12 9.15 -46.15
CA LEU B 168 -8.49 10.17 -47.13
C LEU B 168 -8.36 11.57 -46.54
N MET B 169 -8.85 11.77 -45.30
CA MET B 169 -8.76 13.08 -44.68
C MET B 169 -7.30 13.50 -44.51
N ALA B 170 -6.45 12.56 -44.09
CA ALA B 170 -5.03 12.88 -43.94
C ALA B 170 -4.40 13.23 -45.29
N LYS B 171 -4.78 12.51 -46.35
CA LYS B 171 -4.13 12.70 -47.64
C LYS B 171 -4.66 13.94 -48.37
N TYR B 172 -5.98 14.10 -48.44
CA TYR B 172 -6.60 15.15 -49.25
C TYR B 172 -7.12 16.31 -48.40
N GLU B 173 -6.43 16.64 -47.30
CA GLU B 173 -6.89 17.72 -46.44
C GLU B 173 -6.87 19.06 -47.18
N SER B 174 -5.76 19.35 -47.85
CA SER B 174 -5.61 20.65 -48.51
C SER B 174 -6.65 20.84 -49.61
N GLN B 175 -6.87 19.81 -50.42
CA GLN B 175 -7.83 19.92 -51.51
C GLN B 175 -9.24 20.14 -50.96
N ILE B 176 -9.60 19.43 -49.90
CA ILE B 176 -10.93 19.58 -49.32
C ILE B 176 -11.09 20.99 -48.75
N ALA B 177 -10.06 21.49 -48.06
CA ALA B 177 -10.14 22.84 -47.51
C ALA B 177 -10.31 23.86 -48.62
N ARG B 178 -9.54 23.73 -49.70
CA ARG B 178 -9.66 24.66 -50.81
C ARG B 178 -11.04 24.58 -51.45
N PHE B 179 -11.58 23.37 -51.57
CA PHE B 179 -12.92 23.20 -52.13
C PHE B 179 -13.97 23.86 -51.24
N LEU B 180 -13.79 23.80 -49.93
CA LEU B 180 -14.77 24.38 -49.01
C LEU B 180 -14.66 25.89 -48.92
N SER B 181 -13.47 26.45 -49.19
CA SER B 181 -13.25 27.87 -48.95
C SER B 181 -14.27 28.78 -49.63
N PRO B 182 -14.61 28.60 -50.91
CA PRO B 182 -15.54 29.55 -51.54
C PRO B 182 -16.87 29.67 -50.81
N GLY B 183 -17.45 28.54 -50.37
CA GLY B 183 -18.70 28.61 -49.65
C GLY B 183 -18.56 29.38 -48.34
N GLN B 184 -17.43 29.19 -47.65
CA GLN B 184 -17.19 29.95 -46.43
C GLN B 184 -17.12 31.45 -46.73
N ARG B 185 -16.47 31.83 -47.83
CA ARG B 185 -16.41 33.24 -48.19
C ARG B 185 -17.80 33.80 -48.48
N LEU B 186 -18.62 33.05 -49.22
CA LEU B 186 -19.97 33.52 -49.52
C LEU B 186 -20.80 33.67 -48.24
N LEU B 187 -20.69 32.68 -47.35
CA LEU B 187 -21.43 32.76 -46.09
C LEU B 187 -20.97 33.93 -45.24
N ASP B 188 -19.66 34.19 -45.21
CA ASP B 188 -19.17 35.36 -44.49
C ASP B 188 -19.70 36.64 -45.11
N SER B 189 -19.78 36.68 -46.45
CA SER B 189 -20.29 37.87 -47.12
C SER B 189 -21.74 38.15 -46.75
N HIS B 190 -22.57 37.11 -46.72
CA HIS B 190 -24.00 37.30 -46.45
C HIS B 190 -24.37 37.17 -44.98
N TRP B 191 -23.39 36.90 -44.10
CA TRP B 191 -23.69 36.66 -42.70
C TRP B 191 -24.32 37.87 -42.03
N PHE B 192 -23.89 39.08 -42.39
CA PHE B 192 -24.33 40.27 -41.69
C PHE B 192 -25.84 40.39 -41.66
N TRP B 193 -26.52 39.83 -42.67
CA TRP B 193 -27.98 39.79 -42.67
C TRP B 193 -28.55 38.39 -42.44
N LEU B 194 -27.79 37.33 -42.71
CA LEU B 194 -28.31 35.98 -42.51
C LEU B 194 -28.31 35.55 -41.04
N LYS B 195 -27.51 36.21 -40.19
CA LYS B 195 -27.45 35.81 -38.79
C LYS B 195 -28.78 36.03 -38.11
N TRP B 196 -29.45 37.15 -38.41
CA TRP B 196 -30.75 37.42 -37.81
C TRP B 196 -31.76 36.35 -38.20
N VAL B 197 -31.76 35.95 -39.47
CA VAL B 197 -32.69 34.92 -39.92
C VAL B 197 -32.45 33.61 -39.19
N ILE B 198 -31.17 33.21 -39.10
CA ILE B 198 -30.86 31.94 -38.44
C ILE B 198 -31.25 31.98 -36.97
N TRP B 199 -30.92 33.08 -36.29
CA TRP B 199 -31.25 33.19 -34.88
C TRP B 199 -32.77 33.19 -34.65
N GLY B 200 -33.51 33.90 -35.50
CA GLY B 200 -34.96 33.89 -35.37
C GLY B 200 -35.54 32.52 -35.59
N CYS B 201 -35.02 31.78 -36.58
CA CYS B 201 -35.51 30.43 -36.80
C CYS B 201 -35.24 29.54 -35.59
N LEU B 202 -34.04 29.65 -35.00
CA LEU B 202 -33.73 28.84 -33.83
C LEU B 202 -34.64 29.19 -32.66
N ILE B 203 -34.88 30.48 -32.42
CA ILE B 203 -35.75 30.90 -31.32
C ILE B 203 -37.16 30.40 -31.54
N LEU B 204 -37.66 30.51 -32.77
CA LEU B 204 -38.99 30.00 -33.08
C LEU B 204 -39.07 28.49 -32.86
N GLY B 205 -38.02 27.77 -33.24
CA GLY B 205 -38.01 26.33 -33.00
C GLY B 205 -38.06 26.00 -31.53
N VAL B 206 -37.31 26.75 -30.72
CA VAL B 206 -37.35 26.52 -29.27
C VAL B 206 -38.76 26.76 -28.73
N ILE B 207 -39.38 27.86 -29.17
CA ILE B 207 -40.72 28.19 -28.68
C ILE B 207 -41.71 27.11 -29.07
N LEU B 208 -41.65 26.65 -30.33
CA LEU B 208 -42.58 25.62 -30.78
C LEU B 208 -42.36 24.32 -30.03
N TRP B 209 -41.10 23.94 -29.81
CA TRP B 209 -40.84 22.72 -29.06
C TRP B 209 -41.43 22.82 -27.67
N LEU B 210 -41.17 23.93 -26.98
CA LEU B 210 -41.77 24.12 -25.66
C LEU B 210 -43.28 23.94 -25.73
N VAL B 211 -43.94 24.72 -26.58
CA VAL B 211 -45.40 24.75 -26.57
C VAL B 211 -45.98 23.37 -26.86
N PHE B 212 -45.42 22.67 -27.85
CA PHE B 212 -46.07 21.45 -28.34
C PHE B 212 -45.56 20.17 -27.70
N ASP B 213 -44.46 20.19 -26.95
CA ASP B 213 -44.01 19.01 -26.22
C ASP B 213 -43.97 19.24 -24.71
N THR B 214 -43.28 20.30 -24.27
CA THR B 214 -43.04 20.46 -22.84
C THR B 214 -44.32 20.73 -22.08
N ALA B 215 -45.19 21.59 -22.63
CA ALA B 215 -46.46 21.86 -21.99
C ALA B 215 -47.33 20.61 -21.93
N LYS B 216 -47.33 19.82 -23.01
CA LYS B 216 -48.09 18.57 -23.00
C LYS B 216 -47.57 17.63 -21.92
N LEU B 217 -46.24 17.53 -21.78
CA LEU B 217 -45.68 16.64 -20.78
C LEU B 217 -46.11 17.04 -19.37
N GLY B 218 -46.07 18.31 -19.05
CA GLY B 218 -46.56 18.79 -17.78
C GLY B 218 -45.79 20.02 -17.31
N GLN B 219 -46.06 20.38 -16.06
CA GLN B 219 -45.48 21.57 -15.46
C GLN B 219 -44.02 21.36 -15.06
N GLN B 220 -43.68 20.16 -14.58
CA GLN B 220 -42.33 19.94 -14.07
C GLN B 220 -41.28 20.15 -15.15
N GLN B 221 -41.61 19.83 -16.40
CA GLN B 221 -40.65 20.03 -17.48
C GLN B 221 -40.41 21.52 -17.73
N LEU B 222 -41.48 22.33 -17.68
CA LEU B 222 -41.31 23.77 -17.78
C LEU B 222 -40.48 24.30 -16.62
N VAL B 223 -40.67 23.73 -15.43
CA VAL B 223 -39.84 24.13 -14.29
C VAL B 223 -38.39 23.77 -14.55
N SER B 224 -38.14 22.63 -15.21
CA SER B 224 -36.77 22.27 -15.55
C SER B 224 -36.15 23.28 -16.50
N PHE B 225 -36.91 23.70 -17.51
CA PHE B 225 -36.41 24.72 -18.44
C PHE B 225 -36.11 26.03 -17.70
N GLY B 226 -37.02 26.44 -16.82
CA GLY B 226 -36.78 27.64 -16.03
C GLY B 226 -35.54 27.51 -15.16
N GLY B 227 -35.33 26.33 -14.59
CA GLY B 227 -34.12 26.12 -13.79
C GLY B 227 -32.86 26.20 -14.62
N LEU B 228 -32.91 25.67 -15.84
CA LEU B 228 -31.78 25.84 -16.76
C LEU B 228 -31.46 27.32 -16.97
N ILE B 229 -32.49 28.10 -17.30
CA ILE B 229 -32.30 29.53 -17.51
C ILE B 229 -31.73 30.17 -16.25
N ILE B 230 -32.24 29.79 -15.09
CA ILE B 230 -31.85 30.44 -13.84
C ILE B 230 -30.40 30.12 -13.50
N TYR B 231 -29.98 28.85 -13.68
CA TYR B 231 -28.59 28.51 -13.44
C TYR B 231 -27.67 29.29 -14.37
N THR B 232 -28.04 29.40 -15.64
CA THR B 232 -27.21 30.17 -16.56
C THR B 232 -27.11 31.63 -16.13
N SER B 233 -28.24 32.22 -15.73
CA SER B 233 -28.22 33.61 -15.30
C SER B 233 -27.36 33.80 -14.06
N LEU B 234 -27.47 32.89 -13.09
CA LEU B 234 -26.66 33.00 -11.88
C LEU B 234 -25.18 32.88 -12.21
N THR B 235 -24.81 31.97 -13.10
CA THR B 235 -23.42 31.89 -13.52
C THR B 235 -22.97 33.19 -14.18
N PHE B 236 -23.86 33.83 -14.94
CA PHE B 236 -23.50 35.09 -15.58
C PHE B 236 -23.26 36.19 -14.54
N LEU B 237 -24.16 36.30 -13.55
CA LEU B 237 -24.06 37.39 -12.58
C LEU B 237 -22.76 37.33 -11.81
N PHE B 238 -22.38 36.13 -11.34
CA PHE B 238 -21.18 35.94 -10.54
C PHE B 238 -19.96 35.61 -11.38
N SER B 239 -19.93 36.06 -12.63
CA SER B 239 -18.81 35.77 -13.50
C SER B 239 -17.60 36.59 -13.14
N LYS B 240 -16.42 36.05 -13.44
CA LYS B 240 -15.17 36.75 -13.17
C LYS B 240 -15.09 38.04 -13.99
N HIS B 241 -15.44 37.97 -15.27
CA HIS B 241 -15.40 39.12 -16.17
C HIS B 241 -16.74 39.18 -16.91
N PRO B 242 -17.78 39.70 -16.26
CA PRO B 242 -19.11 39.69 -16.90
C PRO B 242 -19.14 40.43 -18.23
N THR B 243 -18.37 41.50 -18.37
CA THR B 243 -18.40 42.28 -19.60
C THR B 243 -17.73 41.52 -20.75
N LYS B 244 -16.67 40.77 -20.46
CA LYS B 244 -15.89 40.08 -21.48
C LYS B 244 -16.35 38.64 -21.63
N VAL B 245 -17.57 38.47 -22.14
CA VAL B 245 -18.19 37.16 -22.29
C VAL B 245 -18.37 36.87 -23.77
N TYR B 246 -17.95 35.69 -24.19
CA TYR B 246 -18.11 35.21 -25.56
C TYR B 246 -19.23 34.18 -25.56
N TRP B 247 -20.38 34.55 -26.13
CA TRP B 247 -21.61 33.78 -25.97
C TRP B 247 -21.72 32.58 -26.90
N ARG B 248 -20.88 32.49 -27.93
CA ARG B 248 -20.97 31.36 -28.84
C ARG B 248 -20.81 30.02 -28.13
N PRO B 249 -19.76 29.79 -27.34
CA PRO B 249 -19.63 28.48 -26.69
C PRO B 249 -20.79 28.14 -25.77
N VAL B 250 -21.37 29.12 -25.08
CA VAL B 250 -22.46 28.83 -24.15
C VAL B 250 -23.65 28.23 -24.89
N PHE B 251 -24.14 28.96 -25.89
CA PHE B 251 -25.29 28.50 -26.65
C PHE B 251 -24.98 27.20 -27.37
N TRP B 252 -23.78 27.09 -27.95
CA TRP B 252 -23.45 25.87 -28.67
C TRP B 252 -23.40 24.66 -27.75
N GLY B 253 -22.84 24.81 -26.55
CA GLY B 253 -22.82 23.70 -25.62
C GLY B 253 -24.22 23.28 -25.18
N ILE B 254 -25.06 24.26 -24.85
CA ILE B 254 -26.42 23.93 -24.44
C ILE B 254 -27.16 23.26 -25.59
N GLY B 255 -26.96 23.73 -26.82
CA GLY B 255 -27.61 23.11 -27.97
C GLY B 255 -27.12 21.70 -28.22
N LEU B 256 -25.82 21.46 -28.07
CA LEU B 256 -25.30 20.11 -28.24
C LEU B 256 -25.89 19.18 -27.19
N GLN B 257 -26.00 19.64 -25.95
CA GLN B 257 -26.64 18.83 -24.92
C GLN B 257 -28.08 18.52 -25.30
N PHE B 258 -28.81 19.52 -25.77
CA PHE B 258 -30.21 19.30 -26.15
C PHE B 258 -30.33 18.30 -27.28
N LEU B 259 -29.46 18.41 -28.30
CA LEU B 259 -29.50 17.49 -29.42
C LEU B 259 -29.16 16.06 -28.98
N LEU B 260 -28.15 15.91 -28.13
CA LEU B 260 -27.82 14.58 -27.63
C LEU B 260 -28.98 13.99 -26.84
N GLY B 261 -29.62 14.82 -26.00
CA GLY B 261 -30.77 14.33 -25.26
C GLY B 261 -31.91 13.92 -26.16
N LEU B 262 -32.18 14.71 -27.21
CA LEU B 262 -33.23 14.33 -28.15
C LEU B 262 -32.92 13.01 -28.83
N LEU B 263 -31.68 12.84 -29.28
CA LEU B 263 -31.34 11.64 -30.03
C LEU B 263 -31.34 10.40 -29.14
N ILE B 264 -30.90 10.54 -27.88
CA ILE B 264 -30.75 9.37 -27.02
C ILE B 264 -31.98 9.05 -26.19
N LEU B 265 -32.85 10.04 -25.94
CA LEU B 265 -34.01 9.84 -25.08
C LEU B 265 -35.33 9.80 -25.82
N ARG B 266 -35.46 10.50 -26.95
CA ARG B 266 -36.72 10.65 -27.64
C ARG B 266 -36.70 10.03 -29.03
N THR B 267 -35.79 9.10 -29.28
CA THR B 267 -35.73 8.39 -30.56
C THR B 267 -35.41 6.92 -30.30
N GLU B 268 -36.13 6.04 -30.99
CA GLU B 268 -35.90 4.61 -30.84
C GLU B 268 -34.47 4.22 -31.18
N PRO B 269 -33.85 4.71 -32.26
CA PRO B 269 -32.48 4.30 -32.56
C PRO B 269 -31.49 4.58 -31.43
N GLY B 270 -31.41 5.82 -30.96
CA GLY B 270 -30.47 6.15 -29.91
C GLY B 270 -30.78 5.46 -28.60
N PHE B 271 -32.07 5.37 -28.25
CA PHE B 271 -32.48 4.64 -27.06
C PHE B 271 -31.98 3.20 -27.11
N MET B 272 -32.24 2.51 -28.22
CA MET B 272 -31.79 1.13 -28.37
C MET B 272 -30.27 1.03 -28.31
N ALA B 273 -29.58 1.94 -29.01
CA ALA B 273 -28.13 1.88 -29.06
C ALA B 273 -27.53 2.01 -27.66
N PHE B 274 -28.00 2.99 -26.89
CA PHE B 274 -27.42 3.19 -25.57
C PHE B 274 -27.87 2.14 -24.57
N ASP B 275 -29.08 1.60 -24.71
CA ASP B 275 -29.46 0.47 -23.86
C ASP B 275 -28.57 -0.74 -24.14
N TRP B 276 -28.32 -1.03 -25.41
CA TRP B 276 -27.43 -2.13 -25.76
C TRP B 276 -26.03 -1.88 -25.23
N LEU B 277 -25.53 -0.66 -25.37
CA LEU B 277 -24.20 -0.32 -24.87
C LEU B 277 -24.12 -0.52 -23.36
N GLY B 278 -25.16 -0.09 -22.63
CA GLY B 278 -25.18 -0.31 -21.19
C GLY B 278 -25.21 -1.78 -20.84
N LYS B 279 -25.98 -2.58 -21.58
CA LYS B 279 -26.06 -4.00 -21.29
C LYS B 279 -24.72 -4.69 -21.51
N GLN B 280 -23.96 -4.25 -22.52
CA GLN B 280 -22.65 -4.86 -22.75
C GLN B 280 -21.72 -4.63 -21.57
N VAL B 281 -21.74 -3.42 -20.99
CA VAL B 281 -20.90 -3.13 -19.84
C VAL B 281 -21.28 -4.02 -18.66
N GLN B 282 -22.57 -4.21 -18.44
CA GLN B 282 -23.03 -5.07 -17.35
C GLN B 282 -22.51 -6.49 -17.53
N THR B 283 -22.47 -6.98 -18.76
CA THR B 283 -21.86 -8.28 -19.03
C THR B 283 -20.36 -8.24 -18.84
N PHE B 284 -19.72 -7.14 -19.22
CA PHE B 284 -18.27 -7.03 -19.14
C PHE B 284 -17.78 -7.06 -17.69
N LEU B 285 -18.53 -6.45 -16.76
CA LEU B 285 -18.07 -6.40 -15.38
C LEU B 285 -18.20 -7.73 -14.66
N GLY B 286 -18.83 -8.73 -15.28
CA GLY B 286 -18.96 -10.03 -14.65
C GLY B 286 -17.75 -10.94 -14.77
N TYR B 287 -16.75 -10.53 -15.56
CA TYR B 287 -15.56 -11.35 -15.76
C TYR B 287 -14.62 -11.28 -14.57
N SER B 288 -14.66 -10.19 -13.80
CA SER B 288 -13.80 -10.06 -12.64
C SER B 288 -14.12 -11.08 -11.55
N ASP B 289 -15.30 -11.71 -11.62
CA ASP B 289 -15.69 -12.67 -10.61
C ASP B 289 -14.76 -13.86 -10.58
N ALA B 290 -14.15 -14.22 -11.71
CA ALA B 290 -13.21 -15.33 -11.74
C ALA B 290 -12.00 -15.05 -10.85
N GLY B 291 -11.37 -13.89 -11.05
CA GLY B 291 -10.23 -13.53 -10.22
C GLY B 291 -10.61 -13.34 -8.77
N ALA B 292 -11.76 -12.71 -8.53
CA ALA B 292 -12.20 -12.52 -7.14
C ALA B 292 -12.43 -13.86 -6.46
N SER B 293 -13.02 -14.82 -7.17
CA SER B 293 -13.28 -16.14 -6.60
C SER B 293 -11.98 -16.87 -6.30
N PHE B 294 -11.00 -16.82 -7.21
CA PHE B 294 -9.76 -17.50 -6.93
C PHE B 294 -9.03 -16.88 -5.75
N VAL B 295 -8.85 -15.55 -5.78
CA VAL B 295 -8.06 -14.90 -4.75
C VAL B 295 -8.77 -14.96 -3.40
N PHE B 296 -10.07 -14.69 -3.39
CA PHE B 296 -10.83 -14.59 -2.15
C PHE B 296 -11.77 -15.77 -1.91
N GLY B 297 -11.74 -16.79 -2.77
CA GLY B 297 -12.48 -18.00 -2.54
C GLY B 297 -13.92 -17.93 -3.01
N GLU B 298 -14.59 -19.07 -2.92
CA GLU B 298 -16.01 -19.15 -3.26
C GLU B 298 -16.91 -18.42 -2.27
N LYS B 299 -16.36 -18.00 -1.13
CA LYS B 299 -17.09 -17.23 -0.14
C LYS B 299 -16.84 -15.74 -0.29
N TYR B 300 -16.33 -15.30 -1.44
CA TYR B 300 -16.04 -13.89 -1.64
C TYR B 300 -17.30 -13.03 -1.59
N THR B 301 -18.48 -13.64 -1.70
CA THR B 301 -19.73 -12.91 -1.59
C THR B 301 -20.13 -12.63 -0.14
N ASP B 302 -19.44 -13.22 0.83
CA ASP B 302 -19.69 -12.88 2.21
C ASP B 302 -19.33 -11.43 2.48
N HIS B 303 -18.37 -10.88 1.73
CA HIS B 303 -17.97 -9.48 1.81
C HIS B 303 -18.16 -8.92 0.41
N PHE B 304 -19.38 -8.45 0.13
CA PHE B 304 -19.74 -8.08 -1.23
C PHE B 304 -18.87 -6.94 -1.75
N PHE B 305 -18.90 -5.80 -1.05
CA PHE B 305 -18.18 -4.63 -1.55
C PHE B 305 -16.70 -4.93 -1.76
N ALA B 306 -16.00 -5.29 -0.68
CA ALA B 306 -14.54 -5.38 -0.75
C ALA B 306 -14.09 -6.44 -1.75
N PHE B 307 -14.72 -7.61 -1.74
CA PHE B 307 -14.23 -8.75 -2.51
C PHE B 307 -14.95 -8.96 -3.83
N LYS B 308 -15.88 -8.10 -4.21
CA LYS B 308 -16.53 -8.22 -5.50
C LYS B 308 -16.60 -6.90 -6.28
N VAL B 309 -16.75 -5.77 -5.60
CA VAL B 309 -16.90 -4.50 -6.29
C VAL B 309 -15.55 -3.93 -6.69
N LEU B 310 -14.62 -3.86 -5.76
CA LEU B 310 -13.30 -3.30 -6.07
C LEU B 310 -12.57 -4.05 -7.17
N PRO B 311 -12.62 -5.38 -7.23
CA PRO B 311 -12.04 -6.07 -8.39
C PRO B 311 -12.58 -5.58 -9.72
N ILE B 312 -13.83 -5.11 -9.75
CA ILE B 312 -14.36 -4.50 -10.97
C ILE B 312 -13.56 -3.26 -11.33
N VAL B 313 -13.23 -2.45 -10.32
CA VAL B 313 -12.40 -1.27 -10.54
C VAL B 313 -11.04 -1.67 -11.08
N ILE B 314 -10.45 -2.71 -10.49
CA ILE B 314 -9.13 -3.18 -10.94
C ILE B 314 -9.19 -3.59 -12.41
N PHE B 315 -10.18 -4.42 -12.76
CA PHE B 315 -10.29 -4.92 -14.12
C PHE B 315 -10.53 -3.79 -15.11
N PHE B 316 -11.39 -2.84 -14.75
CA PHE B 316 -11.67 -1.72 -15.66
C PHE B 316 -10.44 -0.86 -15.86
N SER B 317 -9.66 -0.62 -14.80
CA SER B 317 -8.42 0.14 -14.96
C SER B 317 -7.45 -0.60 -15.87
N THR B 318 -7.34 -1.91 -15.70
CA THR B 318 -6.49 -2.70 -16.60
C THR B 318 -6.91 -2.54 -18.05
N VAL B 319 -8.21 -2.68 -18.32
CA VAL B 319 -8.70 -2.59 -19.69
C VAL B 319 -8.47 -1.19 -20.25
N MET B 320 -8.66 -0.16 -19.43
CA MET B 320 -8.44 1.20 -19.89
C MET B 320 -6.97 1.43 -20.26
N SER B 321 -6.05 0.91 -19.45
CA SER B 321 -4.64 1.03 -19.79
C SER B 321 -4.32 0.31 -21.09
N MET B 322 -4.89 -0.88 -21.28
CA MET B 322 -4.68 -1.60 -22.53
C MET B 322 -5.19 -0.81 -23.72
N LEU B 323 -6.38 -0.24 -23.60
CA LEU B 323 -6.94 0.56 -24.69
C LEU B 323 -6.08 1.78 -24.98
N TYR B 324 -5.57 2.43 -23.93
CA TYR B 324 -4.69 3.57 -24.15
C TYR B 324 -3.42 3.15 -24.87
N TYR B 325 -2.88 1.98 -24.54
CA TYR B 325 -1.73 1.47 -25.26
C TYR B 325 -2.05 1.27 -26.74
N LEU B 326 -3.20 0.64 -27.03
CA LEU B 326 -3.55 0.38 -28.42
C LEU B 326 -3.77 1.66 -29.21
N GLY B 327 -4.46 2.63 -28.61
CA GLY B 327 -4.69 3.92 -29.25
C GLY B 327 -6.11 4.22 -29.65
N LEU B 328 -7.08 3.43 -29.22
CA LEU B 328 -8.48 3.70 -29.55
C LEU B 328 -9.00 4.89 -28.75
N MET B 329 -8.61 4.99 -27.48
CA MET B 329 -9.05 6.09 -26.64
C MET B 329 -8.69 7.42 -27.26
N GLN B 330 -7.45 7.56 -27.73
CA GLN B 330 -7.02 8.81 -28.35
C GLN B 330 -7.81 9.08 -29.63
N TRP B 331 -8.10 8.04 -30.39
CA TRP B 331 -8.89 8.19 -31.61
C TRP B 331 -10.26 8.80 -31.30
N ILE B 332 -10.97 8.22 -30.35
CA ILE B 332 -12.30 8.73 -29.99
C ILE B 332 -12.18 10.15 -29.42
N ILE B 333 -11.15 10.38 -28.60
CA ILE B 333 -10.97 11.69 -27.97
C ILE B 333 -10.79 12.75 -29.04
N ARG B 334 -9.94 12.48 -30.03
CA ARG B 334 -9.74 13.44 -31.10
C ARG B 334 -11.03 13.67 -31.89
N LYS B 335 -11.76 12.59 -32.17
CA LYS B 335 -13.00 12.75 -32.94
C LYS B 335 -13.99 13.65 -32.23
N VAL B 336 -14.15 13.46 -30.92
CA VAL B 336 -15.10 14.29 -30.17
C VAL B 336 -14.58 15.72 -30.01
N GLY B 337 -13.29 15.86 -29.72
CA GLY B 337 -12.72 17.18 -29.52
C GLY B 337 -12.80 18.05 -30.76
N TRP B 338 -12.65 17.45 -31.94
CA TRP B 338 -12.77 18.23 -33.16
C TRP B 338 -14.16 18.83 -33.29
N VAL B 339 -15.19 18.03 -32.98
CA VAL B 339 -16.57 18.54 -33.06
C VAL B 339 -16.76 19.68 -32.07
N MET B 340 -16.35 19.46 -30.82
CA MET B 340 -16.56 20.51 -29.81
C MET B 340 -15.78 21.77 -30.17
N LEU B 341 -14.59 21.62 -30.75
CA LEU B 341 -13.79 22.78 -31.12
C LEU B 341 -14.42 23.54 -32.27
N VAL B 342 -14.85 22.82 -33.31
CA VAL B 342 -15.41 23.49 -34.49
C VAL B 342 -16.71 24.20 -34.15
N THR B 343 -17.60 23.51 -33.44
CA THR B 343 -18.91 24.11 -33.16
C THR B 343 -18.81 25.24 -32.15
N MET B 344 -18.09 25.00 -31.04
CA MET B 344 -18.10 25.92 -29.91
C MET B 344 -17.01 26.98 -30.00
N GLY B 345 -15.92 26.70 -30.71
CA GLY B 345 -14.85 27.67 -30.83
C GLY B 345 -13.91 27.74 -29.65
N THR B 346 -13.82 26.68 -28.86
CA THR B 346 -12.91 26.67 -27.71
C THR B 346 -11.48 26.37 -28.17
N SER B 347 -10.56 26.48 -27.22
CA SER B 347 -9.16 26.21 -27.51
C SER B 347 -8.92 24.69 -27.61
N PRO B 348 -7.93 24.27 -28.39
CA PRO B 348 -7.69 22.83 -28.55
C PRO B 348 -7.40 22.12 -27.23
N VAL B 349 -6.65 22.74 -26.33
CA VAL B 349 -6.22 22.06 -25.12
C VAL B 349 -7.42 21.71 -24.25
N GLU B 350 -8.28 22.70 -23.98
CA GLU B 350 -9.44 22.47 -23.14
C GLU B 350 -10.44 21.53 -23.80
N SER B 351 -10.59 21.64 -25.13
CA SER B 351 -11.48 20.72 -25.83
C SER B 351 -10.99 19.28 -25.70
N VAL B 352 -9.69 19.06 -25.88
CA VAL B 352 -9.13 17.72 -25.76
C VAL B 352 -9.31 17.20 -24.35
N VAL B 353 -9.06 18.04 -23.35
CA VAL B 353 -9.17 17.58 -21.96
C VAL B 353 -10.62 17.25 -21.63
N ALA B 354 -11.56 18.07 -22.10
CA ALA B 354 -12.97 17.80 -21.84
C ALA B 354 -13.41 16.51 -22.51
N SER B 355 -12.98 16.27 -23.75
CA SER B 355 -13.34 15.03 -24.43
C SER B 355 -12.70 13.82 -23.74
N GLY B 356 -11.50 13.98 -23.20
CA GLY B 356 -10.84 12.88 -22.53
C GLY B 356 -11.34 12.59 -21.14
N ASN B 357 -11.92 13.60 -20.47
CA ASN B 357 -12.44 13.38 -19.12
C ASN B 357 -13.73 12.59 -19.11
N ILE B 358 -14.33 12.33 -20.28
CA ILE B 358 -15.46 11.42 -20.35
C ILE B 358 -15.04 10.03 -19.89
N PHE B 359 -13.83 9.62 -20.26
CA PHE B 359 -13.33 8.28 -19.96
C PHE B 359 -12.31 8.24 -18.84
N ILE B 360 -11.67 9.36 -18.53
CA ILE B 360 -10.52 9.38 -17.64
C ILE B 360 -10.83 10.30 -16.46
N GLY B 361 -10.14 10.04 -15.35
CA GLY B 361 -10.32 10.83 -14.15
C GLY B 361 -9.76 12.23 -14.28
N GLN B 362 -10.13 13.06 -13.30
CA GLN B 362 -9.68 14.45 -13.29
C GLN B 362 -8.18 14.56 -13.09
N THR B 363 -7.58 13.66 -12.32
CA THR B 363 -6.15 13.74 -12.05
C THR B 363 -5.32 13.26 -13.24
N GLU B 364 -5.79 12.22 -13.95
CA GLU B 364 -5.02 11.64 -15.04
C GLU B 364 -5.33 12.22 -16.40
N SER B 365 -6.35 13.07 -16.51
CA SER B 365 -6.73 13.61 -17.81
C SER B 365 -5.77 14.70 -18.27
N PRO B 366 -5.28 15.55 -17.38
CA PRO B 366 -4.30 16.56 -17.80
C PRO B 366 -3.02 15.96 -18.34
N LEU B 367 -2.70 14.71 -18.02
CA LEU B 367 -1.51 14.08 -18.57
C LEU B 367 -1.57 13.97 -20.08
N LEU B 368 -2.75 14.09 -20.68
CA LEU B 368 -2.85 14.08 -22.13
C LEU B 368 -2.09 15.24 -22.75
N VAL B 369 -2.02 16.35 -22.04
CA VAL B 369 -1.26 17.53 -22.47
C VAL B 369 -0.39 17.92 -21.27
N ARG B 370 0.71 17.19 -21.06
CA ARG B 370 1.59 17.49 -19.95
C ARG B 370 2.52 18.65 -20.30
N PRO B 371 3.19 18.60 -21.46
CA PRO B 371 4.20 19.61 -21.75
C PRO B 371 3.65 21.04 -21.81
N TYR B 372 2.42 21.21 -22.24
CA TYR B 372 1.89 22.54 -22.54
C TYR B 372 1.17 23.18 -21.36
N LEU B 373 1.13 22.52 -20.22
CA LEU B 373 0.46 23.10 -19.05
C LEU B 373 1.07 24.42 -18.62
N PRO B 374 2.39 24.60 -18.55
CA PRO B 374 2.94 25.89 -18.12
C PRO B 374 2.55 27.05 -19.02
N TYR B 375 2.15 26.79 -20.25
CA TYR B 375 1.89 27.83 -21.24
C TYR B 375 0.39 28.08 -21.46
N VAL B 376 -0.48 27.44 -20.68
CA VAL B 376 -1.90 27.68 -20.82
C VAL B 376 -2.29 28.95 -20.07
N THR B 377 -3.46 29.49 -20.43
CA THR B 377 -3.99 30.66 -19.76
C THR B 377 -4.73 30.24 -18.50
N LYS B 378 -5.17 31.25 -17.74
CA LYS B 378 -5.98 30.99 -16.55
C LYS B 378 -7.32 30.38 -16.92
N SER B 379 -7.94 30.87 -17.99
CA SER B 379 -9.25 30.35 -18.40
C SER B 379 -9.17 28.89 -18.79
N GLU B 380 -8.13 28.50 -19.54
CA GLU B 380 -7.99 27.10 -19.93
C GLU B 380 -7.75 26.20 -18.73
N LEU B 381 -6.96 26.67 -17.77
CA LEU B 381 -6.72 25.91 -16.55
C LEU B 381 -8.03 25.72 -15.76
N HIS B 382 -8.81 26.80 -15.67
CA HIS B 382 -10.11 26.72 -15.00
C HIS B 382 -11.03 25.73 -15.72
N ALA B 383 -11.04 25.76 -17.05
CA ALA B 383 -11.85 24.82 -17.81
C ALA B 383 -11.39 23.39 -17.57
N ILE B 384 -10.09 23.18 -17.49
CA ILE B 384 -9.57 21.84 -17.22
C ILE B 384 -10.10 21.33 -15.88
N MET B 385 -9.97 22.16 -14.84
CA MET B 385 -10.43 21.73 -13.53
C MET B 385 -11.95 21.50 -13.52
N THR B 386 -12.71 22.38 -14.18
CA THR B 386 -14.15 22.24 -14.24
C THR B 386 -14.55 20.94 -14.93
N ALA B 387 -13.91 20.63 -16.07
CA ALA B 387 -14.18 19.38 -16.75
C ALA B 387 -13.84 18.19 -15.87
N GLY B 388 -12.75 18.28 -15.11
CA GLY B 388 -12.43 17.22 -14.18
C GLY B 388 -13.50 17.03 -13.12
N PHE B 389 -14.09 18.13 -12.66
CA PHE B 389 -15.08 18.06 -11.58
C PHE B 389 -16.48 17.67 -12.05
N SER B 390 -16.76 17.75 -13.34
CA SER B 390 -18.10 17.54 -13.86
C SER B 390 -18.29 16.16 -14.48
N THR B 391 -17.31 15.27 -14.37
CA THR B 391 -17.37 13.96 -14.99
C THR B 391 -16.85 12.92 -14.02
N ILE B 392 -17.06 11.66 -14.38
CA ILE B 392 -16.54 10.52 -13.62
C ILE B 392 -15.54 9.78 -14.48
N ALA B 393 -14.95 8.72 -13.94
CA ALA B 393 -14.02 7.89 -14.66
C ALA B 393 -14.68 6.58 -15.08
N GLY B 394 -14.05 5.89 -16.04
CA GLY B 394 -14.55 4.61 -16.48
C GLY B 394 -14.27 3.48 -15.52
N SER B 395 -13.34 3.66 -14.58
CA SER B 395 -13.04 2.61 -13.62
C SER B 395 -14.15 2.46 -12.59
N VAL B 396 -14.71 3.58 -12.11
CA VAL B 396 -15.76 3.54 -11.09
C VAL B 396 -17.15 3.32 -11.68
N LEU B 397 -17.28 3.29 -13.01
CA LEU B 397 -18.57 3.06 -13.64
C LEU B 397 -19.14 1.69 -13.24
N GLY B 398 -18.29 0.67 -13.24
CA GLY B 398 -18.78 -0.67 -12.92
C GLY B 398 -19.34 -0.78 -11.53
N ALA B 399 -18.73 -0.09 -10.56
CA ALA B 399 -19.24 -0.12 -9.20
C ALA B 399 -20.63 0.49 -9.12
N TYR B 400 -20.82 1.65 -9.77
CA TYR B 400 -22.12 2.29 -9.76
C TYR B 400 -23.17 1.41 -10.43
N ILE B 401 -22.78 0.71 -11.50
CA ILE B 401 -23.72 -0.19 -12.16
C ILE B 401 -24.03 -1.38 -11.25
N SER B 402 -23.03 -1.90 -10.54
CA SER B 402 -23.25 -3.01 -9.62
C SER B 402 -24.23 -2.63 -8.52
N PHE B 403 -24.11 -1.40 -8.00
CA PHE B 403 -25.08 -0.95 -7.01
C PHE B 403 -26.50 -1.09 -7.52
N GLY B 404 -26.73 -0.77 -8.80
CA GLY B 404 -28.04 -0.86 -9.39
C GLY B 404 -28.42 0.37 -10.18
N VAL B 405 -27.49 1.32 -10.30
CA VAL B 405 -27.74 2.54 -11.04
C VAL B 405 -27.75 2.26 -12.54
N SER B 406 -28.63 2.95 -13.26
CA SER B 406 -28.79 2.68 -14.68
C SER B 406 -27.50 2.98 -15.44
N SER B 407 -27.12 2.06 -16.33
CA SER B 407 -25.93 2.24 -17.13
C SER B 407 -26.15 3.25 -18.26
N SER B 408 -27.30 3.17 -18.94
CA SER B 408 -27.57 4.07 -20.05
C SER B 408 -27.57 5.52 -19.59
N HIS B 409 -28.21 5.80 -18.45
CA HIS B 409 -28.23 7.16 -17.94
C HIS B 409 -26.84 7.64 -17.55
N LEU B 410 -26.03 6.75 -16.98
CA LEU B 410 -24.66 7.13 -16.62
C LEU B 410 -23.85 7.49 -17.85
N LEU B 411 -23.93 6.67 -18.90
CA LEU B 411 -23.21 6.97 -20.13
C LEU B 411 -23.70 8.27 -20.75
N THR B 412 -25.02 8.46 -20.78
CA THR B 412 -25.57 9.68 -21.36
C THR B 412 -25.11 10.91 -20.59
N ALA B 413 -25.11 10.84 -19.26
CA ALA B 413 -24.66 11.97 -18.46
C ALA B 413 -23.17 12.24 -18.68
N SER B 414 -22.35 11.18 -18.74
CA SER B 414 -20.93 11.38 -18.98
C SER B 414 -20.68 12.04 -20.32
N VAL B 415 -21.45 11.66 -21.34
CA VAL B 415 -21.29 12.29 -22.65
C VAL B 415 -21.75 13.74 -22.61
N MET B 416 -22.87 14.02 -21.95
CA MET B 416 -23.43 15.37 -21.93
C MET B 416 -22.67 16.32 -21.02
N SER B 417 -21.82 15.81 -20.13
CA SER B 417 -21.18 16.67 -19.13
C SER B 417 -20.07 17.53 -19.70
N ALA B 418 -19.56 17.21 -20.88
CA ALA B 418 -18.41 17.93 -21.41
C ALA B 418 -18.80 19.28 -22.01
N PRO B 419 -19.76 19.33 -22.94
CA PRO B 419 -20.20 20.64 -23.45
C PRO B 419 -20.68 21.55 -22.35
N ALA B 420 -21.41 21.01 -21.37
CA ALA B 420 -21.86 21.82 -20.25
C ALA B 420 -20.70 22.35 -19.45
N ALA B 421 -19.70 21.51 -19.20
CA ALA B 421 -18.51 21.96 -18.47
C ALA B 421 -17.84 23.11 -19.18
N LEU B 422 -17.61 22.96 -20.49
CA LEU B 422 -16.93 24.02 -21.23
C LEU B 422 -17.75 25.30 -21.25
N ALA B 423 -19.06 25.19 -21.49
CA ALA B 423 -19.91 26.38 -21.53
C ALA B 423 -19.91 27.11 -20.19
N ILE B 424 -20.10 26.36 -19.10
CA ILE B 424 -20.16 26.97 -17.78
C ILE B 424 -18.81 27.58 -17.43
N SER B 425 -17.71 26.94 -17.83
CA SER B 425 -16.40 27.50 -17.56
C SER B 425 -16.19 28.80 -18.33
N LYS B 426 -16.57 28.83 -19.61
CA LYS B 426 -16.40 30.06 -20.39
C LYS B 426 -17.25 31.19 -19.85
N LEU B 427 -18.45 30.88 -19.36
CA LEU B 427 -19.31 31.93 -18.81
C LEU B 427 -18.82 32.39 -17.44
N PHE B 428 -18.40 31.45 -16.59
CA PHE B 428 -17.92 31.78 -15.26
C PHE B 428 -16.58 32.49 -15.31
N TRP B 429 -15.66 32.02 -16.14
CA TRP B 429 -14.32 32.58 -16.25
C TRP B 429 -13.96 32.68 -17.74
N PRO B 430 -14.39 33.76 -18.39
CA PRO B 430 -14.11 33.89 -19.83
C PRO B 430 -12.65 34.21 -20.09
N GLU B 431 -12.30 34.17 -21.37
CA GLU B 431 -10.92 34.34 -21.81
C GLU B 431 -10.61 35.81 -22.05
N THR B 432 -9.50 36.28 -21.48
CA THR B 432 -9.05 37.65 -21.66
C THR B 432 -7.58 37.71 -22.11
N GLU B 433 -7.04 36.60 -22.62
CA GLU B 433 -5.66 36.53 -23.06
C GLU B 433 -5.61 35.90 -24.44
N THR B 434 -4.39 35.66 -24.92
CA THR B 434 -4.18 35.04 -26.23
C THR B 434 -3.66 33.62 -26.04
N PRO B 435 -4.38 32.59 -26.48
CA PRO B 435 -3.86 31.23 -26.35
C PRO B 435 -2.62 31.01 -27.20
N LYS B 436 -1.72 30.18 -26.70
CA LYS B 436 -0.46 29.89 -27.38
C LYS B 436 -0.44 28.52 -28.05
N ILE B 437 -1.05 27.51 -27.44
CA ILE B 437 -0.97 26.15 -27.97
C ILE B 437 -1.81 26.04 -29.23
N ASN B 438 -1.37 25.19 -30.15
CA ASN B 438 -2.04 24.99 -31.43
C ASN B 438 -2.61 23.58 -31.51
N LEU B 439 -3.36 23.33 -32.58
CA LEU B 439 -4.15 22.10 -32.69
C LEU B 439 -3.25 20.87 -32.80
N LYS B 440 -2.20 20.95 -33.62
CA LYS B 440 -1.34 19.78 -33.82
C LYS B 440 -0.66 19.37 -32.51
N ASN B 441 -0.19 20.36 -31.75
CA ASN B 441 0.46 20.05 -30.47
C ASN B 441 -0.52 19.45 -29.48
N ALA B 442 -1.74 19.97 -29.43
CA ALA B 442 -2.71 19.48 -28.46
C ALA B 442 -3.17 18.07 -28.80
N MET B 443 -3.45 17.81 -30.08
CA MET B 443 -4.00 16.51 -30.45
C MET B 443 -3.00 15.38 -30.23
N LYS B 444 -1.72 15.62 -30.47
CA LYS B 444 -0.72 14.58 -30.22
C LYS B 444 -0.69 14.25 -28.74
N MET B 445 -0.92 12.98 -28.41
CA MET B 445 -0.94 12.52 -27.02
C MET B 445 0.10 11.41 -26.88
N GLU B 446 1.04 11.60 -25.95
CA GLU B 446 2.15 10.68 -25.80
C GLU B 446 1.68 9.45 -25.04
N SER B 447 1.72 8.30 -25.70
CA SER B 447 1.39 7.04 -25.04
C SER B 447 2.44 6.69 -24.00
N GLY B 448 2.08 5.76 -23.12
CA GLY B 448 2.92 5.42 -21.99
C GLY B 448 4.14 4.61 -22.40
N ASP B 449 4.97 4.34 -21.40
CA ASP B 449 6.20 3.56 -21.61
C ASP B 449 5.91 2.08 -21.39
N SER B 450 5.15 1.52 -22.33
CA SER B 450 4.76 0.12 -22.31
C SER B 450 5.24 -0.54 -23.59
N ARG B 451 6.05 -1.59 -23.44
CA ARG B 451 6.59 -2.28 -24.61
C ARG B 451 5.56 -3.19 -25.28
N ASN B 452 4.65 -3.78 -24.50
CA ASN B 452 3.66 -4.69 -25.07
C ASN B 452 2.36 -4.58 -24.27
N LEU B 453 1.34 -5.28 -24.78
CA LEU B 453 0.01 -5.20 -24.21
C LEU B 453 -0.03 -5.70 -22.77
N LEU B 454 0.68 -6.80 -22.49
CA LEU B 454 0.65 -7.39 -21.16
C LEU B 454 1.34 -6.50 -20.14
N GLU B 455 2.42 -5.83 -20.54
CA GLU B 455 3.05 -4.85 -19.65
C GLU B 455 2.09 -3.72 -19.33
N ALA B 456 1.32 -3.28 -20.33
CA ALA B 456 0.31 -2.26 -20.09
C ALA B 456 -0.74 -2.75 -19.11
N ALA B 457 -1.17 -4.01 -19.24
CA ALA B 457 -2.13 -4.57 -18.30
C ALA B 457 -1.57 -4.58 -16.88
N THR B 458 -0.31 -5.00 -16.72
CA THR B 458 0.29 -5.01 -15.39
C THR B 458 0.38 -3.60 -14.81
N GLN B 459 0.80 -2.63 -15.64
CA GLN B 459 0.87 -1.25 -15.16
C GLN B 459 -0.50 -0.74 -14.73
N GLY B 460 -1.53 -1.02 -15.51
CA GLY B 460 -2.86 -0.61 -15.13
C GLY B 460 -3.33 -1.26 -13.84
N ALA B 461 -3.02 -2.54 -13.68
CA ALA B 461 -3.41 -3.24 -12.46
C ALA B 461 -2.71 -2.67 -11.23
N SER B 462 -1.41 -2.41 -11.33
CA SER B 462 -0.66 -1.92 -10.17
C SER B 462 -1.19 -0.56 -9.71
N SER B 463 -1.50 0.32 -10.65
CA SER B 463 -1.96 1.66 -10.29
C SER B 463 -3.28 1.63 -9.53
N SER B 464 -4.05 0.56 -9.65
CA SER B 464 -5.37 0.48 -9.04
C SER B 464 -5.32 0.18 -7.54
N ILE B 465 -4.15 -0.15 -7.00
CA ILE B 465 -4.04 -0.48 -5.59
C ILE B 465 -4.40 0.74 -4.73
N SER B 466 -3.75 1.87 -5.01
CA SER B 466 -3.99 3.07 -4.23
C SER B 466 -5.43 3.53 -4.37
N LEU B 467 -5.99 3.43 -5.57
CA LEU B 467 -7.36 3.85 -5.80
C LEU B 467 -8.32 3.13 -4.85
N VAL B 468 -8.28 1.80 -4.84
CA VAL B 468 -9.21 1.03 -4.04
C VAL B 468 -8.92 1.21 -2.56
N ALA B 469 -7.64 1.28 -2.18
CA ALA B 469 -7.29 1.49 -0.78
C ALA B 469 -7.89 2.79 -0.26
N ASN B 470 -7.67 3.89 -0.99
CA ASN B 470 -8.20 5.18 -0.58
C ASN B 470 -9.72 5.16 -0.58
N ILE B 471 -10.33 4.53 -1.58
CA ILE B 471 -11.80 4.45 -1.61
C ILE B 471 -12.31 3.82 -0.32
N ALA B 472 -11.74 2.67 0.05
CA ALA B 472 -12.22 1.95 1.22
C ALA B 472 -12.01 2.75 2.50
N VAL B 473 -10.81 3.30 2.68
CA VAL B 473 -10.52 4.02 3.92
C VAL B 473 -11.39 5.27 4.04
N ASN B 474 -11.53 6.02 2.94
CA ASN B 474 -12.37 7.22 2.98
C ASN B 474 -13.82 6.87 3.26
N LEU B 475 -14.32 5.77 2.69
CA LEU B 475 -15.68 5.35 3.00
C LEU B 475 -15.83 5.03 4.48
N ILE B 476 -14.88 4.30 5.05
CA ILE B 476 -14.94 3.97 6.47
C ILE B 476 -15.02 5.24 7.29
N ALA B 477 -14.09 6.17 7.05
CA ALA B 477 -14.02 7.38 7.85
C ALA B 477 -15.29 8.23 7.68
N PHE B 478 -15.76 8.39 6.44
CA PHE B 478 -16.93 9.22 6.20
C PHE B 478 -18.17 8.65 6.88
N LEU B 479 -18.37 7.33 6.79
CA LEU B 479 -19.57 6.76 7.41
C LEU B 479 -19.48 6.83 8.93
N ALA B 480 -18.29 6.62 9.49
CA ALA B 480 -18.13 6.78 10.94
C ALA B 480 -18.44 8.22 11.37
N LEU B 481 -17.94 9.19 10.63
CA LEU B 481 -18.23 10.59 10.94
C LEU B 481 -19.71 10.89 10.81
N LEU B 482 -20.36 10.33 9.80
CA LEU B 482 -21.80 10.53 9.64
C LEU B 482 -22.56 9.99 10.85
N SER B 483 -22.21 8.79 11.30
CA SER B 483 -22.87 8.22 12.48
C SER B 483 -22.66 9.10 13.71
N PHE B 484 -21.42 9.55 13.92
CA PHE B 484 -21.15 10.40 15.08
C PHE B 484 -21.93 11.71 15.00
N MET B 485 -21.95 12.33 13.82
CA MET B 485 -22.67 13.59 13.65
C MET B 485 -24.16 13.41 13.92
N ASN B 486 -24.75 12.33 13.40
CA ASN B 486 -26.17 12.11 13.63
C ASN B 486 -26.47 11.87 15.10
N SER B 487 -25.62 11.10 15.78
CA SER B 487 -25.83 10.87 17.21
C SER B 487 -25.73 12.18 18.00
N ALA B 488 -24.73 13.00 17.67
CA ALA B 488 -24.58 14.28 18.36
C ALA B 488 -25.77 15.20 18.11
N LEU B 489 -26.26 15.24 16.86
CA LEU B 489 -27.41 16.07 16.55
C LEU B 489 -28.66 15.60 17.27
N SER B 490 -28.86 14.28 17.36
CA SER B 490 -29.98 13.76 18.14
C SER B 490 -29.84 14.15 19.60
N TRP B 491 -28.62 14.08 20.14
CA TRP B 491 -28.39 14.51 21.52
C TRP B 491 -28.75 15.97 21.71
N LEU B 492 -28.35 16.82 20.77
CA LEU B 492 -28.69 18.24 20.86
C LEU B 492 -30.18 18.47 20.62
N GLY B 493 -30.79 17.68 19.74
CA GLY B 493 -32.19 17.88 19.42
C GLY B 493 -33.14 17.45 20.52
N ASN B 494 -32.70 16.59 21.43
CA ASN B 494 -33.57 16.15 22.51
C ASN B 494 -33.85 17.26 23.51
N MET B 495 -33.02 18.29 23.55
CA MET B 495 -33.28 19.41 24.45
C MET B 495 -34.60 20.08 24.14
N PHE B 496 -34.90 20.25 22.84
CA PHE B 496 -36.15 20.84 22.39
C PHE B 496 -37.21 19.79 22.08
N ASP B 497 -37.08 18.59 22.64
CA ASP B 497 -38.06 17.52 22.43
C ASP B 497 -38.17 17.14 20.95
N TYR B 498 -37.07 17.29 20.20
CA TYR B 498 -37.00 16.93 18.80
C TYR B 498 -35.77 16.06 18.59
N PRO B 499 -35.83 14.78 18.97
CA PRO B 499 -34.67 13.90 18.83
C PRO B 499 -34.43 13.36 17.43
N GLN B 500 -35.27 13.74 16.46
CA GLN B 500 -35.13 13.25 15.10
C GLN B 500 -34.22 14.12 14.24
N LEU B 501 -33.64 15.18 14.81
CA LEU B 501 -32.73 16.03 14.05
C LEU B 501 -31.54 15.21 13.54
N SER B 502 -31.14 15.48 12.31
CA SER B 502 -30.07 14.72 11.68
C SER B 502 -29.49 15.52 10.52
N PHE B 503 -28.38 15.01 10.00
CA PHE B 503 -27.77 15.56 8.80
C PHE B 503 -28.73 15.51 7.62
N GLU B 504 -29.46 14.40 7.48
CA GLU B 504 -30.36 14.24 6.35
C GLU B 504 -31.48 15.28 6.36
N VAL B 505 -32.06 15.56 7.53
CA VAL B 505 -33.14 16.53 7.62
C VAL B 505 -32.65 17.91 7.20
N ILE B 506 -31.49 18.32 7.73
CA ILE B 506 -30.96 19.64 7.41
C ILE B 506 -30.68 19.74 5.92
N CYS B 507 -30.05 18.71 5.35
CA CYS B 507 -29.75 18.75 3.92
C CYS B 507 -31.02 18.74 3.08
N SER B 508 -32.05 18.01 3.50
CA SER B 508 -33.30 17.99 2.77
C SER B 508 -33.95 19.38 2.75
N TYR B 509 -33.88 20.10 3.87
CA TYR B 509 -34.47 21.43 3.92
C TYR B 509 -33.55 22.51 3.37
N VAL B 510 -32.30 22.18 3.06
CA VAL B 510 -31.34 23.17 2.55
C VAL B 510 -31.22 23.11 1.03
N PHE B 511 -30.98 21.92 0.48
CA PHE B 511 -30.77 21.75 -0.95
C PHE B 511 -32.06 21.59 -1.74
N MET B 512 -33.21 21.82 -1.11
CA MET B 512 -34.48 21.61 -1.81
C MET B 512 -34.64 22.51 -3.02
N PRO B 513 -34.33 23.80 -2.97
CA PRO B 513 -34.53 24.65 -4.17
C PRO B 513 -33.76 24.18 -5.38
N PHE B 514 -32.54 23.68 -5.19
CA PHE B 514 -31.75 23.22 -6.33
C PHE B 514 -32.41 22.04 -7.02
N ALA B 515 -33.02 21.15 -6.25
CA ALA B 515 -33.71 20.01 -6.84
C ALA B 515 -35.06 20.40 -7.44
N PHE B 516 -35.74 21.39 -6.84
CA PHE B 516 -37.01 21.83 -7.39
C PHE B 516 -36.82 22.48 -8.76
N MET B 517 -35.76 23.27 -8.92
CA MET B 517 -35.50 23.90 -10.21
C MET B 517 -35.17 22.86 -11.28
N MET B 518 -34.62 21.72 -10.88
CA MET B 518 -34.31 20.67 -11.84
C MET B 518 -35.56 19.94 -12.35
N GLY B 519 -36.72 20.23 -11.79
CA GLY B 519 -37.95 19.62 -12.23
C GLY B 519 -38.47 18.50 -11.37
N VAL B 520 -37.82 18.21 -10.24
CA VAL B 520 -38.33 17.20 -9.33
C VAL B 520 -39.56 17.74 -8.62
N ASP B 521 -40.60 16.91 -8.52
CA ASP B 521 -41.84 17.34 -7.89
C ASP B 521 -41.57 17.72 -6.43
N TRP B 522 -42.60 18.31 -5.81
CA TRP B 522 -42.44 18.86 -4.47
C TRP B 522 -42.05 17.78 -3.47
N GLN B 523 -42.70 16.62 -3.53
CA GLN B 523 -42.46 15.58 -2.53
C GLN B 523 -41.07 15.00 -2.64
N ASP B 524 -40.61 14.70 -3.86
CA ASP B 524 -39.33 14.03 -4.05
C ASP B 524 -38.14 14.98 -4.01
N SER B 525 -38.38 16.29 -4.02
CA SER B 525 -37.27 17.24 -3.94
C SER B 525 -36.54 17.10 -2.62
N PHE B 526 -37.27 16.90 -1.54
CA PHE B 526 -36.65 16.74 -0.23
C PHE B 526 -35.80 15.48 -0.17
N MET B 527 -36.17 14.45 -0.91
CA MET B 527 -35.39 13.22 -0.95
C MET B 527 -34.15 13.37 -1.83
N VAL B 528 -34.27 14.07 -2.95
CA VAL B 528 -33.11 14.30 -3.81
C VAL B 528 -32.11 15.22 -3.11
N ALA B 529 -32.58 16.12 -2.26
CA ALA B 529 -31.69 17.03 -1.56
C ALA B 529 -30.72 16.27 -0.65
N LYS B 530 -31.19 15.18 -0.05
CA LYS B 530 -30.30 14.38 0.79
C LYS B 530 -29.16 13.78 -0.03
N LEU B 531 -29.47 13.28 -1.22
CA LEU B 531 -28.43 12.76 -2.09
C LEU B 531 -27.46 13.86 -2.51
N ILE B 532 -28.00 15.04 -2.81
CA ILE B 532 -27.14 16.17 -3.15
C ILE B 532 -26.19 16.48 -2.01
N GLY B 533 -26.69 16.45 -0.77
CA GLY B 533 -25.82 16.69 0.37
C GLY B 533 -24.75 15.63 0.53
N TYR B 534 -25.15 14.36 0.44
CA TYR B 534 -24.18 13.26 0.50
C TYR B 534 -23.07 13.46 -0.52
N LYS B 535 -23.42 13.84 -1.74
CA LYS B 535 -22.40 14.04 -2.77
C LYS B 535 -21.55 15.27 -2.50
N THR B 536 -22.19 16.37 -2.11
CA THR B 536 -21.47 17.62 -1.90
C THR B 536 -20.43 17.48 -0.82
N PHE B 537 -20.75 16.78 0.27
CA PHE B 537 -19.83 16.70 1.40
C PHE B 537 -18.95 15.47 1.37
N PHE B 538 -19.55 14.29 1.33
CA PHE B 538 -18.72 13.10 1.42
C PHE B 538 -18.15 12.72 0.05
N ASN B 539 -18.99 12.22 -0.85
CA ASN B 539 -18.56 11.83 -2.19
C ASN B 539 -19.75 11.21 -2.91
N GLU B 540 -19.54 10.83 -4.16
CA GLU B 540 -20.59 10.22 -4.96
C GLU B 540 -20.70 8.70 -4.77
N PHE B 541 -19.74 8.06 -4.12
CA PHE B 541 -19.88 6.64 -3.83
C PHE B 541 -20.97 6.39 -2.81
N VAL B 542 -21.25 7.38 -1.97
CA VAL B 542 -22.30 7.29 -0.96
C VAL B 542 -23.67 7.63 -1.54
N ALA B 543 -23.73 8.67 -2.36
CA ALA B 543 -24.99 9.12 -2.92
C ALA B 543 -25.60 8.07 -3.84
N TYR B 544 -24.78 7.48 -4.71
CA TYR B 544 -25.25 6.41 -5.58
C TYR B 544 -25.63 5.18 -4.77
N GLN B 545 -24.92 4.91 -3.67
CA GLN B 545 -25.27 3.79 -2.81
C GLN B 545 -26.66 3.95 -2.22
N GLN B 546 -26.99 5.16 -1.77
CA GLN B 546 -28.34 5.39 -1.24
C GLN B 546 -29.39 5.38 -2.35
N LEU B 547 -29.04 5.92 -3.51
CA LEU B 547 -29.96 5.89 -4.65
C LEU B 547 -30.30 4.47 -5.04
N SER B 548 -29.32 3.57 -4.97
CA SER B 548 -29.57 2.16 -5.28
C SER B 548 -30.57 1.55 -4.30
N LYS B 549 -30.48 1.92 -3.03
CA LYS B 549 -31.46 1.46 -2.06
C LYS B 549 -32.85 1.96 -2.41
N LEU B 550 -32.97 3.23 -2.77
CA LEU B 550 -34.28 3.76 -3.13
C LEU B 550 -34.85 3.03 -4.35
N ILE B 551 -34.01 2.79 -5.35
CA ILE B 551 -34.44 2.08 -6.55
C ILE B 551 -34.90 0.67 -6.21
N SER B 552 -34.14 -0.03 -5.36
CA SER B 552 -34.50 -1.40 -4.98
C SER B 552 -35.82 -1.41 -4.21
N LEU B 553 -36.04 -0.43 -3.35
CA LEU B 553 -37.30 -0.35 -2.62
C LEU B 553 -38.47 -0.18 -3.59
N ARG B 554 -38.30 0.68 -4.59
CA ARG B 554 -39.36 0.83 -5.59
C ARG B 554 -39.60 -0.48 -6.34
N GLN B 555 -38.53 -1.16 -6.72
CA GLN B 555 -38.68 -2.39 -7.49
C GLN B 555 -39.38 -3.47 -6.68
N VAL B 556 -39.11 -3.51 -5.37
CA VAL B 556 -39.76 -4.50 -4.52
C VAL B 556 -41.28 -4.31 -4.54
N GLY B 557 -41.74 -3.07 -4.48
CA GLY B 557 -43.16 -2.77 -4.60
C GLY B 557 -43.89 -2.64 -3.29
N GLY B 558 -43.18 -2.41 -2.18
CA GLY B 558 -43.83 -2.24 -0.90
C GLY B 558 -44.53 -0.92 -0.79
N PRO B 559 -45.10 -0.62 0.38
CA PRO B 559 -45.82 0.64 0.55
C PRO B 559 -44.92 1.85 0.33
N LYS B 560 -45.43 2.82 -0.43
CA LYS B 560 -44.66 4.02 -0.71
C LYS B 560 -44.47 4.84 0.57
N PHE B 561 -45.48 4.84 1.44
CA PHE B 561 -45.45 5.57 2.71
C PHE B 561 -45.69 4.59 3.85
N VAL B 562 -44.82 4.62 4.85
CA VAL B 562 -45.02 3.89 6.09
C VAL B 562 -44.87 4.87 7.26
N ASP B 563 -45.91 5.00 8.07
CA ASP B 563 -45.90 5.92 9.20
C ASP B 563 -45.66 7.35 8.75
N GLY B 564 -46.14 7.70 7.56
CA GLY B 564 -45.96 9.04 7.03
C GLY B 564 -44.55 9.36 6.61
N VAL B 565 -43.75 8.35 6.30
CA VAL B 565 -42.38 8.52 5.83
C VAL B 565 -42.30 7.94 4.42
N GLN B 566 -41.90 8.77 3.46
CA GLN B 566 -41.77 8.30 2.09
C GLN B 566 -40.59 7.34 1.99
N GLN B 567 -40.83 6.17 1.38
CA GLN B 567 -39.82 5.13 1.29
C GLN B 567 -39.08 5.14 -0.04
N TYR B 568 -39.75 5.55 -1.13
CA TYR B 568 -39.10 5.64 -2.42
C TYR B 568 -39.81 6.70 -3.24
N MET B 569 -39.23 7.02 -4.40
CA MET B 569 -39.71 8.07 -5.28
C MET B 569 -39.91 7.49 -6.68
N SER B 570 -40.22 8.37 -7.62
CA SER B 570 -40.62 7.97 -8.96
C SER B 570 -39.40 7.65 -9.83
N MET B 571 -39.70 7.16 -11.04
CA MET B 571 -38.64 6.84 -12.01
C MET B 571 -37.97 8.10 -12.54
N ARG B 572 -38.76 9.13 -12.84
CA ARG B 572 -38.21 10.36 -13.39
C ARG B 572 -37.26 11.02 -12.41
N SER B 573 -37.63 11.05 -11.12
CA SER B 573 -36.75 11.61 -10.11
C SER B 573 -35.46 10.82 -10.01
N GLU B 574 -35.53 9.50 -10.14
CA GLU B 574 -34.32 8.68 -10.08
C GLU B 574 -33.41 8.99 -11.27
N ALA B 575 -33.97 9.16 -12.47
CA ALA B 575 -33.14 9.55 -13.60
C ALA B 575 -32.50 10.92 -13.40
N ILE B 576 -33.30 11.88 -12.93
CA ILE B 576 -32.77 13.23 -12.73
C ILE B 576 -31.64 13.22 -11.70
N SER B 577 -31.80 12.43 -10.64
CA SER B 577 -30.74 12.28 -9.65
C SER B 577 -29.52 11.59 -10.24
N THR B 578 -29.72 10.64 -11.15
CA THR B 578 -28.58 10.00 -11.79
C THR B 578 -27.77 11.01 -12.58
N TYR B 579 -28.45 11.89 -13.31
CA TYR B 579 -27.74 12.93 -14.06
C TYR B 579 -27.07 13.94 -13.13
N ALA B 580 -27.74 14.32 -12.05
CA ALA B 580 -27.21 15.35 -11.15
C ALA B 580 -25.96 14.89 -10.42
N LEU B 581 -25.91 13.64 -10.00
CA LEU B 581 -24.86 13.14 -9.12
C LEU B 581 -23.60 12.69 -9.85
N CYS B 582 -23.61 12.69 -11.18
CA CYS B 582 -22.47 12.18 -11.96
C CYS B 582 -21.36 13.22 -12.00
N GLY B 583 -20.51 13.19 -10.98
CA GLY B 583 -19.41 14.12 -10.91
C GLY B 583 -18.47 13.76 -9.78
N PHE B 584 -17.30 14.41 -9.78
CA PHE B 584 -16.29 14.23 -8.75
C PHE B 584 -16.13 15.50 -7.91
N ALA B 585 -17.14 16.35 -7.87
CA ALA B 585 -17.05 17.64 -7.19
C ALA B 585 -17.42 17.46 -5.72
N ASN B 586 -16.40 17.36 -4.87
CA ASN B 586 -16.58 17.39 -3.43
C ASN B 586 -15.47 18.23 -2.82
N PHE B 587 -15.74 18.75 -1.63
CA PHE B 587 -14.79 19.61 -0.94
C PHE B 587 -13.46 18.90 -0.71
N GLY B 588 -13.48 17.58 -0.51
CA GLY B 588 -12.24 16.85 -0.30
C GLY B 588 -11.35 16.82 -1.52
N SER B 589 -11.94 16.68 -2.71
CA SER B 589 -11.17 16.52 -3.93
C SER B 589 -10.39 17.79 -4.32
N LEU B 590 -10.71 18.92 -3.70
CA LEU B 590 -10.03 20.16 -4.04
C LEU B 590 -8.53 20.05 -3.78
N GLY B 591 -8.16 19.52 -2.62
CA GLY B 591 -6.76 19.43 -2.27
C GLY B 591 -5.98 18.49 -3.16
N ILE B 592 -6.55 17.32 -3.46
CA ILE B 592 -5.83 16.34 -4.28
C ILE B 592 -5.70 16.86 -5.71
N VAL B 593 -6.74 17.53 -6.21
CA VAL B 593 -6.67 18.11 -7.55
C VAL B 593 -5.57 19.16 -7.61
N ILE B 594 -5.55 20.06 -6.62
CA ILE B 594 -4.53 21.12 -6.61
C ILE B 594 -3.13 20.49 -6.54
N GLY B 595 -2.96 19.51 -5.65
CA GLY B 595 -1.66 18.89 -5.51
C GLY B 595 -1.18 18.25 -6.79
N GLY B 596 -2.06 17.48 -7.44
CA GLY B 596 -1.66 16.84 -8.69
C GLY B 596 -1.33 17.83 -9.77
N LEU B 597 -2.16 18.86 -9.94
CA LEU B 597 -1.94 19.81 -11.01
C LEU B 597 -0.69 20.65 -10.76
N THR B 598 -0.35 20.92 -9.49
CA THR B 598 0.91 21.57 -9.19
C THR B 598 2.08 20.65 -9.45
N SER B 599 1.95 19.37 -9.09
CA SER B 599 3.01 18.41 -9.36
C SER B 599 3.29 18.29 -10.85
N MET B 600 2.26 18.44 -11.68
CA MET B 600 2.48 18.44 -13.13
C MET B 600 3.06 19.76 -13.61
N ALA B 601 2.64 20.88 -13.03
CA ALA B 601 3.07 22.21 -13.44
C ALA B 601 3.46 23.02 -12.20
N PRO B 602 4.67 22.83 -11.69
CA PRO B 602 5.05 23.53 -10.45
C PRO B 602 5.00 25.05 -10.57
N SER B 603 5.29 25.60 -11.75
CA SER B 603 5.39 27.04 -11.90
C SER B 603 4.03 27.73 -11.80
N ARG B 604 2.93 27.02 -12.06
CA ARG B 604 1.60 27.61 -12.09
C ARG B 604 0.84 27.40 -10.79
N LYS B 605 1.54 27.22 -9.67
CA LYS B 605 0.88 26.95 -8.41
C LYS B 605 -0.01 28.11 -7.99
N ARG B 606 0.44 29.35 -8.22
CA ARG B 606 -0.35 30.50 -7.82
C ARG B 606 -1.68 30.56 -8.56
N ASP B 607 -1.67 30.24 -9.85
CA ASP B 607 -2.89 30.31 -10.64
C ASP B 607 -3.82 29.13 -10.32
N ILE B 608 -3.25 27.96 -10.07
CA ILE B 608 -4.06 26.77 -9.83
C ILE B 608 -4.94 26.96 -8.60
N THR B 609 -4.37 27.49 -7.51
CA THR B 609 -5.13 27.65 -6.28
C THR B 609 -6.26 28.66 -6.44
N ALA B 610 -6.09 29.63 -7.34
CA ALA B 610 -7.06 30.73 -7.44
C ALA B 610 -8.39 30.26 -8.00
N GLY B 611 -8.37 29.43 -9.05
CA GLY B 611 -9.58 29.05 -9.75
C GLY B 611 -10.19 27.74 -9.35
N ALA B 612 -9.61 27.02 -8.37
CA ALA B 612 -10.08 25.69 -8.04
C ALA B 612 -11.51 25.71 -7.50
N MET B 613 -11.82 26.66 -6.61
CA MET B 613 -13.15 26.71 -6.02
C MET B 613 -14.20 27.07 -7.06
N ARG B 614 -13.91 28.05 -7.92
CA ARG B 614 -14.82 28.37 -9.00
C ARG B 614 -15.02 27.18 -9.92
N ALA B 615 -13.96 26.41 -10.16
CA ALA B 615 -14.09 25.21 -10.99
C ALA B 615 -15.00 24.19 -10.35
N LEU B 616 -14.88 24.00 -9.03
CA LEU B 616 -15.73 23.06 -8.32
C LEU B 616 -17.20 23.48 -8.42
N ILE B 617 -17.47 24.77 -8.22
CA ILE B 617 -18.84 25.26 -8.31
C ILE B 617 -19.36 25.09 -9.73
N ALA B 618 -18.53 25.40 -10.73
CA ALA B 618 -18.94 25.26 -12.12
C ALA B 618 -19.24 23.81 -12.47
N GLY B 619 -18.47 22.87 -11.94
CA GLY B 619 -18.76 21.46 -12.17
C GLY B 619 -20.11 21.06 -11.61
N THR B 620 -20.39 21.47 -10.37
CA THR B 620 -21.70 21.19 -9.80
C THR B 620 -22.81 21.78 -10.67
N ILE B 621 -22.64 23.02 -11.12
CA ILE B 621 -23.66 23.67 -11.92
C ILE B 621 -23.85 22.94 -13.25
N ALA B 622 -22.77 22.46 -13.84
CA ALA B 622 -22.87 21.71 -15.10
C ALA B 622 -23.64 20.42 -14.91
N CYS B 623 -23.36 19.70 -13.82
CA CYS B 623 -24.15 18.52 -13.51
C CYS B 623 -25.64 18.86 -13.41
N PHE B 624 -25.94 19.96 -12.73
CA PHE B 624 -27.34 20.36 -12.59
C PHE B 624 -27.95 20.72 -13.93
N LEU B 625 -27.19 21.35 -14.82
CA LEU B 625 -27.70 21.69 -16.14
C LEU B 625 -28.03 20.43 -16.94
N THR B 626 -27.15 19.43 -16.88
CA THR B 626 -27.44 18.16 -17.55
C THR B 626 -28.71 17.55 -17.00
N ALA B 627 -28.88 17.59 -15.67
CA ALA B 627 -30.08 17.05 -15.05
C ALA B 627 -31.34 17.81 -15.50
N CYS B 628 -31.25 19.13 -15.61
CA CYS B 628 -32.40 19.90 -16.07
C CYS B 628 -32.78 19.53 -17.49
N ILE B 629 -31.79 19.38 -18.37
CA ILE B 629 -32.09 18.98 -19.75
C ILE B 629 -32.72 17.60 -19.77
N ALA B 630 -32.23 16.68 -18.95
CA ALA B 630 -32.85 15.36 -18.86
C ALA B 630 -34.30 15.47 -18.41
N GLY B 631 -34.55 16.29 -17.39
CA GLY B 631 -35.89 16.39 -16.83
C GLY B 631 -36.90 17.00 -17.77
N MET B 632 -36.48 17.98 -18.57
CA MET B 632 -37.43 18.62 -19.48
C MET B 632 -37.82 17.74 -20.65
N LEU B 633 -37.19 16.59 -20.81
CA LEU B 633 -37.51 15.66 -21.90
C LEU B 633 -38.19 14.39 -21.43
N THR B 634 -37.87 13.91 -20.22
CA THR B 634 -38.53 12.73 -19.69
C THR B 634 -39.97 13.04 -19.33
N ASN B 635 -40.81 12.02 -19.40
CA ASN B 635 -42.24 12.14 -19.14
C ASN B 635 -42.59 11.60 -17.77
N THR B 636 -43.71 12.09 -17.23
CA THR B 636 -44.19 11.63 -15.94
C THR B 636 -45.04 10.37 -16.14
N PRO B 637 -44.64 9.22 -15.57
CA PRO B 637 -45.46 8.02 -15.75
C PRO B 637 -46.75 8.06 -14.94
N GLU C 105 33.63 11.54 39.07
CA GLU C 105 33.52 10.17 38.62
C GLU C 105 34.89 9.59 38.26
N ARG C 106 35.82 9.65 39.22
CA ARG C 106 37.15 9.11 38.98
C ARG C 106 37.10 7.61 38.72
N MET C 107 36.27 6.89 39.49
CA MET C 107 36.14 5.45 39.27
C MET C 107 35.60 5.16 37.88
N CYS C 108 34.63 5.94 37.41
CA CYS C 108 34.10 5.74 36.06
C CYS C 108 35.19 5.97 35.01
N GLY C 109 36.00 7.01 35.19
CA GLY C 109 37.08 7.25 34.25
C GLY C 109 38.11 6.13 34.25
N ARG C 110 38.45 5.61 35.43
CA ARG C 110 39.37 4.49 35.51
C ARG C 110 38.80 3.27 34.83
N MET C 111 37.50 2.99 35.02
CA MET C 111 36.88 1.85 34.37
C MET C 111 36.88 2.02 32.85
N SER C 112 36.58 3.23 32.37
CA SER C 112 36.60 3.47 30.93
C SER C 112 38.00 3.30 30.37
N ASP C 113 39.01 3.79 31.08
CA ASP C 113 40.39 3.61 30.63
C ASP C 113 40.77 2.15 30.59
N PHE C 114 40.38 1.38 31.60
CA PHE C 114 40.67 -0.05 31.61
C PHE C 114 39.99 -0.75 30.44
N CYS C 115 38.73 -0.40 30.18
CA CYS C 115 38.02 -1.00 29.05
C CYS C 115 38.70 -0.67 27.73
N ARG C 116 39.12 0.58 27.56
CA ARG C 116 39.80 0.97 26.33
C ARG C 116 41.13 0.25 26.17
N GLU C 117 41.86 0.07 27.27
CA GLU C 117 43.19 -0.52 27.19
C GLU C 117 43.15 -1.94 26.66
N HIS C 118 42.17 -2.74 27.11
CA HIS C 118 42.09 -4.16 26.78
C HIS C 118 40.72 -4.49 26.18
N LYS C 119 40.29 -3.66 25.22
CA LYS C 119 39.00 -3.90 24.58
C LYS C 119 38.99 -5.23 23.83
N THR C 120 40.06 -5.55 23.11
CA THR C 120 40.08 -6.74 22.28
C THR C 120 39.96 -8.01 23.13
N THR C 121 40.71 -8.09 24.22
CA THR C 121 40.73 -9.30 25.02
C THR C 121 39.40 -9.54 25.72
N LEU C 122 38.72 -8.46 26.14
CA LEU C 122 37.47 -8.60 26.89
C LEU C 122 36.39 -9.26 26.04
N ARG C 123 36.16 -8.74 24.83
CA ARG C 123 35.12 -9.28 23.97
C ARG C 123 35.49 -10.69 23.50
N TYR C 124 36.77 -10.93 23.23
CA TYR C 124 37.20 -12.27 22.85
C TYR C 124 36.92 -13.26 23.97
N ILE C 125 37.20 -12.87 25.22
CA ILE C 125 36.92 -13.74 26.35
C ILE C 125 35.43 -14.00 26.49
N ILE C 126 34.62 -12.96 26.29
CA ILE C 126 33.16 -13.13 26.40
C ILE C 126 32.68 -14.13 25.35
N TRP C 127 33.14 -13.98 24.11
CA TRP C 127 32.73 -14.89 23.05
C TRP C 127 33.21 -16.30 23.33
N GLY C 128 34.43 -16.45 23.84
CA GLY C 128 34.92 -17.76 24.21
C GLY C 128 34.08 -18.41 25.30
N ILE C 129 33.63 -17.62 26.27
CA ILE C 129 32.78 -18.15 27.33
C ILE C 129 31.45 -18.60 26.76
N LEU C 130 30.86 -17.82 25.85
CA LEU C 130 29.62 -18.24 25.22
C LEU C 130 29.81 -19.54 24.45
N ILE C 131 30.91 -19.65 23.70
CA ILE C 131 31.19 -20.87 22.95
C ILE C 131 31.35 -22.05 23.89
N ALA C 132 32.05 -21.85 25.00
CA ALA C 132 32.23 -22.92 25.97
C ALA C 132 30.89 -23.36 26.56
N GLY C 133 30.01 -22.41 26.84
CA GLY C 133 28.68 -22.77 27.33
C GLY C 133 27.90 -23.59 26.32
N TYR C 134 27.93 -23.18 25.04
CA TYR C 134 27.24 -23.94 24.02
C TYR C 134 27.80 -25.35 23.91
N LEU C 135 29.13 -25.48 23.93
CA LEU C 135 29.74 -26.80 23.84
C LEU C 135 29.39 -27.65 25.07
N ALA C 136 29.31 -27.02 26.25
CA ALA C 136 28.91 -27.74 27.44
C ALA C 136 27.49 -28.28 27.30
N LEU C 137 26.58 -27.45 26.78
CA LEU C 137 25.22 -27.92 26.56
C LEU C 137 25.20 -29.10 25.60
N VAL C 138 25.97 -29.00 24.51
CA VAL C 138 25.97 -30.07 23.50
C VAL C 138 26.48 -31.36 24.11
N ILE C 139 27.61 -31.28 24.84
CA ILE C 139 28.21 -32.49 25.38
C ILE C 139 27.33 -33.10 26.45
N ALA C 140 26.71 -32.26 27.29
CA ALA C 140 25.80 -32.80 28.31
C ALA C 140 24.60 -33.49 27.66
N ALA C 141 24.05 -32.89 26.59
CA ALA C 141 22.94 -33.52 25.90
C ALA C 141 23.34 -34.86 25.31
N CYS C 142 24.54 -34.92 24.72
CA CYS C 142 25.01 -36.20 24.18
C CYS C 142 25.21 -37.22 25.27
N VAL C 143 25.71 -36.79 26.43
CA VAL C 143 25.93 -37.71 27.55
C VAL C 143 24.61 -38.29 28.05
N MET C 144 23.61 -37.43 28.25
CA MET C 144 22.33 -37.91 28.75
C MET C 144 21.70 -38.91 27.79
N ASN C 145 21.76 -38.62 26.49
CA ASN C 145 21.25 -39.54 25.48
C ASN C 145 21.86 -39.13 24.14
N PHE C 146 22.42 -40.11 23.42
CA PHE C 146 23.13 -39.82 22.18
C PHE C 146 22.21 -39.87 20.97
N HIS C 147 21.41 -40.93 20.86
CA HIS C 147 20.50 -41.04 19.71
C HIS C 147 19.54 -39.86 19.64
N ARG C 148 19.16 -39.32 20.80
CA ARG C 148 18.25 -38.19 20.83
C ARG C 148 18.94 -36.88 20.48
N ALA C 149 20.24 -36.77 20.77
CA ALA C 149 20.99 -35.54 20.55
C ALA C 149 21.87 -35.59 19.31
N LEU C 150 21.65 -36.57 18.43
CA LEU C 150 22.52 -36.72 17.26
C LEU C 150 22.49 -35.50 16.35
N PRO C 151 21.34 -34.98 15.93
CA PRO C 151 21.36 -33.85 14.99
C PRO C 151 22.09 -32.63 15.49
N LEU C 152 21.97 -32.32 16.79
CA LEU C 152 22.70 -31.20 17.36
C LEU C 152 24.20 -31.42 17.25
N PHE C 153 24.65 -32.63 17.56
CA PHE C 153 26.06 -32.97 17.43
C PHE C 153 26.53 -32.82 15.99
N VAL C 154 25.73 -33.28 15.03
CA VAL C 154 26.11 -33.19 13.62
C VAL C 154 26.23 -31.74 13.20
N ILE C 155 25.26 -30.91 13.59
CA ILE C 155 25.28 -29.50 13.22
C ILE C 155 26.52 -28.82 13.79
N THR C 156 26.81 -29.10 15.07
CA THR C 156 28.00 -28.51 15.69
C THR C 156 29.26 -28.95 14.97
N VAL C 157 29.35 -30.23 14.63
CA VAL C 157 30.55 -30.75 13.97
C VAL C 157 30.76 -30.07 12.63
N VAL C 158 29.69 -29.97 11.82
CA VAL C 158 29.85 -29.37 10.49
C VAL C 158 30.19 -27.89 10.62
N ALA C 159 29.58 -27.19 11.57
CA ALA C 159 29.93 -25.78 11.77
C ALA C 159 31.38 -25.61 12.14
N ILE C 160 31.88 -26.46 13.06
CA ILE C 160 33.28 -26.38 13.45
C ILE C 160 34.19 -26.65 12.25
N PHE C 161 33.85 -27.67 11.48
CA PHE C 161 34.67 -28.01 10.31
C PHE C 161 34.75 -26.85 9.35
N PHE C 162 33.60 -26.23 9.05
CA PHE C 162 33.60 -25.13 8.09
C PHE C 162 34.37 -23.92 8.63
N VAL C 163 34.21 -23.62 9.92
CA VAL C 163 34.94 -22.50 10.50
C VAL C 163 36.43 -22.71 10.39
N VAL C 164 36.90 -23.90 10.78
CA VAL C 164 38.32 -24.21 10.72
C VAL C 164 38.82 -24.14 9.29
N TRP C 165 38.04 -24.70 8.35
CA TRP C 165 38.45 -24.69 6.95
C TRP C 165 38.59 -23.26 6.43
N ASP C 166 37.60 -22.41 6.72
CA ASP C 166 37.67 -21.03 6.26
C ASP C 166 38.88 -20.32 6.85
N HIS C 167 39.14 -20.52 8.15
CA HIS C 167 40.29 -19.89 8.76
C HIS C 167 41.58 -20.34 8.09
N LEU C 168 41.72 -21.64 7.85
CA LEU C 168 42.93 -22.16 7.23
C LEU C 168 43.10 -21.63 5.81
N MET C 169 42.03 -21.63 5.02
CA MET C 169 42.14 -21.13 3.65
C MET C 169 42.53 -19.66 3.64
N ALA C 170 41.94 -18.86 4.54
CA ALA C 170 42.31 -17.45 4.61
C ALA C 170 43.76 -17.28 5.02
N LYS C 171 44.24 -18.09 5.96
CA LYS C 171 45.58 -17.91 6.49
C LYS C 171 46.66 -18.45 5.55
N TYR C 172 46.48 -19.68 5.05
CA TYR C 172 47.51 -20.36 4.28
C TYR C 172 47.21 -20.38 2.78
N GLU C 173 46.59 -19.31 2.27
CA GLU C 173 46.25 -19.29 0.85
C GLU C 173 47.50 -19.31 -0.03
N SER C 174 48.48 -18.47 0.31
CA SER C 174 49.68 -18.35 -0.52
C SER C 174 50.46 -19.66 -0.55
N GLN C 175 50.63 -20.29 0.62
CA GLN C 175 51.37 -21.55 0.67
C GLN C 175 50.68 -22.63 -0.15
N ILE C 176 49.36 -22.72 -0.05
CA ILE C 176 48.62 -23.72 -0.81
C ILE C 176 48.75 -23.46 -2.30
N ALA C 177 48.64 -22.20 -2.71
CA ALA C 177 48.78 -21.88 -4.13
C ALA C 177 50.16 -22.25 -4.64
N ARG C 178 51.21 -21.92 -3.87
CA ARG C 178 52.57 -22.27 -4.27
C ARG C 178 52.74 -23.79 -4.35
N PHE C 179 52.15 -24.51 -3.40
CA PHE C 179 52.23 -25.98 -3.42
C PHE C 179 51.54 -26.54 -4.66
N LEU C 180 50.42 -25.94 -5.06
CA LEU C 180 49.69 -26.45 -6.22
C LEU C 180 50.35 -26.08 -7.54
N SER C 181 51.10 -24.98 -7.58
CA SER C 181 51.62 -24.48 -8.85
C SER C 181 52.38 -25.51 -9.66
N PRO C 182 53.31 -26.28 -9.10
CA PRO C 182 54.07 -27.23 -9.94
C PRO C 182 53.19 -28.20 -10.72
N GLY C 183 52.16 -28.75 -10.09
CA GLY C 183 51.27 -29.66 -10.79
C GLY C 183 50.55 -28.97 -11.94
N GLN C 184 50.15 -27.71 -11.73
CA GLN C 184 49.52 -26.95 -12.80
C GLN C 184 50.48 -26.77 -13.97
N ARG C 185 51.75 -26.48 -13.67
CA ARG C 185 52.74 -26.32 -14.74
C ARG C 185 52.91 -27.63 -15.52
N LEU C 186 52.99 -28.76 -14.81
CA LEU C 186 53.15 -30.04 -15.49
C LEU C 186 51.94 -30.35 -16.36
N LEU C 187 50.74 -30.09 -15.83
CA LEU C 187 49.53 -30.33 -16.60
C LEU C 187 49.48 -29.45 -17.83
N ASP C 188 49.87 -28.18 -17.69
CA ASP C 188 49.92 -27.30 -18.85
C ASP C 188 50.92 -27.81 -19.87
N SER C 189 52.06 -28.33 -19.41
CA SER C 189 53.07 -28.85 -20.32
C SER C 189 52.54 -30.02 -21.13
N HIS C 190 51.83 -30.95 -20.48
CA HIS C 190 51.36 -32.15 -21.16
C HIS C 190 49.94 -32.01 -21.73
N TRP C 191 49.32 -30.85 -21.57
CA TRP C 191 47.93 -30.69 -22.01
C TRP C 191 47.77 -30.86 -23.51
N PHE C 192 48.76 -30.38 -24.29
CA PHE C 192 48.60 -30.37 -25.74
C PHE C 192 48.27 -31.75 -26.29
N TRP C 193 48.72 -32.81 -25.60
CA TRP C 193 48.35 -34.17 -25.98
C TRP C 193 47.37 -34.83 -25.03
N LEU C 194 47.28 -34.39 -23.77
CA LEU C 194 46.36 -35.00 -22.82
C LEU C 194 44.92 -34.57 -23.04
N LYS C 195 44.69 -33.44 -23.71
CA LYS C 195 43.33 -32.97 -23.91
C LYS C 195 42.53 -33.94 -24.76
N TRP C 196 43.14 -34.49 -25.81
CA TRP C 196 42.45 -35.44 -26.66
C TRP C 196 42.05 -36.68 -25.86
N VAL C 197 42.94 -37.17 -25.00
CA VAL C 197 42.63 -38.35 -24.20
C VAL C 197 41.45 -38.07 -23.28
N ILE C 198 41.48 -36.93 -22.60
CA ILE C 198 40.41 -36.61 -21.65
C ILE C 198 39.09 -36.48 -22.39
N TRP C 199 39.09 -35.76 -23.52
CA TRP C 199 37.86 -35.57 -24.28
C TRP C 199 37.32 -36.89 -24.80
N GLY C 200 38.19 -37.76 -25.30
CA GLY C 200 37.74 -39.06 -25.76
C GLY C 200 37.15 -39.89 -24.65
N CYS C 201 37.77 -39.86 -23.47
CA CYS C 201 37.21 -40.59 -22.33
C CYS C 201 35.83 -40.07 -21.97
N LEU C 202 35.66 -38.74 -21.96
CA LEU C 202 34.35 -38.18 -21.62
C LEU C 202 33.31 -38.57 -22.66
N ILE C 203 33.65 -38.51 -23.94
CA ILE C 203 32.70 -38.87 -24.99
C ILE C 203 32.32 -40.34 -24.88
N LEU C 204 33.31 -41.20 -24.63
CA LEU C 204 33.02 -42.62 -24.45
C LEU C 204 32.10 -42.85 -23.25
N GLY C 205 32.34 -42.12 -22.16
CA GLY C 205 31.48 -42.25 -21.00
C GLY C 205 30.05 -41.85 -21.31
N VAL C 206 29.88 -40.75 -22.07
CA VAL C 206 28.54 -40.33 -22.46
C VAL C 206 27.86 -41.42 -23.28
N ILE C 207 28.59 -41.98 -24.25
CA ILE C 207 28.02 -43.00 -25.12
C ILE C 207 27.61 -44.23 -24.30
N LEU C 208 28.48 -44.67 -23.39
CA LEU C 208 28.17 -45.84 -22.58
C LEU C 208 26.97 -45.58 -21.69
N TRP C 209 26.91 -44.40 -21.07
CA TRP C 209 25.76 -44.08 -20.24
C TRP C 209 24.48 -44.14 -21.05
N LEU C 210 24.47 -43.50 -22.22
CA LEU C 210 23.30 -43.58 -23.08
C LEU C 210 22.91 -45.03 -23.32
N VAL C 211 23.84 -45.81 -23.87
CA VAL C 211 23.51 -47.15 -24.32
C VAL C 211 22.97 -48.00 -23.17
N PHE C 212 23.62 -47.94 -22.00
CA PHE C 212 23.32 -48.88 -20.93
C PHE C 212 22.29 -48.40 -19.92
N ASP C 213 21.92 -47.12 -19.93
CA ASP C 213 20.86 -46.64 -19.06
C ASP C 213 19.69 -46.04 -19.84
N THR C 214 19.97 -45.09 -20.73
CA THR C 214 18.89 -44.35 -21.38
C THR C 214 18.06 -45.25 -22.28
N ALA C 215 18.72 -46.10 -23.06
CA ALA C 215 18.00 -47.03 -23.93
C ALA C 215 17.16 -48.00 -23.10
N LYS C 216 17.71 -48.50 -22.00
CA LYS C 216 16.95 -49.38 -21.13
C LYS C 216 15.72 -48.68 -20.59
N LEU C 217 15.86 -47.42 -20.17
CA LEU C 217 14.72 -46.69 -19.63
C LEU C 217 13.60 -46.55 -20.65
N GLY C 218 13.95 -46.21 -21.88
CA GLY C 218 12.96 -46.15 -22.94
C GLY C 218 13.31 -45.10 -23.98
N GLN C 219 12.35 -44.87 -24.87
CA GLN C 219 12.53 -43.93 -25.97
C GLN C 219 12.44 -42.47 -25.53
N GLN C 220 11.56 -42.18 -24.58
CA GLN C 220 11.32 -40.79 -24.19
C GLN C 220 12.60 -40.15 -23.64
N GLN C 221 13.44 -40.93 -22.97
CA GLN C 221 14.68 -40.37 -22.44
C GLN C 221 15.65 -40.02 -23.56
N LEU C 222 15.72 -40.87 -24.59
CA LEU C 222 16.52 -40.52 -25.77
C LEU C 222 15.98 -39.27 -26.44
N VAL C 223 14.65 -39.13 -26.48
CA VAL C 223 14.06 -37.91 -27.03
C VAL C 223 14.44 -36.70 -26.19
N SER C 224 14.54 -36.88 -24.88
CA SER C 224 14.99 -35.79 -24.02
C SER C 224 16.42 -35.37 -24.34
N PHE C 225 17.30 -36.36 -24.53
CA PHE C 225 18.68 -36.05 -24.91
C PHE C 225 18.73 -35.33 -26.25
N GLY C 226 17.96 -35.80 -27.22
CA GLY C 226 17.90 -35.12 -28.51
C GLY C 226 17.39 -33.71 -28.39
N GLY C 227 16.40 -33.48 -27.52
CA GLY C 227 15.91 -32.14 -27.30
C GLY C 227 16.95 -31.23 -26.68
N LEU C 228 17.74 -31.77 -25.75
CA LEU C 228 18.86 -31.00 -25.21
C LEU C 228 19.81 -30.56 -26.32
N ILE C 229 20.22 -31.51 -27.16
CA ILE C 229 21.10 -31.19 -28.28
C ILE C 229 20.47 -30.12 -29.17
N ILE C 230 19.17 -30.27 -29.45
CA ILE C 230 18.50 -29.37 -30.39
C ILE C 230 18.40 -27.97 -29.82
N TYR C 231 18.08 -27.84 -28.54
CA TYR C 231 18.03 -26.52 -27.92
C TYR C 231 19.40 -25.85 -27.96
N THR C 232 20.45 -26.62 -27.67
CA THR C 232 21.79 -26.04 -27.73
C THR C 232 22.12 -25.58 -29.15
N SER C 233 21.80 -26.40 -30.15
CA SER C 233 22.09 -26.02 -31.53
C SER C 233 21.31 -24.77 -31.94
N LEU C 234 20.03 -24.69 -31.55
CA LEU C 234 19.25 -23.51 -31.89
C LEU C 234 19.83 -22.26 -31.24
N THR C 235 20.25 -22.37 -29.98
CA THR C 235 20.90 -21.22 -29.34
C THR C 235 22.17 -20.84 -30.08
N PHE C 236 22.90 -21.82 -30.60
CA PHE C 236 24.12 -21.50 -31.34
C PHE C 236 23.81 -20.77 -32.64
N LEU C 237 22.81 -21.25 -33.39
CA LEU C 237 22.51 -20.65 -34.69
C LEU C 237 22.12 -19.19 -34.56
N PHE C 238 21.25 -18.87 -33.59
CA PHE C 238 20.77 -17.51 -33.40
C PHE C 238 21.62 -16.71 -32.43
N SER C 239 22.91 -17.04 -32.31
CA SER C 239 23.78 -16.35 -31.39
C SER C 239 24.13 -14.97 -31.90
N LYS C 240 24.42 -14.07 -30.95
CA LYS C 240 24.81 -12.70 -31.33
C LYS C 240 26.13 -12.71 -32.10
N HIS C 241 27.10 -13.48 -31.63
CA HIS C 241 28.42 -13.58 -32.26
C HIS C 241 28.76 -15.06 -32.41
N PRO C 242 28.20 -15.73 -33.41
CA PRO C 242 28.43 -17.18 -33.54
C PRO C 242 29.90 -17.54 -33.67
N THR C 243 30.70 -16.71 -34.33
CA THR C 243 32.11 -17.05 -34.52
C THR C 243 32.89 -16.94 -33.21
N LYS C 244 32.54 -15.97 -32.37
CA LYS C 244 33.28 -15.69 -31.14
C LYS C 244 32.62 -16.39 -29.95
N VAL C 245 32.68 -17.72 -29.96
CA VAL C 245 32.06 -18.56 -28.94
C VAL C 245 33.15 -19.27 -28.16
N TYR C 246 33.05 -19.20 -26.83
CA TYR C 246 33.96 -19.89 -25.92
C TYR C 246 33.21 -21.08 -25.35
N TRP C 247 33.61 -22.29 -25.77
CA TRP C 247 32.81 -23.49 -25.52
C TRP C 247 33.03 -24.10 -24.14
N ARG C 248 34.06 -23.69 -23.42
CA ARG C 248 34.29 -24.25 -22.08
C ARG C 248 33.10 -24.07 -21.16
N PRO C 249 32.55 -22.86 -20.97
CA PRO C 249 31.42 -22.71 -20.05
C PRO C 249 30.20 -23.53 -20.45
N VAL C 250 29.94 -23.69 -21.75
CA VAL C 250 28.76 -24.42 -22.19
C VAL C 250 28.83 -25.87 -21.71
N PHE C 251 29.90 -26.55 -22.09
CA PHE C 251 30.07 -27.95 -21.72
C PHE C 251 30.15 -28.11 -20.21
N TRP C 252 30.86 -27.21 -19.54
CA TRP C 252 31.00 -27.34 -18.09
C TRP C 252 29.66 -27.17 -17.39
N GLY C 253 28.84 -26.22 -17.84
CA GLY C 253 27.52 -26.05 -17.23
C GLY C 253 26.63 -27.26 -17.45
N ILE C 254 26.61 -27.77 -18.68
CA ILE C 254 25.80 -28.96 -18.95
C ILE C 254 26.28 -30.14 -18.11
N GLY C 255 27.59 -30.29 -17.99
CA GLY C 255 28.13 -31.38 -17.18
C GLY C 255 27.80 -31.23 -15.71
N LEU C 256 27.87 -30.00 -15.18
CA LEU C 256 27.50 -29.79 -13.79
C LEU C 256 26.04 -30.12 -13.56
N GLN C 257 25.17 -29.74 -14.49
CA GLN C 257 23.77 -30.11 -14.37
C GLN C 257 23.60 -31.62 -14.37
N PHE C 258 24.30 -32.31 -15.27
CA PHE C 258 24.18 -33.76 -15.34
C PHE C 258 24.67 -34.42 -14.04
N LEU C 259 25.79 -33.93 -13.50
CA LEU C 259 26.29 -34.49 -12.25
C LEU C 259 25.33 -34.25 -11.09
N LEU C 260 24.78 -33.04 -10.99
CA LEU C 260 23.81 -32.78 -9.94
C LEU C 260 22.59 -33.68 -10.09
N GLY C 261 22.11 -33.86 -11.31
CA GLY C 261 20.98 -34.74 -11.52
C GLY C 261 21.29 -36.17 -11.13
N LEU C 262 22.48 -36.66 -11.48
CA LEU C 262 22.86 -38.00 -11.09
C LEU C 262 22.91 -38.15 -9.57
N LEU C 263 23.50 -37.18 -8.89
CA LEU C 263 23.66 -37.30 -7.45
C LEU C 263 22.32 -37.20 -6.73
N ILE C 264 21.42 -36.35 -7.21
CA ILE C 264 20.17 -36.08 -6.49
C ILE C 264 19.03 -37.00 -6.91
N LEU C 265 19.07 -37.56 -8.11
CA LEU C 265 17.97 -38.37 -8.63
C LEU C 265 18.27 -39.85 -8.67
N ARG C 266 19.53 -40.25 -8.87
CA ARG C 266 19.89 -41.64 -9.09
C ARG C 266 20.80 -42.18 -7.99
N THR C 267 20.79 -41.57 -6.82
CA THR C 267 21.56 -42.05 -5.68
C THR C 267 20.72 -41.91 -4.42
N GLU C 268 20.74 -42.94 -3.58
CA GLU C 268 19.99 -42.89 -2.33
C GLU C 268 20.44 -41.74 -1.44
N PRO C 269 21.73 -41.46 -1.26
CA PRO C 269 22.12 -40.35 -0.38
C PRO C 269 21.53 -39.00 -0.78
N GLY C 270 21.71 -38.59 -2.03
CA GLY C 270 21.20 -37.30 -2.47
C GLY C 270 19.69 -37.26 -2.47
N PHE C 271 19.05 -38.35 -2.90
CA PHE C 271 17.60 -38.42 -2.87
C PHE C 271 17.08 -38.20 -1.45
N MET C 272 17.65 -38.92 -0.48
CA MET C 272 17.23 -38.77 0.91
C MET C 272 17.51 -37.36 1.42
N ALA C 273 18.68 -36.82 1.11
CA ALA C 273 19.03 -35.50 1.59
C ALA C 273 18.04 -34.45 1.11
N PHE C 274 17.73 -34.47 -0.19
CA PHE C 274 16.84 -33.46 -0.73
C PHE C 274 15.38 -33.68 -0.33
N ASP C 275 14.97 -34.95 -0.15
CA ASP C 275 13.63 -35.19 0.39
C ASP C 275 13.51 -34.65 1.80
N TRP C 276 14.52 -34.88 2.64
CA TRP C 276 14.53 -34.35 3.99
C TRP C 276 14.51 -32.82 3.97
N LEU C 277 15.32 -32.22 3.11
CA LEU C 277 15.37 -30.77 2.99
C LEU C 277 14.00 -30.21 2.58
N GLY C 278 13.34 -30.85 1.63
CA GLY C 278 12.01 -30.42 1.25
C GLY C 278 11.01 -30.55 2.38
N LYS C 279 11.09 -31.65 3.14
CA LYS C 279 10.16 -31.84 4.24
C LYS C 279 10.34 -30.77 5.31
N GLN C 280 11.58 -30.35 5.56
CA GLN C 280 11.81 -29.31 6.56
C GLN C 280 11.13 -28.00 6.16
N VAL C 281 11.19 -27.64 4.87
CA VAL C 281 10.53 -26.42 4.40
C VAL C 281 9.03 -26.50 4.60
N GLN C 282 8.45 -27.67 4.31
CA GLN C 282 7.02 -27.85 4.49
C GLN C 282 6.62 -27.65 5.95
N THR C 283 7.47 -28.10 6.88
CA THR C 283 7.22 -27.84 8.29
C THR C 283 7.43 -26.36 8.61
N PHE C 284 8.42 -25.73 7.99
CA PHE C 284 8.74 -24.34 8.29
C PHE C 284 7.61 -23.40 7.88
N LEU C 285 6.93 -23.69 6.77
CA LEU C 285 5.89 -22.79 6.31
C LEU C 285 4.62 -22.86 7.14
N GLY C 286 4.52 -23.80 8.08
CA GLY C 286 3.36 -23.91 8.92
C GLY C 286 3.33 -22.97 10.11
N TYR C 287 4.42 -22.26 10.36
CA TYR C 287 4.49 -21.35 11.49
C TYR C 287 3.73 -20.05 11.23
N SER C 288 3.57 -19.67 9.97
CA SER C 288 2.84 -18.44 9.65
C SER C 288 1.37 -18.53 10.01
N ASP C 289 0.87 -19.75 10.24
CA ASP C 289 -0.54 -19.91 10.56
C ASP C 289 -0.91 -19.21 11.86
N ALA C 290 0.03 -19.09 12.79
CA ALA C 290 -0.24 -18.40 14.05
C ALA C 290 -0.58 -16.94 13.80
N GLY C 291 0.28 -16.24 13.05
CA GLY C 291 0.01 -14.85 12.74
C GLY C 291 -1.23 -14.68 11.89
N ALA C 292 -1.42 -15.57 10.91
CA ALA C 292 -2.61 -15.47 10.08
C ALA C 292 -3.88 -15.67 10.90
N SER C 293 -3.85 -16.59 11.85
CA SER C 293 -5.01 -16.85 12.69
C SER C 293 -5.31 -15.65 13.58
N PHE C 294 -4.28 -15.05 14.19
CA PHE C 294 -4.54 -13.90 15.05
C PHE C 294 -5.08 -12.72 14.24
N VAL C 295 -4.40 -12.37 13.15
CA VAL C 295 -4.79 -11.17 12.40
C VAL C 295 -6.13 -11.39 11.72
N PHE C 296 -6.32 -12.55 11.10
CA PHE C 296 -7.52 -12.82 10.30
C PHE C 296 -8.47 -13.80 10.95
N GLY C 297 -8.22 -14.20 12.19
CA GLY C 297 -9.16 -15.00 12.94
C GLY C 297 -9.06 -16.49 12.64
N GLU C 298 -9.83 -17.27 13.41
CA GLU C 298 -9.91 -18.70 13.21
C GLU C 298 -10.62 -19.08 11.92
N LYS C 299 -11.27 -18.12 11.26
CA LYS C 299 -11.93 -18.34 9.99
C LYS C 299 -11.05 -17.93 8.81
N TYR C 300 -9.74 -17.79 9.03
CA TYR C 300 -8.84 -17.37 7.97
C TYR C 300 -8.79 -18.39 6.84
N THR C 301 -9.25 -19.62 7.07
CA THR C 301 -9.30 -20.63 6.03
C THR C 301 -10.49 -20.46 5.09
N ASP C 302 -11.44 -19.58 5.43
CA ASP C 302 -12.52 -19.29 4.50
C ASP C 302 -11.99 -18.63 3.24
N HIS C 303 -10.88 -17.93 3.34
CA HIS C 303 -10.19 -17.31 2.21
C HIS C 303 -8.78 -17.87 2.22
N PHE C 304 -8.61 -19.03 1.57
CA PHE C 304 -7.36 -19.77 1.67
C PHE C 304 -6.18 -18.97 1.14
N PHE C 305 -6.24 -18.58 -0.14
CA PHE C 305 -5.11 -17.90 -0.75
C PHE C 305 -4.73 -16.65 0.02
N ALA C 306 -5.65 -15.68 0.11
CA ALA C 306 -5.29 -14.37 0.64
C ALA C 306 -4.82 -14.46 2.09
N PHE C 307 -5.52 -15.21 2.92
CA PHE C 307 -5.28 -15.19 4.36
C PHE C 307 -4.43 -16.34 4.87
N LYS C 308 -3.92 -17.21 4.00
CA LYS C 308 -3.02 -18.27 4.42
C LYS C 308 -1.77 -18.40 3.57
N VAL C 309 -1.85 -18.12 2.26
CA VAL C 309 -0.70 -18.31 1.38
C VAL C 309 0.22 -17.11 1.44
N LEU C 310 -0.33 -15.90 1.28
CA LEU C 310 0.51 -14.70 1.29
C LEU C 310 1.27 -14.53 2.60
N PRO C 311 0.69 -14.79 3.77
CA PRO C 311 1.50 -14.76 5.00
C PRO C 311 2.73 -15.64 4.94
N ILE C 312 2.68 -16.73 4.18
CA ILE C 312 3.88 -17.55 3.98
C ILE C 312 4.95 -16.73 3.28
N VAL C 313 4.56 -15.96 2.26
CA VAL C 313 5.49 -15.09 1.56
C VAL C 313 6.08 -14.07 2.52
N ILE C 314 5.24 -13.48 3.37
CA ILE C 314 5.71 -12.49 4.33
C ILE C 314 6.75 -13.10 5.25
N PHE C 315 6.43 -14.27 5.83
CA PHE C 315 7.33 -14.91 6.77
C PHE C 315 8.65 -15.30 6.11
N PHE C 316 8.58 -15.83 4.89
CA PHE C 316 9.80 -16.22 4.20
C PHE C 316 10.68 -15.01 3.88
N SER C 317 10.07 -13.90 3.48
CA SER C 317 10.85 -12.69 3.24
C SER C 317 11.51 -12.21 4.53
N THR C 318 10.78 -12.25 5.64
CA THR C 318 11.37 -11.89 6.93
C THR C 318 12.59 -12.75 7.23
N VAL C 319 12.45 -14.06 7.09
CA VAL C 319 13.55 -14.97 7.41
C VAL C 319 14.73 -14.74 6.48
N MET C 320 14.46 -14.47 5.21
CA MET C 320 15.55 -14.22 4.27
C MET C 320 16.31 -12.95 4.63
N SER C 321 15.59 -11.90 5.04
CA SER C 321 16.27 -10.69 5.46
C SER C 321 17.11 -10.93 6.71
N MET C 322 16.59 -11.72 7.65
CA MET C 322 17.37 -12.05 8.84
C MET C 322 18.64 -12.81 8.48
N LEU C 323 18.52 -13.79 7.59
CA LEU C 323 19.69 -14.56 7.16
C LEU C 323 20.72 -13.68 6.46
N TYR C 324 20.24 -12.75 5.63
CA TYR C 324 21.16 -11.82 4.97
C TYR C 324 21.88 -10.95 5.99
N TYR C 325 21.17 -10.53 7.04
CA TYR C 325 21.83 -9.78 8.11
C TYR C 325 22.92 -10.62 8.77
N LEU C 326 22.60 -11.87 9.10
CA LEU C 326 23.59 -12.71 9.78
C LEU C 326 24.80 -12.99 8.91
N GLY C 327 24.59 -13.28 7.62
CA GLY C 327 25.68 -13.50 6.69
C GLY C 327 25.83 -14.92 6.17
N LEU C 328 24.85 -15.80 6.42
CA LEU C 328 24.93 -17.16 5.90
C LEU C 328 24.68 -17.18 4.39
N MET C 329 23.74 -16.38 3.93
CA MET C 329 23.43 -16.32 2.50
C MET C 329 24.68 -16.00 1.69
N GLN C 330 25.43 -14.99 2.12
CA GLN C 330 26.64 -14.61 1.40
C GLN C 330 27.67 -15.73 1.44
N TRP C 331 27.77 -16.43 2.57
CA TRP C 331 28.69 -17.55 2.69
C TRP C 331 28.39 -18.62 1.64
N ILE C 332 27.13 -19.04 1.55
CA ILE C 332 26.76 -20.08 0.59
C ILE C 332 26.96 -19.56 -0.83
N ILE C 333 26.61 -18.29 -1.07
CA ILE C 333 26.72 -17.71 -2.39
C ILE C 333 28.17 -17.73 -2.86
N ARG C 334 29.10 -17.33 -1.98
CA ARG C 334 30.51 -17.36 -2.34
C ARG C 334 30.98 -18.79 -2.59
N LYS C 335 30.54 -19.74 -1.75
CA LYS C 335 30.98 -21.12 -1.94
C LYS C 335 30.56 -21.65 -3.30
N VAL C 336 29.32 -21.39 -3.71
CA VAL C 336 28.84 -21.88 -5.00
C VAL C 336 29.50 -21.13 -6.15
N GLY C 337 29.62 -19.81 -6.02
CA GLY C 337 30.20 -19.01 -7.08
C GLY C 337 31.64 -19.38 -7.37
N TRP C 338 32.40 -19.73 -6.34
CA TRP C 338 33.78 -20.14 -6.58
C TRP C 338 33.83 -21.38 -7.44
N VAL C 339 32.97 -22.36 -7.17
CA VAL C 339 32.94 -23.57 -7.98
C VAL C 339 32.59 -23.24 -9.43
N MET C 340 31.51 -22.47 -9.61
CA MET C 340 31.10 -22.16 -10.97
C MET C 340 32.17 -21.36 -11.71
N LEU C 341 32.87 -20.48 -11.00
CA LEU C 341 33.92 -19.69 -11.63
C LEU C 341 35.11 -20.55 -12.02
N VAL C 342 35.56 -21.41 -11.11
CA VAL C 342 36.74 -22.22 -11.39
C VAL C 342 36.47 -23.21 -12.51
N THR C 343 35.34 -23.91 -12.46
CA THR C 343 35.08 -24.93 -13.46
C THR C 343 34.75 -24.31 -14.82
N MET C 344 33.88 -23.31 -14.84
CA MET C 344 33.35 -22.80 -16.10
C MET C 344 34.16 -21.65 -16.67
N GLY C 345 34.90 -20.92 -15.84
CA GLY C 345 35.70 -19.82 -16.31
C GLY C 345 34.95 -18.55 -16.58
N THR C 346 33.80 -18.34 -15.94
CA THR C 346 33.04 -17.12 -16.12
C THR C 346 33.62 -15.99 -15.27
N SER C 347 33.08 -14.79 -15.46
CA SER C 347 33.53 -13.64 -14.70
C SER C 347 32.96 -13.68 -13.28
N PRO C 348 33.67 -13.10 -12.32
CA PRO C 348 33.18 -13.15 -10.93
C PRO C 348 31.81 -12.54 -10.74
N VAL C 349 31.50 -11.44 -11.44
CA VAL C 349 30.24 -10.74 -11.19
C VAL C 349 29.06 -11.61 -11.58
N GLU C 350 29.11 -12.15 -12.79
CA GLU C 350 27.99 -12.98 -13.26
C GLU C 350 27.89 -14.27 -12.47
N SER C 351 29.02 -14.85 -12.09
CA SER C 351 28.99 -16.06 -11.26
C SER C 351 28.33 -15.78 -9.92
N VAL C 352 28.69 -14.66 -9.28
CA VAL C 352 28.09 -14.32 -8.00
C VAL C 352 26.60 -14.09 -8.16
N VAL C 353 26.20 -13.37 -9.21
CA VAL C 353 24.78 -13.08 -9.40
C VAL C 353 23.99 -14.36 -9.67
N ALA C 354 24.56 -15.28 -10.47
CA ALA C 354 23.88 -16.54 -10.74
C ALA C 354 23.74 -17.36 -9.47
N SER C 355 24.79 -17.43 -8.65
CA SER C 355 24.70 -18.18 -7.41
C SER C 355 23.71 -17.55 -6.44
N GLY C 356 23.60 -16.22 -6.44
CA GLY C 356 22.68 -15.55 -5.55
C GLY C 356 21.23 -15.58 -6.01
N ASN C 357 21.00 -15.74 -7.30
CA ASN C 357 19.63 -15.79 -7.81
C ASN C 357 18.94 -17.11 -7.50
N ILE C 358 19.68 -18.11 -6.99
CA ILE C 358 19.04 -19.31 -6.49
C ILE C 358 18.11 -18.98 -5.34
N PHE C 359 18.52 -18.04 -4.48
CA PHE C 359 17.75 -17.70 -3.29
C PHE C 359 17.02 -16.37 -3.40
N ILE C 360 17.42 -15.49 -4.32
CA ILE C 360 16.95 -14.12 -4.36
C ILE C 360 16.29 -13.86 -5.71
N GLY C 361 15.40 -12.88 -5.73
CA GLY C 361 14.69 -12.53 -6.94
C GLY C 361 15.58 -11.83 -7.95
N GLN C 362 15.06 -11.71 -9.18
CA GLN C 362 15.81 -11.08 -10.26
C GLN C 362 16.05 -9.60 -9.99
N THR C 363 15.10 -8.93 -9.34
CA THR C 363 15.24 -7.50 -9.10
C THR C 363 16.23 -7.21 -7.97
N GLU C 364 16.24 -8.04 -6.92
CA GLU C 364 17.08 -7.79 -5.76
C GLU C 364 18.44 -8.45 -5.82
N SER C 365 18.70 -9.31 -6.80
CA SER C 365 19.97 -10.02 -6.87
C SER C 365 21.08 -9.11 -7.36
N PRO C 366 20.84 -8.22 -8.33
CA PRO C 366 21.91 -7.30 -8.74
C PRO C 366 22.39 -6.39 -7.63
N LEU C 367 21.60 -6.19 -6.58
CA LEU C 367 22.05 -5.36 -5.46
C LEU C 367 23.29 -5.94 -4.79
N LEU C 368 23.57 -7.23 -5.00
CA LEU C 368 24.78 -7.81 -4.44
C LEU C 368 26.02 -7.15 -4.99
N VAL C 369 25.95 -6.67 -6.23
CA VAL C 369 27.05 -5.92 -6.85
C VAL C 369 26.42 -4.65 -7.42
N ARG C 370 26.16 -3.67 -6.55
CA ARG C 370 25.55 -2.43 -7.00
C ARG C 370 26.61 -1.51 -7.59
N PRO C 371 27.73 -1.29 -6.90
CA PRO C 371 28.69 -0.30 -7.38
C PRO C 371 29.28 -0.60 -8.75
N TYR C 372 29.44 -1.87 -9.10
CA TYR C 372 30.19 -2.27 -10.28
C TYR C 372 29.31 -2.43 -11.51
N LEU C 373 28.01 -2.17 -11.41
CA LEU C 373 27.14 -2.31 -12.57
C LEU C 373 27.53 -1.39 -13.72
N PRO C 374 27.87 -0.12 -13.51
CA PRO C 374 28.23 0.74 -14.65
C PRO C 374 29.44 0.25 -15.42
N TYR C 375 30.29 -0.58 -14.81
CA TYR C 375 31.55 -1.01 -15.41
C TYR C 375 31.50 -2.42 -15.96
N VAL C 376 30.33 -3.07 -15.98
CA VAL C 376 30.22 -4.41 -16.54
C VAL C 376 30.09 -4.32 -18.05
N THR C 377 30.38 -5.43 -18.72
CA THR C 377 30.22 -5.53 -20.15
C THR C 377 28.77 -5.85 -20.51
N LYS C 378 28.50 -5.84 -21.82
CA LYS C 378 27.17 -6.22 -22.30
C LYS C 378 26.88 -7.69 -22.00
N SER C 379 27.88 -8.55 -22.19
CA SER C 379 27.68 -9.98 -21.96
C SER C 379 27.34 -10.26 -20.49
N GLU C 380 28.05 -9.62 -19.57
CA GLU C 380 27.76 -9.83 -18.15
C GLU C 380 26.38 -9.34 -17.78
N LEU C 381 25.97 -8.20 -18.34
CA LEU C 381 24.62 -7.69 -18.09
C LEU C 381 23.56 -8.66 -18.62
N HIS C 382 23.79 -9.20 -19.82
CA HIS C 382 22.88 -10.18 -20.39
C HIS C 382 22.81 -11.43 -19.51
N ALA C 383 23.96 -11.88 -19.01
CA ALA C 383 23.98 -13.05 -18.13
C ALA C 383 23.23 -12.77 -16.84
N ILE C 384 23.36 -11.56 -16.32
CA ILE C 384 22.63 -11.17 -15.11
C ILE C 384 21.13 -11.29 -15.34
N MET C 385 20.65 -10.69 -16.43
CA MET C 385 19.22 -10.75 -16.72
C MET C 385 18.75 -12.18 -16.97
N THR C 386 19.54 -12.97 -17.69
CA THR C 386 19.18 -14.35 -17.96
C THR C 386 19.09 -15.17 -16.66
N ALA C 387 20.06 -15.00 -15.77
CA ALA C 387 19.99 -15.68 -14.48
C ALA C 387 18.77 -15.25 -13.69
N GLY C 388 18.42 -13.97 -13.77
CA GLY C 388 17.20 -13.51 -13.12
C GLY C 388 15.96 -14.18 -13.67
N PHE C 389 15.94 -14.40 -14.99
CA PHE C 389 14.75 -14.95 -15.63
C PHE C 389 14.65 -16.46 -15.52
N SER C 390 15.72 -17.15 -15.16
CA SER C 390 15.75 -18.61 -15.16
C SER C 390 15.59 -19.21 -13.77
N THR C 391 15.31 -18.40 -12.76
CA THR C 391 15.22 -18.87 -11.39
C THR C 391 14.02 -18.22 -10.71
N ILE C 392 13.69 -18.74 -9.53
CA ILE C 392 12.63 -18.16 -8.70
C ILE C 392 13.26 -17.64 -7.42
N ALA C 393 12.44 -17.07 -6.54
CA ALA C 393 12.89 -16.58 -5.24
C ALA C 393 12.49 -17.54 -4.14
N GLY C 394 13.12 -17.38 -2.98
CA GLY C 394 12.78 -18.19 -1.83
C GLY C 394 11.50 -17.79 -1.14
N SER C 395 11.01 -16.58 -1.40
CA SER C 395 9.77 -16.13 -0.79
C SER C 395 8.56 -16.85 -1.39
N VAL C 396 8.54 -17.02 -2.71
CA VAL C 396 7.41 -17.65 -3.38
C VAL C 396 7.49 -19.17 -3.36
N LEU C 397 8.57 -19.74 -2.84
CA LEU C 397 8.68 -21.20 -2.77
C LEU C 397 7.58 -21.80 -1.91
N GLY C 398 7.30 -21.17 -0.77
CA GLY C 398 6.30 -21.72 0.13
C GLY C 398 4.92 -21.78 -0.49
N ALA C 399 4.56 -20.78 -1.29
CA ALA C 399 3.26 -20.79 -1.96
C ALA C 399 3.15 -21.97 -2.92
N TYR C 400 4.20 -22.18 -3.73
CA TYR C 400 4.19 -23.29 -4.67
C TYR C 400 4.10 -24.62 -3.94
N ILE C 401 4.78 -24.74 -2.80
CA ILE C 401 4.69 -25.98 -2.02
C ILE C 401 3.30 -26.14 -1.43
N SER C 402 2.68 -25.04 -0.98
CA SER C 402 1.33 -25.10 -0.43
C SER C 402 0.34 -25.57 -1.49
N PHE C 403 0.50 -25.11 -2.73
CA PHE C 403 -0.36 -25.59 -3.80
C PHE C 403 -0.32 -27.11 -3.89
N GLY C 404 0.86 -27.70 -3.73
CA GLY C 404 1.00 -29.14 -3.79
C GLY C 404 2.17 -29.57 -4.66
N VAL C 405 2.93 -28.60 -5.16
CA VAL C 405 4.08 -28.90 -6.02
C VAL C 405 5.21 -29.46 -5.17
N SER C 406 5.94 -30.41 -5.73
CA SER C 406 7.00 -31.09 -4.99
C SER C 406 8.09 -30.11 -4.58
N SER C 407 8.50 -30.20 -3.32
CA SER C 407 9.56 -29.33 -2.81
C SER C 407 10.94 -29.77 -3.30
N SER C 408 11.20 -31.08 -3.30
CA SER C 408 12.50 -31.58 -3.72
C SER C 408 12.78 -31.20 -5.17
N HIS C 409 11.81 -31.36 -6.05
CA HIS C 409 11.99 -31.00 -7.44
C HIS C 409 12.22 -29.50 -7.60
N LEU C 410 11.51 -28.69 -6.82
CA LEU C 410 11.70 -27.24 -6.90
C LEU C 410 13.10 -26.85 -6.49
N LEU C 411 13.59 -27.41 -5.39
CA LEU C 411 14.95 -27.11 -4.95
C LEU C 411 15.98 -27.58 -5.98
N THR C 412 15.77 -28.78 -6.52
CA THR C 412 16.71 -29.31 -7.51
C THR C 412 16.74 -28.42 -8.75
N ALA C 413 15.57 -27.98 -9.22
CA ALA C 413 15.52 -27.11 -10.38
C ALA C 413 16.18 -25.77 -10.11
N SER C 414 15.94 -25.19 -8.93
CA SER C 414 16.57 -23.93 -8.58
C SER C 414 18.08 -24.05 -8.57
N VAL C 415 18.59 -25.16 -8.05
CA VAL C 415 20.04 -25.38 -8.02
C VAL C 415 20.57 -25.56 -9.44
N MET C 416 19.88 -26.33 -10.27
CA MET C 416 20.36 -26.64 -11.61
C MET C 416 20.21 -25.48 -12.59
N SER C 417 19.40 -24.46 -12.25
CA SER C 417 19.11 -23.40 -13.21
C SER C 417 20.25 -22.43 -13.41
N ALA C 418 21.24 -22.40 -12.51
CA ALA C 418 22.30 -21.41 -12.59
C ALA C 418 23.34 -21.77 -13.64
N PRO C 419 23.93 -22.97 -13.59
CA PRO C 419 24.87 -23.35 -14.66
C PRO C 419 24.24 -23.28 -16.04
N ALA C 420 22.98 -23.71 -16.16
CA ALA C 420 22.30 -23.62 -17.44
C ALA C 420 22.15 -22.18 -17.89
N ALA C 421 21.78 -21.30 -16.97
CA ALA C 421 21.63 -19.89 -17.31
C ALA C 421 22.95 -19.32 -17.82
N LEU C 422 24.04 -19.59 -17.11
CA LEU C 422 25.32 -19.05 -17.54
C LEU C 422 25.75 -19.62 -18.89
N ALA C 423 25.59 -20.93 -19.09
CA ALA C 423 25.98 -21.54 -20.34
C ALA C 423 25.18 -20.98 -21.51
N ILE C 424 23.85 -20.90 -21.35
CA ILE C 424 23.00 -20.41 -22.42
C ILE C 424 23.31 -18.94 -22.70
N SER C 425 23.61 -18.16 -21.66
CA SER C 425 23.95 -16.77 -21.88
C SER C 425 25.25 -16.63 -22.65
N LYS C 426 26.26 -17.42 -22.28
CA LYS C 426 27.54 -17.34 -22.97
C LYS C 426 27.41 -17.77 -24.43
N LEU C 427 26.57 -18.77 -24.71
CA LEU C 427 26.39 -19.21 -26.09
C LEU C 427 25.56 -18.22 -26.88
N PHE C 428 24.50 -17.69 -26.27
CA PHE C 428 23.62 -16.74 -26.95
C PHE C 428 24.32 -15.40 -27.18
N TRP C 429 25.02 -14.90 -26.15
CA TRP C 429 25.69 -13.60 -26.21
C TRP C 429 27.08 -13.77 -25.62
N PRO C 430 28.05 -14.22 -26.41
CA PRO C 430 29.39 -14.43 -25.88
C PRO C 430 30.11 -13.12 -25.62
N GLU C 431 31.28 -13.24 -25.00
CA GLU C 431 32.05 -12.08 -24.56
C GLU C 431 33.02 -11.65 -25.66
N THR C 432 33.01 -10.35 -25.98
CA THR C 432 33.91 -9.78 -26.96
C THR C 432 34.67 -8.57 -26.42
N GLU C 433 34.71 -8.41 -25.09
CA GLU C 433 35.37 -7.29 -24.45
C GLU C 433 36.28 -7.81 -23.34
N THR C 434 36.86 -6.88 -22.58
CA THR C 434 37.73 -7.22 -21.47
C THR C 434 37.04 -6.90 -20.15
N PRO C 435 36.76 -7.87 -19.29
CA PRO C 435 36.12 -7.55 -18.01
C PRO C 435 37.06 -6.73 -17.12
N LYS C 436 36.45 -5.84 -16.33
CA LYS C 436 37.18 -4.95 -15.44
C LYS C 436 37.13 -5.38 -13.98
N ILE C 437 35.99 -5.89 -13.52
CA ILE C 437 35.83 -6.20 -12.10
C ILE C 437 36.65 -7.43 -11.75
N ASN C 438 37.15 -7.48 -10.52
CA ASN C 438 37.99 -8.56 -10.03
C ASN C 438 37.26 -9.34 -8.94
N LEU C 439 37.88 -10.43 -8.51
CA LEU C 439 37.21 -11.38 -7.62
C LEU C 439 36.94 -10.78 -6.25
N LYS C 440 37.93 -10.08 -5.68
CA LYS C 440 37.75 -9.52 -4.34
C LYS C 440 36.61 -8.51 -4.31
N ASN C 441 36.53 -7.66 -5.33
CA ASN C 441 35.46 -6.67 -5.39
C ASN C 441 34.10 -7.34 -5.54
N ALA C 442 34.01 -8.37 -6.37
CA ALA C 442 32.72 -9.01 -6.61
C ALA C 442 32.25 -9.78 -5.37
N MET C 443 33.15 -10.51 -4.71
CA MET C 443 32.73 -11.35 -3.59
C MET C 443 32.25 -10.52 -2.41
N LYS C 444 32.86 -9.36 -2.15
CA LYS C 444 32.41 -8.52 -1.06
C LYS C 444 30.99 -8.04 -1.35
N MET C 445 30.08 -8.33 -0.44
CA MET C 445 28.67 -7.95 -0.59
C MET C 445 28.28 -7.11 0.61
N GLU C 446 27.80 -5.90 0.35
CA GLU C 446 27.50 -4.95 1.41
C GLU C 446 26.17 -5.31 2.05
N SER C 447 26.20 -5.68 3.33
CA SER C 447 24.98 -5.96 4.06
C SER C 447 24.17 -4.69 4.27
N GLY C 448 22.91 -4.86 4.62
CA GLY C 448 21.99 -3.75 4.72
C GLY C 448 22.23 -2.88 5.94
N ASP C 449 21.46 -1.80 6.02
CA ASP C 449 21.57 -0.85 7.12
C ASP C 449 20.61 -1.28 8.25
N SER C 450 20.98 -2.39 8.89
CA SER C 450 20.21 -2.96 9.99
C SER C 450 21.11 -3.04 11.21
N ARG C 451 20.68 -2.41 12.31
CA ARG C 451 21.47 -2.42 13.53
C ARG C 451 21.38 -3.74 14.28
N ASN C 452 20.24 -4.41 14.23
CA ASN C 452 20.06 -5.67 14.95
C ASN C 452 19.13 -6.58 14.17
N LEU C 453 18.99 -7.79 14.69
CA LEU C 453 18.23 -8.83 14.00
C LEU C 453 16.76 -8.45 13.86
N LEU C 454 16.18 -7.87 14.91
CA LEU C 454 14.77 -7.54 14.89
C LEU C 454 14.46 -6.41 13.91
N GLU C 455 15.38 -5.45 13.79
CA GLU C 455 15.22 -4.42 12.77
C GLU C 455 15.26 -5.02 11.38
N ALA C 456 16.13 -6.00 11.16
CA ALA C 456 16.16 -6.70 9.89
C ALA C 456 14.84 -7.42 9.62
N ALA C 457 14.28 -8.05 10.65
CA ALA C 457 12.98 -8.71 10.49
C ALA C 457 11.90 -7.71 10.10
N THR C 458 11.86 -6.55 10.76
CA THR C 458 10.87 -5.54 10.42
C THR C 458 11.06 -5.04 8.99
N GLN C 459 12.30 -4.79 8.59
CA GLN C 459 12.56 -4.35 7.23
C GLN C 459 12.11 -5.39 6.21
N GLY C 460 12.40 -6.67 6.47
CA GLY C 460 11.95 -7.71 5.57
C GLY C 460 10.44 -7.79 5.49
N ALA C 461 9.77 -7.65 6.63
CA ALA C 461 8.32 -7.70 6.65
C ALA C 461 7.71 -6.55 5.86
N SER C 462 8.22 -5.33 6.06
CA SER C 462 7.63 -4.18 5.39
C SER C 462 7.74 -4.29 3.87
N SER C 463 8.89 -4.77 3.38
CA SER C 463 9.10 -4.87 1.94
C SER C 463 8.12 -5.84 1.28
N SER C 464 7.55 -6.76 2.04
CA SER C 464 6.67 -7.79 1.48
C SER C 464 5.28 -7.27 1.17
N ILE C 465 4.94 -6.06 1.58
CA ILE C 465 3.60 -5.53 1.33
C ILE C 465 3.35 -5.38 -0.17
N SER C 466 4.28 -4.70 -0.86
CA SER C 466 4.11 -4.46 -2.28
C SER C 466 4.11 -5.77 -3.05
N LEU C 467 4.94 -6.73 -2.64
CA LEU C 467 5.02 -8.01 -3.32
C LEU C 467 3.65 -8.69 -3.35
N VAL C 468 3.03 -8.85 -2.17
CA VAL C 468 1.76 -9.56 -2.10
C VAL C 468 0.66 -8.76 -2.76
N ALA C 469 0.68 -7.43 -2.60
CA ALA C 469 -0.34 -6.60 -3.23
C ALA C 469 -0.32 -6.77 -4.74
N ASN C 470 0.87 -6.65 -5.34
CA ASN C 470 0.99 -6.81 -6.79
C ASN C 470 0.63 -8.22 -7.22
N ILE C 471 1.04 -9.23 -6.44
CA ILE C 471 0.68 -10.60 -6.79
C ILE C 471 -0.84 -10.74 -6.90
N ALA C 472 -1.55 -10.26 -5.87
CA ALA C 472 -3.00 -10.42 -5.84
C ALA C 472 -3.66 -9.67 -7.00
N VAL C 473 -3.28 -8.40 -7.20
CA VAL C 473 -3.92 -7.60 -8.23
C VAL C 473 -3.65 -8.18 -9.62
N ASN C 474 -2.40 -8.57 -9.88
CA ASN C 474 -2.07 -9.15 -11.18
C ASN C 474 -2.82 -10.46 -11.41
N LEU C 475 -2.96 -11.28 -10.38
CA LEU C 475 -3.74 -12.50 -10.52
C LEU C 475 -5.18 -12.18 -10.88
N ILE C 476 -5.79 -11.21 -10.18
CA ILE C 476 -7.17 -10.85 -10.48
C ILE C 476 -7.31 -10.44 -11.94
N ALA C 477 -6.45 -9.52 -12.38
CA ALA C 477 -6.54 -9.00 -13.74
C ALA C 477 -6.30 -10.10 -14.78
N PHE C 478 -5.29 -10.93 -14.55
CA PHE C 478 -4.97 -11.97 -15.53
C PHE C 478 -6.10 -12.99 -15.66
N LEU C 479 -6.69 -13.40 -14.53
CA LEU C 479 -7.76 -14.39 -14.64
C LEU C 479 -9.01 -13.78 -15.26
N ALA C 480 -9.31 -12.51 -14.96
CA ALA C 480 -10.43 -11.86 -15.63
C ALA C 480 -10.20 -11.78 -17.14
N LEU C 481 -8.99 -11.40 -17.56
CA LEU C 481 -8.67 -11.35 -18.97
C LEU C 481 -8.78 -12.73 -19.61
N LEU C 482 -8.33 -13.76 -18.91
CA LEU C 482 -8.44 -15.12 -19.44
C LEU C 482 -9.90 -15.50 -19.67
N SER C 483 -10.76 -15.20 -18.70
CA SER C 483 -12.17 -15.50 -18.86
C SER C 483 -12.77 -14.75 -20.06
N PHE C 484 -12.45 -13.46 -20.17
CA PHE C 484 -12.97 -12.68 -21.30
C PHE C 484 -12.48 -13.23 -22.63
N MET C 485 -11.20 -13.56 -22.72
CA MET C 485 -10.63 -14.09 -23.95
C MET C 485 -11.29 -15.40 -24.34
N ASN C 486 -11.50 -16.29 -23.36
CA ASN C 486 -12.12 -17.57 -23.66
C ASN C 486 -13.56 -17.38 -24.12
N SER C 487 -14.31 -16.48 -23.48
CA SER C 487 -15.68 -16.22 -23.91
C SER C 487 -15.71 -15.67 -25.33
N ALA C 488 -14.81 -14.72 -25.63
CA ALA C 488 -14.77 -14.16 -26.98
C ALA C 488 -14.41 -15.20 -28.01
N LEU C 489 -13.45 -16.07 -27.70
CA LEU C 489 -13.06 -17.12 -28.64
C LEU C 489 -14.19 -18.11 -28.86
N SER C 490 -14.93 -18.45 -27.81
CA SER C 490 -16.10 -19.31 -28.00
C SER C 490 -17.14 -18.63 -28.87
N TRP C 491 -17.33 -17.32 -28.68
CA TRP C 491 -18.26 -16.58 -29.53
C TRP C 491 -17.82 -16.62 -30.99
N LEU C 492 -16.53 -16.44 -31.24
CA LEU C 492 -16.03 -16.50 -32.60
C LEU C 492 -16.06 -17.93 -33.14
N GLY C 493 -15.82 -18.92 -32.28
CA GLY C 493 -15.79 -20.29 -32.73
C GLY C 493 -17.15 -20.87 -33.07
N ASN C 494 -18.23 -20.28 -32.55
CA ASN C 494 -19.56 -20.79 -32.85
C ASN C 494 -19.96 -20.55 -34.30
N MET C 495 -19.32 -19.59 -34.98
CA MET C 495 -19.63 -19.35 -36.38
C MET C 495 -19.36 -20.59 -37.21
N PHE C 496 -18.25 -21.28 -36.94
CA PHE C 496 -17.88 -22.50 -37.63
C PHE C 496 -18.35 -23.75 -36.90
N ASP C 497 -19.37 -23.63 -36.05
CA ASP C 497 -19.90 -24.77 -35.31
C ASP C 497 -18.84 -25.43 -34.43
N TYR C 498 -17.88 -24.65 -33.95
CA TYR C 498 -16.85 -25.12 -33.04
C TYR C 498 -16.78 -24.18 -31.85
N PRO C 499 -17.71 -24.30 -30.91
CA PRO C 499 -17.73 -23.40 -29.75
C PRO C 499 -16.73 -23.75 -28.66
N GLN C 500 -15.92 -24.79 -28.85
CA GLN C 500 -14.96 -25.21 -27.84
C GLN C 500 -13.61 -24.52 -27.99
N LEU C 501 -13.46 -23.63 -28.98
CA LEU C 501 -12.21 -22.91 -29.15
C LEU C 501 -11.87 -22.12 -27.89
N SER C 502 -10.60 -22.12 -27.52
CA SER C 502 -10.17 -21.45 -26.30
C SER C 502 -8.67 -21.18 -26.37
N PHE C 503 -8.20 -20.40 -25.39
CA PHE C 503 -6.77 -20.17 -25.23
C PHE C 503 -6.02 -21.47 -25.00
N GLU C 504 -6.59 -22.36 -24.19
CA GLU C 504 -5.92 -23.61 -23.85
C GLU C 504 -5.71 -24.48 -25.09
N VAL C 505 -6.71 -24.57 -25.96
CA VAL C 505 -6.59 -25.39 -27.15
C VAL C 505 -5.47 -24.88 -28.05
N ILE C 506 -5.45 -23.56 -28.28
CA ILE C 506 -4.44 -22.97 -29.14
C ILE C 506 -3.05 -23.21 -28.56
N CYS C 507 -2.90 -22.98 -27.27
CA CYS C 507 -1.59 -23.18 -26.65
C CYS C 507 -1.18 -24.65 -26.66
N SER C 508 -2.13 -25.57 -26.50
CA SER C 508 -1.80 -26.98 -26.56
C SER C 508 -1.29 -27.36 -27.94
N TYR C 509 -1.91 -26.82 -28.99
CA TYR C 509 -1.46 -27.14 -30.34
C TYR C 509 -0.26 -26.31 -30.79
N VAL C 510 0.14 -25.31 -30.04
CA VAL C 510 1.25 -24.44 -30.41
C VAL C 510 2.55 -24.86 -29.71
N PHE C 511 2.52 -25.00 -28.40
CA PHE C 511 3.72 -25.32 -27.61
C PHE C 511 4.01 -26.81 -27.54
N MET C 512 3.31 -27.62 -28.32
CA MET C 512 3.51 -29.08 -28.23
C MET C 512 4.93 -29.50 -28.57
N PRO C 513 5.55 -28.99 -29.64
CA PRO C 513 6.91 -29.46 -29.96
C PRO C 513 7.92 -29.23 -28.84
N PHE C 514 7.81 -28.11 -28.13
CA PHE C 514 8.77 -27.84 -27.05
C PHE C 514 8.64 -28.86 -25.94
N ALA C 515 7.42 -29.31 -25.64
CA ALA C 515 7.23 -30.32 -24.62
C ALA C 515 7.60 -31.71 -25.12
N PHE C 516 7.41 -31.99 -26.40
CA PHE C 516 7.77 -33.29 -26.94
C PHE C 516 9.29 -33.48 -26.91
N MET C 517 10.05 -32.44 -27.23
CA MET C 517 11.50 -32.53 -27.19
C MET C 517 12.00 -32.75 -25.77
N MET C 518 11.27 -32.28 -24.77
CA MET C 518 11.66 -32.49 -23.38
C MET C 518 11.45 -33.91 -22.90
N GLY C 519 10.84 -34.76 -23.73
CA GLY C 519 10.65 -36.16 -23.38
C GLY C 519 9.26 -36.51 -22.89
N VAL C 520 8.32 -35.57 -22.90
CA VAL C 520 6.95 -35.89 -22.52
C VAL C 520 6.30 -36.71 -23.63
N ASP C 521 5.59 -37.76 -23.25
CA ASP C 521 4.97 -38.63 -24.24
C ASP C 521 3.96 -37.83 -25.06
N TRP C 522 3.46 -38.47 -26.12
CA TRP C 522 2.62 -37.79 -27.09
C TRP C 522 1.35 -37.25 -26.43
N GLN C 523 0.71 -38.06 -25.59
CA GLN C 523 -0.57 -37.66 -25.01
C GLN C 523 -0.41 -36.48 -24.05
N ASP C 524 0.58 -36.53 -23.17
CA ASP C 524 0.73 -35.50 -22.14
C ASP C 524 1.43 -34.24 -22.65
N SER C 525 1.99 -34.26 -23.85
CA SER C 525 2.63 -33.06 -24.38
C SER C 525 1.61 -31.95 -24.57
N PHE C 526 0.42 -32.29 -25.05
CA PHE C 526 -0.62 -31.29 -25.24
C PHE C 526 -1.06 -30.68 -23.92
N MET C 527 -0.99 -31.44 -22.83
CA MET C 527 -1.35 -30.92 -21.53
C MET C 527 -0.25 -30.04 -20.95
N VAL C 528 1.02 -30.43 -21.16
CA VAL C 528 2.13 -29.61 -20.68
C VAL C 528 2.20 -28.31 -21.46
N ALA C 529 1.79 -28.32 -22.72
CA ALA C 529 1.82 -27.10 -23.53
C ALA C 529 0.91 -26.02 -22.95
N LYS C 530 -0.22 -26.41 -22.37
CA LYS C 530 -1.10 -25.43 -21.75
C LYS C 530 -0.41 -24.73 -20.57
N LEU C 531 0.31 -25.51 -19.75
CA LEU C 531 1.05 -24.92 -18.65
C LEU C 531 2.14 -24.00 -19.17
N ILE C 532 2.83 -24.41 -20.24
CA ILE C 532 3.86 -23.56 -20.83
C ILE C 532 3.24 -22.24 -21.28
N GLY C 533 2.05 -22.29 -21.89
CA GLY C 533 1.39 -21.06 -22.29
C GLY C 533 1.02 -20.17 -21.12
N TYR C 534 0.41 -20.77 -20.10
CA TYR C 534 0.08 -20.03 -18.89
C TYR C 534 1.30 -19.30 -18.34
N LYS C 535 2.44 -19.99 -18.29
CA LYS C 535 3.64 -19.37 -17.75
C LYS C 535 4.19 -18.30 -18.69
N THR C 536 4.22 -18.58 -19.99
CA THR C 536 4.79 -17.66 -20.95
C THR C 536 4.05 -16.34 -20.96
N PHE C 537 2.72 -16.37 -20.86
CA PHE C 537 1.94 -15.15 -20.99
C PHE C 537 1.59 -14.54 -19.65
N PHE C 538 0.93 -15.29 -18.77
CA PHE C 538 0.51 -14.67 -17.54
C PHE C 538 1.62 -14.66 -16.49
N ASN C 539 1.96 -15.82 -15.94
CA ASN C 539 3.03 -15.94 -14.95
C ASN C 539 3.06 -17.38 -14.47
N GLU C 540 4.00 -17.67 -13.58
CA GLU C 540 4.16 -19.02 -13.03
C GLU C 540 3.28 -19.29 -11.82
N PHE C 541 2.63 -18.27 -11.23
CA PHE C 541 1.69 -18.52 -10.16
C PHE C 541 0.45 -19.23 -10.67
N VAL C 542 0.13 -19.05 -11.94
CA VAL C 542 -1.03 -19.68 -12.57
C VAL C 542 -0.71 -21.10 -13.02
N ALA C 543 0.48 -21.28 -13.62
CA ALA C 543 0.86 -22.58 -14.17
C ALA C 543 1.02 -23.61 -13.06
N TYR C 544 1.68 -23.23 -11.96
CA TYR C 544 1.80 -24.14 -10.83
C TYR C 544 0.45 -24.40 -10.19
N GLN C 545 -0.44 -23.41 -10.17
CA GLN C 545 -1.77 -23.61 -9.63
C GLN C 545 -2.53 -24.68 -10.42
N GLN C 546 -2.44 -24.64 -11.75
CA GLN C 546 -3.10 -25.67 -12.55
C GLN C 546 -2.41 -27.03 -12.41
N LEU C 547 -1.08 -27.02 -12.30
CA LEU C 547 -0.34 -28.27 -12.10
C LEU C 547 -0.75 -28.93 -10.81
N SER C 548 -1.00 -28.14 -9.77
CA SER C 548 -1.44 -28.70 -8.50
C SER C 548 -2.79 -29.38 -8.64
N LYS C 549 -3.69 -28.81 -9.45
CA LYS C 549 -4.97 -29.46 -9.71
C LYS C 549 -4.76 -30.80 -10.40
N LEU C 550 -3.89 -30.82 -11.40
CA LEU C 550 -3.64 -32.09 -12.11
C LEU C 550 -3.08 -33.14 -11.15
N ILE C 551 -2.14 -32.74 -10.29
CA ILE C 551 -1.56 -33.66 -9.33
C ILE C 551 -2.61 -34.18 -8.36
N SER C 552 -3.48 -33.30 -7.87
CA SER C 552 -4.53 -33.71 -6.95
C SER C 552 -5.49 -34.68 -7.61
N LEU C 553 -5.84 -34.43 -8.87
CA LEU C 553 -6.71 -35.35 -9.59
C LEU C 553 -6.07 -36.72 -9.70
N ARG C 554 -4.77 -36.78 -10.00
CA ARG C 554 -4.11 -38.09 -10.05
C ARG C 554 -4.14 -38.76 -8.69
N GLN C 555 -3.87 -38.01 -7.62
CA GLN C 555 -3.83 -38.59 -6.29
C GLN C 555 -5.19 -39.13 -5.87
N VAL C 556 -6.26 -38.45 -6.27
CA VAL C 556 -7.61 -38.92 -5.95
C VAL C 556 -7.86 -40.29 -6.54
N GLY C 557 -7.43 -40.52 -7.78
CA GLY C 557 -7.53 -41.82 -8.39
C GLY C 557 -8.76 -42.04 -9.25
N GLY C 558 -9.43 -40.97 -9.69
CA GLY C 558 -10.60 -41.11 -10.52
C GLY C 558 -10.24 -41.51 -11.93
N PRO C 559 -11.23 -41.59 -12.81
CA PRO C 559 -10.97 -42.01 -14.19
C PRO C 559 -9.99 -41.07 -14.89
N LYS C 560 -9.02 -41.65 -15.58
CA LYS C 560 -8.04 -40.84 -16.29
C LYS C 560 -8.70 -40.11 -17.46
N PHE C 561 -9.68 -40.75 -18.10
CA PHE C 561 -10.41 -40.17 -19.22
C PHE C 561 -11.90 -40.17 -18.90
N VAL C 562 -12.53 -39.01 -19.06
CA VAL C 562 -13.99 -38.89 -18.98
C VAL C 562 -14.47 -38.19 -20.25
N ASP C 563 -15.36 -38.87 -20.99
CA ASP C 563 -15.90 -38.34 -22.24
C ASP C 563 -14.77 -38.05 -23.24
N GLY C 564 -13.72 -38.85 -23.21
CA GLY C 564 -12.61 -38.65 -24.12
C GLY C 564 -11.76 -37.43 -23.81
N VAL C 565 -11.77 -36.95 -22.58
CA VAL C 565 -10.97 -35.81 -22.14
C VAL C 565 -10.03 -36.31 -21.06
N GLN C 566 -8.72 -36.14 -21.28
CA GLN C 566 -7.75 -36.55 -20.29
C GLN C 566 -7.83 -35.64 -19.08
N GLN C 567 -7.91 -36.25 -17.90
CA GLN C 567 -8.08 -35.51 -16.65
C GLN C 567 -6.76 -35.28 -15.92
N TYR C 568 -5.81 -36.19 -16.04
CA TYR C 568 -4.51 -36.02 -15.42
C TYR C 568 -3.48 -36.80 -16.22
N MET C 569 -2.21 -36.60 -15.87
CA MET C 569 -1.09 -37.19 -16.58
C MET C 569 -0.21 -37.94 -15.58
N SER C 570 0.94 -38.42 -16.06
CA SER C 570 1.80 -39.30 -15.29
C SER C 570 2.68 -38.52 -14.32
N MET C 571 3.41 -39.28 -13.50
CA MET C 571 4.34 -38.68 -12.53
C MET C 571 5.53 -38.04 -13.22
N ARG C 572 6.08 -38.72 -14.23
CA ARG C 572 7.25 -38.21 -14.92
C ARG C 572 6.95 -36.89 -15.61
N SER C 573 5.78 -36.80 -16.24
CA SER C 573 5.39 -35.54 -16.89
C SER C 573 5.24 -34.43 -15.86
N GLU C 574 4.70 -34.75 -14.68
CA GLU C 574 4.57 -33.74 -13.65
C GLU C 574 5.94 -33.24 -13.18
N ALA C 575 6.90 -34.14 -13.02
CA ALA C 575 8.25 -33.70 -12.66
C ALA C 575 8.87 -32.84 -13.76
N ILE C 576 8.73 -33.25 -15.02
CA ILE C 576 9.31 -32.49 -16.12
C ILE C 576 8.70 -31.10 -16.18
N SER C 577 7.39 -31.01 -15.96
CA SER C 577 6.72 -29.71 -15.92
C SER C 577 7.19 -28.88 -14.73
N THR C 578 7.48 -29.53 -13.60
CA THR C 578 7.99 -28.79 -12.45
C THR C 578 9.33 -28.14 -12.78
N TYR C 579 10.21 -28.89 -13.45
CA TYR C 579 11.49 -28.33 -13.85
C TYR C 579 11.32 -27.23 -14.91
N ALA C 580 10.42 -27.43 -15.87
CA ALA C 580 10.27 -26.49 -16.97
C ALA C 580 9.72 -25.14 -16.50
N LEU C 581 8.79 -25.15 -15.56
CA LEU C 581 8.05 -23.95 -15.17
C LEU C 581 8.78 -23.10 -14.13
N CYS C 582 9.90 -23.55 -13.59
CA CYS C 582 10.59 -22.84 -12.50
C CYS C 582 11.38 -21.68 -13.09
N GLY C 583 10.70 -20.54 -13.22
CA GLY C 583 11.33 -19.34 -13.73
C GLY C 583 10.41 -18.15 -13.60
N PHE C 584 11.00 -16.97 -13.81
CA PHE C 584 10.28 -15.71 -13.78
C PHE C 584 10.18 -15.07 -15.16
N ALA C 585 10.31 -15.87 -16.22
CA ALA C 585 10.35 -15.35 -17.59
C ALA C 585 8.93 -15.22 -18.12
N ASN C 586 8.40 -14.00 -18.07
CA ASN C 586 7.13 -13.67 -18.72
C ASN C 586 7.28 -12.31 -19.37
N PHE C 587 6.43 -12.08 -20.38
CA PHE C 587 6.48 -10.81 -21.12
C PHE C 587 6.25 -9.61 -20.22
N GLY C 588 5.47 -9.77 -19.15
CA GLY C 588 5.24 -8.66 -18.24
C GLY C 588 6.48 -8.26 -17.47
N SER C 589 7.28 -9.23 -17.05
CA SER C 589 8.45 -8.96 -16.21
C SER C 589 9.54 -8.18 -16.92
N LEU C 590 9.47 -8.09 -18.25
CA LEU C 590 10.50 -7.37 -19.00
C LEU C 590 10.58 -5.91 -18.56
N GLY C 591 9.43 -5.26 -18.46
CA GLY C 591 9.42 -3.85 -18.11
C GLY C 591 9.93 -3.58 -16.72
N ILE C 592 9.50 -4.38 -15.74
CA ILE C 592 9.91 -4.14 -14.36
C ILE C 592 11.40 -4.45 -14.21
N VAL C 593 11.90 -5.48 -14.88
CA VAL C 593 13.32 -5.77 -14.84
C VAL C 593 14.12 -4.62 -15.42
N ILE C 594 13.71 -4.11 -16.59
CA ILE C 594 14.43 -3.01 -17.21
C ILE C 594 14.40 -1.79 -16.31
N GLY C 595 13.23 -1.47 -15.75
CA GLY C 595 13.13 -0.31 -14.88
C GLY C 595 14.03 -0.40 -13.67
N GLY C 596 14.03 -1.55 -13.00
CA GLY C 596 14.88 -1.71 -11.84
C GLY C 596 16.35 -1.63 -12.18
N LEU C 597 16.77 -2.28 -13.25
CA LEU C 597 18.18 -2.30 -13.59
C LEU C 597 18.66 -0.92 -14.06
N THR C 598 17.78 -0.15 -14.69
CA THR C 598 18.13 1.23 -15.02
C THR C 598 18.20 2.09 -13.76
N SER C 599 17.26 1.89 -12.83
CA SER C 599 17.29 2.64 -11.58
C SER C 599 18.57 2.36 -10.81
N MET C 600 19.11 1.15 -10.91
CA MET C 600 20.39 0.86 -10.27
C MET C 600 21.56 1.44 -11.06
N ALA C 601 21.48 1.41 -12.39
CA ALA C 601 22.56 1.89 -13.26
C ALA C 601 21.96 2.79 -14.34
N PRO C 602 21.72 4.05 -14.02
CA PRO C 602 21.09 4.94 -15.01
C PRO C 602 21.89 5.09 -16.30
N SER C 603 23.22 5.05 -16.23
CA SER C 603 24.04 5.29 -17.40
C SER C 603 23.96 4.18 -18.44
N ARG C 604 23.59 2.97 -18.03
CA ARG C 604 23.58 1.82 -18.92
C ARG C 604 22.19 1.52 -19.48
N LYS C 605 21.32 2.52 -19.56
CA LYS C 605 19.96 2.29 -20.02
C LYS C 605 19.93 1.80 -21.46
N ARG C 606 20.81 2.33 -22.31
CA ARG C 606 20.83 1.91 -23.71
C ARG C 606 21.16 0.43 -23.84
N ASP C 607 22.13 -0.05 -23.05
CA ASP C 607 22.54 -1.44 -23.15
C ASP C 607 21.50 -2.38 -22.52
N ILE C 608 20.87 -1.94 -21.44
CA ILE C 608 19.92 -2.80 -20.73
C ILE C 608 18.75 -3.17 -21.64
N THR C 609 18.21 -2.19 -22.36
CA THR C 609 17.06 -2.46 -23.22
C THR C 609 17.40 -3.39 -24.36
N ALA C 610 18.66 -3.40 -24.80
CA ALA C 610 19.02 -4.16 -25.99
C ALA C 610 18.97 -5.66 -25.75
N GLY C 611 19.48 -6.12 -24.62
CA GLY C 611 19.62 -7.54 -24.35
C GLY C 611 18.51 -8.18 -23.54
N ALA C 612 17.50 -7.42 -23.14
CA ALA C 612 16.48 -7.95 -22.24
C ALA C 612 15.68 -9.08 -22.89
N MET C 613 15.30 -8.91 -24.15
CA MET C 613 14.51 -9.94 -24.82
C MET C 613 15.32 -11.22 -25.03
N ARG C 614 16.57 -11.08 -25.45
CA ARG C 614 17.43 -12.25 -25.58
C ARG C 614 17.61 -12.93 -24.22
N ALA C 615 17.70 -12.15 -23.15
CA ALA C 615 17.83 -12.73 -21.82
C ALA C 615 16.58 -13.52 -21.44
N LEU C 616 15.40 -12.99 -21.76
CA LEU C 616 14.16 -13.68 -21.47
C LEU C 616 14.10 -15.02 -22.23
N ILE C 617 14.46 -15.00 -23.52
CA ILE C 617 14.44 -16.23 -24.30
C ILE C 617 15.45 -17.22 -23.75
N ALA C 618 16.64 -16.74 -23.38
CA ALA C 618 17.66 -17.62 -22.83
C ALA C 618 17.22 -18.24 -21.51
N GLY C 619 16.50 -17.48 -20.68
CA GLY C 619 15.99 -18.04 -19.44
C GLY C 619 14.99 -19.16 -19.70
N THR C 620 14.07 -18.94 -20.63
CA THR C 620 13.14 -20.01 -20.99
C THR C 620 13.89 -21.24 -21.48
N ILE C 621 14.89 -21.04 -22.34
CA ILE C 621 15.64 -22.17 -22.88
C ILE C 621 16.39 -22.90 -21.78
N ALA C 622 16.92 -22.17 -20.80
CA ALA C 622 17.62 -22.81 -19.69
C ALA C 622 16.68 -23.67 -18.86
N CYS C 623 15.47 -23.15 -18.59
CA CYS C 623 14.48 -23.97 -17.90
C CYS C 623 14.19 -25.24 -18.67
N PHE C 624 14.06 -25.13 -19.99
CA PHE C 624 13.79 -26.32 -20.80
C PHE C 624 14.96 -27.29 -20.76
N LEU C 625 16.20 -26.78 -20.74
CA LEU C 625 17.36 -27.67 -20.65
C LEU C 625 17.38 -28.44 -19.34
N THR C 626 17.07 -27.75 -18.23
CA THR C 626 16.98 -28.44 -16.95
C THR C 626 15.93 -29.53 -17.01
N ALA C 627 14.78 -29.22 -17.61
CA ALA C 627 13.71 -30.21 -17.73
C ALA C 627 14.14 -31.41 -18.57
N CYS C 628 14.88 -31.17 -19.67
CA CYS C 628 15.36 -32.27 -20.49
C CYS C 628 16.30 -33.17 -19.70
N ILE C 629 17.22 -32.57 -18.94
CA ILE C 629 18.14 -33.37 -18.14
C ILE C 629 17.37 -34.18 -17.11
N ALA C 630 16.35 -33.58 -16.49
CA ALA C 630 15.52 -34.33 -15.55
C ALA C 630 14.84 -35.50 -16.25
N GLY C 631 14.29 -35.27 -17.44
CA GLY C 631 13.55 -36.29 -18.13
C GLY C 631 14.39 -37.47 -18.58
N MET C 632 15.63 -37.21 -19.00
CA MET C 632 16.48 -38.29 -19.48
C MET C 632 16.97 -39.19 -18.37
N LEU C 633 16.74 -38.83 -17.10
CA LEU C 633 17.14 -39.65 -15.96
C LEU C 633 15.99 -40.31 -15.24
N THR C 634 14.82 -39.67 -15.20
CA THR C 634 13.66 -40.29 -14.57
C THR C 634 13.16 -41.45 -15.41
N ASN C 635 12.54 -42.41 -14.74
CA ASN C 635 12.04 -43.63 -15.36
C ASN C 635 10.53 -43.57 -15.54
N THR C 636 10.05 -44.35 -16.50
CA THR C 636 8.62 -44.44 -16.75
C THR C 636 7.99 -45.47 -15.82
N PRO C 637 7.06 -45.09 -14.93
CA PRO C 637 6.47 -46.10 -14.05
C PRO C 637 5.49 -47.01 -14.78
C01 U7I D . 5.98 2.42 17.14
C02 U7I D . 5.47 1.11 16.56
C03 U7I D . 4.89 0.46 17.43
C04 U7I D . 3.94 -0.59 16.57
C06 U7I D . 4.38 1.29 15.43
C08 U7I D . 2.48 2.54 16.22
C09 U7I D . 1.76 3.83 16.33
C10 U7I D . 2.32 5.06 15.70
C13 U7I D . 4.30 3.68 14.88
C15 U7I D . 2.92 -1.20 17.52
F18 U7I D . 6.61 0.32 16.04
N07 U7I D . 3.74 2.46 15.52
N12 U7I D . 3.58 4.98 14.99
O05 U7I D . 3.40 0.14 15.69
O11 U7I D . 1.75 6.09 15.78
O14 U7I D . 5.33 3.63 14.31
O16 U7I D . 1.96 -0.23 17.84
O17 U7I D . 5.85 -0.28 18.26
H011 U7I D . 6.54 2.95 16.39
H012 U7I D . 6.62 2.20 17.99
H013 U7I D . 5.15 3.03 17.47
H031 U7I D . 4.26 1.10 18.04
H041 U7I D . 4.55 -1.36 16.11
H061 U7I D . 4.83 1.18 14.46
H081 U7I D . 2.06 1.66 16.68
H091 U7I D . 0.81 3.88 16.86
H152 U7I D . 3.42 -1.52 18.42
H151 U7I D . 2.45 -2.05 17.05
H121 U7I D . 3.96 5.81 14.56
H161 U7I D . 1.25 -0.28 17.22
H171 U7I D . 6.66 -0.40 17.79
NA NA E . 3.97 9.37 21.83
C1 LBN F . 22.97 20.46 43.80
P1 LBN F . 21.86 21.64 41.71
C2 LBN F . 21.71 19.74 44.31
C3 LBN F . 22.11 18.57 45.18
C5 LBN F . 11.90 15.29 47.35
O1 LBN F . 22.59 21.68 43.21
C8 LBN F . 10.81 15.88 46.45
O2 LBN F . 20.44 21.14 41.85
C11 LBN F . 10.31 14.78 45.48
O3 LBN F . 22.64 20.72 40.80
C14 LBN F . 9.06 14.06 46.01
O4 LBN F . 21.85 23.16 41.07
C17 LBN F . 8.73 12.81 45.19
C20 LBN F . 8.03 11.76 46.04
C22 LBN F . 7.83 10.45 45.29
C23 LBN F . 7.19 9.34 46.11
C24 LBN F . 6.89 9.71 47.56
C25 LBN F . 21.81 16.25 45.40
O5 LBN F . 21.50 17.42 44.68
C26 LBN F . 20.79 15.69 46.40
O6 LBN F . 22.84 15.69 45.23
C27 LBN F . 20.40 14.22 46.12
C28 LBN F . 19.85 13.53 47.39
C29 LBN F . 18.60 14.24 47.92
C30 LBN F . 17.54 13.25 48.43
C31 LBN F . 16.42 13.97 49.22
C34 LBN F . 19.53 20.58 44.79
O7 LBN F . 20.93 20.65 45.07
C35 LBN F . 18.68 19.42 45.37
O8 LBN F . 19.03 21.41 44.09
C36 LBN F . 18.65 19.42 46.91
C37 LBN F . 17.69 18.36 47.47
C38 LBN F . 16.33 18.96 47.87
C39 LBN F . 15.19 17.95 47.65
C40 LBN F . 13.98 18.20 48.55
C41 LBN F . 12.70 17.62 47.93
C42 LBN F . 12.76 16.08 48.03
H1 LBN F . 23.65 20.64 44.62
H2 LBN F . 23.47 19.84 43.06
H3 LBN F . 21.14 19.39 43.47
H4 LBN F . 21.77 18.74 46.21
H5 LBN F . 23.18 18.45 45.17
H8 LBN F . 11.98 14.21 47.44
H13 LBN F . 11.20 16.71 45.87
H14 LBN F . 9.97 16.22 47.06
H19 LBN F . 10.08 15.24 44.52
H25 LBN F . 9.23 13.78 47.03
H32 LBN F . 8.09 13.08 44.36
H33 LBN F . 9.65 12.39 44.80
H39 LBN F . 7.06 12.15 46.33
H40 LBN F . 8.62 11.58 46.93
H44 LBN F . 8.80 10.10 44.94
H45 LBN F . 7.21 10.64 44.43
H46 LBN F . 6.27 9.05 45.63
H47 LBN F . 7.87 8.48 46.11
H48 LBN F . 6.40 8.87 48.04
H49 LBN F . 6.23 10.57 47.59
H50 LBN F . 7.81 9.93 48.08
H51 LBN F . 19.89 16.30 46.35
H52 LBN F . 21.20 15.77 47.40
H53 LBN F . 19.64 14.21 45.35
H54 LBN F . 21.28 13.69 45.77
H55 LBN F . 20.62 13.54 48.15
H56 LBN F . 19.62 12.51 47.14
H57 LBN F . 18.18 14.85 47.13
H58 LBN F . 18.90 14.88 48.74
H59 LBN F . 17.10 12.74 47.58
H60 LBN F . 18.02 12.53 49.08
H61 LBN F . 16.72 14.98 49.44
H62 LBN F . 15.53 13.99 48.59
H67 LBN F . 19.09 18.48 45.03
H68 LBN F . 17.66 19.52 44.99
H69 LBN F . 18.33 20.40 47.25
H70 LBN F . 19.65 19.22 47.27
H71 LBN F . 17.54 17.61 46.71
H72 LBN F . 18.14 17.90 48.34
H73 LBN F . 16.14 19.84 47.26
H74 LBN F . 16.36 19.24 48.91
H75 LBN F . 15.57 16.96 47.85
H76 LBN F . 14.15 17.74 49.52
H77 LBN F . 12.63 17.92 46.90
H78 LBN F . 11.84 17.97 48.48
H79 LBN F . 13.53 15.62 48.64
H80 LBN F . 11.10 14.06 45.33
H81 LBN F . 8.22 14.75 45.96
H82 LBN F . 14.87 18.00 46.62
H83 LBN F . 13.86 19.28 48.69
C1 LBN G . 15.32 25.86 43.09
P1 LBN G . 16.78 26.42 40.96
C2 LBN G . 14.28 24.81 43.54
C3 LBN G . 12.87 25.31 43.25
C5 LBN G . 5.88 17.49 44.57
O1 LBN G . 15.36 25.89 41.68
C8 LBN G . 5.98 17.34 46.10
O2 LBN G . 17.89 25.46 41.31
C11 LBN G . 5.14 16.13 46.58
O3 LBN G . 16.60 26.47 39.46
C14 LBN G . 5.43 15.81 48.04
O4 LBN G . 17.15 27.92 41.52
C17 LBN G . 4.55 14.66 48.59
C20 LBN G . 4.53 14.64 50.11
C22 LBN G . 3.56 13.61 50.65
C23 LBN G . 2.09 13.93 50.45
C24 LBN G . 1.74 15.41 50.55
C25 LBN G . 11.60 24.93 45.21
O5 LBN G . 12.34 25.85 44.44
C26 LBN G . 10.24 24.43 44.73
O6 LBN G . 12.04 24.55 46.24
C27 LBN G . 9.23 24.25 45.88
C28 LBN G . 7.94 23.55 45.41
C29 LBN G . 6.97 23.27 46.57
C30 LBN G . 5.78 22.42 46.13
C31 LBN G . 4.66 22.35 47.19
C34 LBN G . 15.43 22.74 43.49
O7 LBN G . 14.49 23.60 42.84
C35 LBN G . 14.91 21.59 44.40
O8 LBN G . 16.59 22.90 43.35
C36 LBN G . 13.85 20.69 43.72
C37 LBN G . 12.46 20.89 44.33
C38 LBN G . 11.52 19.70 44.07
C39 LBN G . 10.10 19.99 44.59
C40 LBN G . 9.10 18.88 44.27
C41 LBN G . 7.65 19.31 44.62
C42 LBN G . 6.64 18.38 43.90
H1 LBN G . 15.03 26.83 43.47
H2 LBN G . 16.29 25.59 43.47
H3 LBN G . 14.38 24.64 44.60
H4 LBN G . 12.27 24.49 42.90
H5 LBN G . 12.92 26.08 42.48
H8 LBN G . 5.19 16.87 44.02
H13 LBN G . 5.61 18.25 46.57
H14 LBN G . 7.02 17.19 46.38
H19 LBN G . 4.08 16.36 46.46
H25 LBN G . 6.46 15.53 48.16
H32 LBN G . 3.54 14.79 48.22
H33 LBN G . 4.94 13.72 48.23
H39 LBN G . 4.28 15.62 50.48
H40 LBN G . 5.53 14.38 50.46
H44 LBN G . 3.75 13.49 51.72
H45 LBN G . 3.77 12.66 50.16
H46 LBN G . 1.78 13.57 49.47
H47 LBN G . 1.51 13.40 51.21
H48 LBN G . 0.66 15.52 50.55
H49 LBN G . 2.16 15.94 49.70
H50 LBN G . 2.15 15.81 51.47
H51 LBN G . 10.38 23.48 44.23
H52 LBN G . 9.84 25.14 44.02
H53 LBN G . 9.69 23.66 46.66
H54 LBN G . 8.98 25.23 46.28
H55 LBN G . 8.20 22.61 44.95
H56 LBN G . 7.44 24.18 44.70
H57 LBN G . 7.50 22.76 47.36
H58 LBN G . 6.60 24.23 46.96
H59 LBN G . 6.13 21.41 45.93
H60 LBN G . 5.38 22.83 45.22
H61 LBN G . 4.83 21.49 47.82
H62 LBN G . 3.71 22.22 46.67
H67 LBN G . 14.48 22.04 45.30
H68 LBN G . 15.76 20.97 44.70
H69 LBN G . 14.14 19.65 43.83
H70 LBN G . 13.80 20.94 42.66
H71 LBN G . 12.55 21.01 45.41
H72 LBN G . 12.01 21.77 43.90
H73 LBN G . 11.90 18.83 44.58
H74 LBN G . 11.48 19.50 43.00
H75 LBN G . 9.76 20.91 44.15
H76 LBN G . 9.14 18.66 43.20
H77 LBN G . 7.50 20.32 44.29
H78 LBN G . 7.53 19.27 45.70
H79 LBN G . 6.55 18.46 42.82
H80 LBN G . 5.38 15.27 45.97
H81 LBN G . 5.24 16.69 48.64
H82 LBN G . 10.15 20.11 45.66
H83 LBN G . 9.36 17.99 44.83
C1 LBN H . -23.84 10.68 22.45
P1 LBN H . -24.74 9.06 24.33
C2 LBN H . -22.45 11.33 22.35
C3 LBN H . -22.59 12.83 22.51
C5 LBN H . -10.94 11.70 20.42
O1 LBN H . -23.70 9.42 23.08
C8 LBN H . -10.35 10.27 20.48
O2 LBN H . -26.17 9.31 23.88
O3 LBN H . -24.43 9.94 25.51
O4 LBN H . -24.57 7.49 24.75
C25 LBN H . -21.45 14.83 22.00
O5 LBN H . -21.54 13.44 21.81
C26 LBN H . -20.27 15.60 21.38
O6 LBN H . -22.25 15.39 22.65
C27 LBN H . -20.63 17.06 21.07
C28 LBN H . -19.49 17.80 20.33
C34 LBN H . -20.26 10.66 23.01
O7 LBN H . -21.63 10.82 23.39
C35 LBN H . -19.31 11.88 23.03
O8 LBN H . -19.86 9.59 22.68
C36 LBN H . -17.85 11.49 23.37
C37 LBN H . -16.93 11.42 22.15
C38 LBN H . -15.61 12.17 22.37
C39 LBN H . -14.77 11.54 23.50
C40 LBN H . -13.28 11.87 23.38
C41 LBN H . -12.57 11.07 22.24
C42 LBN H . -11.95 12.07 21.23
H1 LBN H . -24.51 11.30 23.02
H2 LBN H . -24.24 10.53 21.45
H3 LBN H . -22.00 11.11 21.39
H4 LBN H . -22.54 13.09 23.56
H5 LBN H . -23.54 13.15 22.10
H8 LBN H . -10.53 12.42 19.72
H13 LBN H . -11.15 9.54 20.55
H14 LBN H . -9.70 10.18 21.34
H51 LBN H . -19.98 15.11 20.46
H52 LBN H . -19.43 15.59 22.08
H53 LBN H . -21.53 17.07 20.45
H54 LBN H . -20.84 17.58 22.00
H55 LBN H . -19.65 17.68 19.26
H56 LBN H . -18.55 17.34 20.60
H67 LBN H . -19.66 12.59 23.77
H68 LBN H . -19.33 12.36 22.05
H69 LBN H . -17.87 10.51 23.85
H70 LBN H . -17.45 12.22 24.06
H71 LBN H . -16.72 10.38 21.95
H72 LBN H . -17.43 11.84 21.29
H73 LBN H . -15.83 13.20 22.64
H74 LBN H . -15.03 12.16 21.45
H75 LBN H . -15.13 11.91 24.45
H76 LBN H . -13.17 12.92 23.18
H77 LBN H . -13.30 10.45 21.74
H78 LBN H . -11.80 10.46 22.67
H79 LBN H . -12.34 13.08 21.15
H82 LBN H . -14.90 10.47 23.46
H83 LBN H . -12.79 11.63 24.32
C1 LBN I . 25.06 1.75 25.40
P1 LBN I . 25.79 3.92 24.09
C2 LBN I . 24.04 1.34 26.47
C3 LBN I . 23.40 0.03 26.08
C5 LBN I . 16.59 -1.35 33.42
O1 LBN I . 25.29 3.13 25.47
C8 LBN I . 16.22 -0.99 31.97
O2 LBN I . 24.59 4.40 23.31
C11 LBN I . 16.67 -2.13 31.02
O3 LBN I . 26.57 2.95 23.23
C14 LBN I . 15.88 -2.12 29.70
O4 LBN I . 26.75 5.20 24.50
C17 LBN I . 16.32 -3.22 28.72
C25 LBN I . 23.77 -1.90 24.77
O5 LBN I . 24.31 -0.72 25.31
C26 LBN I . 23.09 -2.92 25.71
O6 LBN I . 23.83 -2.11 23.61
C27 LBN I . 21.55 -2.85 25.64
C28 LBN I . 20.90 -3.67 26.77
C29 LBN I . 20.80 -2.88 28.07
C30 LBN I . 20.13 -3.68 29.19
C31 LBN I . 20.86 -3.53 30.54
C34 LBN I . 24.29 2.14 28.71
O7 LBN I . 24.69 1.18 27.72
C35 LBN I . 24.04 1.69 30.18
O8 LBN I . 24.15 3.28 28.42
C36 LBN I . 23.07 0.49 30.31
C37 LBN I . 21.79 0.83 31.08
C38 LBN I . 21.89 0.49 32.57
C39 LBN I . 20.85 1.25 33.41
C40 LBN I . 19.87 0.34 34.14
C41 LBN I . 18.96 -0.46 33.16
C42 LBN I . 17.81 -1.11 33.96
H1 LBN I . 26.00 1.23 25.58
H2 LBN I . 24.68 1.50 24.41
H3 LBN I . 23.28 2.10 26.54
H4 LBN I . 22.51 0.22 25.49
H5 LBN I . 23.14 -0.53 26.97
H8 LBN I . 15.83 -1.81 34.05
H13 LBN I . 16.68 -0.05 31.68
H14 LBN I . 15.15 -0.90 31.90
H19 LBN I . 17.73 -2.01 30.80
H25 LBN I . 14.82 -2.25 29.93
H32 LBN I . 15.44 -3.64 28.26
H33 LBN I . 16.95 -2.77 27.96
H51 LBN I . 23.40 -3.91 25.41
H52 LBN I . 23.42 -2.74 26.73
H53 LBN I . 21.25 -1.81 25.75
H54 LBN I . 21.22 -3.23 24.68
H55 LBN I . 19.90 -3.96 26.46
H56 LBN I . 21.49 -4.57 26.94
H57 LBN I . 20.23 -1.98 27.89
H58 LBN I . 21.80 -2.60 28.39
H59 LBN I . 19.11 -3.32 29.32
H60 LBN I . 20.10 -4.73 28.92
H61 LBN I . 20.79 -2.50 30.87
H62 LBN I . 20.38 -4.17 31.27
H67 LBN I . 23.64 2.54 30.74
H68 LBN I . 24.99 1.41 30.62
H69 LBN I . 23.59 -0.32 30.81
H70 LBN I . 22.80 0.16 29.30
H71 LBN I . 21.59 1.89 30.97
H72 LBN I . 20.98 0.27 30.65
H73 LBN I . 22.88 0.73 32.93
H74 LBN I . 21.72 -0.58 32.69
H75 LBN I . 21.38 1.85 34.14
H76 LBN I . 19.24 0.94 34.79
H77 LBN I . 19.54 -1.24 32.67
H78 LBN I . 18.58 0.22 32.41
H79 LBN I . 17.99 -1.39 34.98
H80 LBN I . 16.52 -3.08 31.51
H81 LBN I . 16.01 -1.15 29.22
H82 LBN I . 20.30 1.91 32.76
H83 LBN I . 20.42 -0.37 34.76
C01 U7I J . -12.15 11.73 -7.17
C02 U7I J . -12.39 10.84 -5.95
C03 U7I J . -13.56 10.49 -5.90
C04 U7I J . -13.54 9.15 -4.94
C06 U7I J . -11.59 9.48 -5.99
C08 U7I J . -12.11 8.19 -7.95
C09 U7I J . -11.77 7.76 -9.33
C10 U7I J . -10.53 8.28 -9.97
C13 U7I J . -10.01 9.61 -7.87
C15 U7I J . -14.87 8.43 -5.08
F18 U7I J . -12.05 11.59 -4.72
N07 U7I J . -11.26 9.11 -7.22
N12 U7I J . -9.67 9.19 -9.26
O05 U7I J . -12.57 8.47 -5.37
O11 U7I J . -10.24 7.94 -11.07
O14 U7I J . -9.30 10.36 -7.30
O16 U7I J . -14.91 7.81 -6.33
O17 U7I J . -14.40 11.55 -5.30
H011 U7I J . -11.13 12.08 -7.16
H012 U7I J . -12.83 12.57 -7.13
H013 U7I J . -12.33 11.17 -8.08
H031 U7I J . -13.93 10.23 -6.88
H041 U7I J . -13.37 9.44 -3.90
H061 U7I J . -10.70 9.55 -5.37
H081 U7I J . -13.01 7.82 -7.49
H091 U7I J . -12.41 7.08 -9.86
H152 U7I J . -15.67 9.15 -5.01
H151 U7I J . -14.97 7.69 -4.30
H121 U7I J . -8.83 9.53 -9.69
H161 U7I J . -14.57 6.93 -6.25
H171 U7I J . -13.86 12.11 -4.78
NA NA K . -13.37 12.58 -15.65
C1 LBN L . -22.56 39.43 -28.34
P1 LBN L . -20.49 37.90 -28.88
C2 LBN L . -23.62 38.32 -28.30
C3 LBN L . -24.82 38.80 -27.51
C5 LBN L . -30.56 29.54 -28.55
O1 LBN L . -21.57 39.08 -29.29
C8 LBN L . -29.77 28.32 -29.03
O2 LBN L . -21.16 36.55 -28.91
C11 LBN L . -29.56 27.36 -27.83
O3 LBN L . -19.96 38.16 -27.48
C14 LBN L . -30.63 26.25 -27.79
O4 LBN L . -19.23 37.91 -29.94
C17 LBN L . -30.60 25.47 -26.47
C20 LBN L . -31.98 24.93 -26.11
C22 LBN L . -31.99 24.29 -24.73
C23 LBN L . -33.37 23.79 -24.28
C24 LBN L . -34.49 24.06 -25.26
C25 LBN L . -26.16 38.21 -25.66
O5 LBN L . -25.07 37.87 -26.48
C26 LBN L . -27.51 37.53 -25.88
O6 LBN L . -26.04 39.03 -24.81
C27 LBN L . -28.05 36.83 -24.61
C28 LBN L . -29.58 36.64 -24.67
C29 LBN L . -30.00 35.78 -25.87
C30 LBN L . -31.13 34.80 -25.53
C31 LBN L . -31.73 34.15 -26.78
C34 LBN L . -24.13 36.60 -29.86
O7 LBN L . -24.04 38.01 -29.62
C35 LBN L . -25.37 35.82 -29.34
O8 LBN L . -23.28 36.03 -30.46
C36 LBN L . -26.70 36.32 -29.96
C37 LBN L . -27.88 35.44 -29.55
C38 LBN L . -28.26 34.42 -30.62
C39 LBN L . -28.82 33.13 -30.00
C40 LBN L . -29.74 32.36 -30.93
C41 LBN L . -29.79 30.85 -30.56
C42 LBN L . -30.57 30.70 -29.24
H1 LBN L . -23.03 40.36 -28.63
H2 LBN L . -22.11 39.55 -27.36
H3 LBN L . -23.20 37.45 -27.83
H4 LBN L . -25.70 38.86 -28.16
H5 LBN L . -24.62 39.77 -27.08
H8 LBN L . -31.13 29.48 -27.62
H13 LBN L . -28.80 28.62 -29.41
H14 LBN L . -30.32 27.81 -29.82
H19 LBN L . -28.59 26.88 -27.92
H25 LBN L . -31.60 26.72 -27.90
H32 LBN L . -29.91 24.64 -26.57
H33 LBN L . -30.25 26.12 -25.68
H39 LBN L . -32.26 24.20 -26.84
H40 LBN L . -32.68 25.76 -26.13
H44 LBN L . -31.63 25.01 -24.01
H45 LBN L . -31.32 23.44 -24.74
H46 LBN L . -33.30 22.72 -24.11
H47 LBN L . -33.61 24.27 -23.34
H48 LBN L . -35.41 23.64 -24.88
H49 LBN L . -34.27 23.60 -26.22
H50 LBN L . -34.62 25.14 -25.39
H51 LBN L . -27.39 36.77 -26.66
H52 LBN L . -28.24 38.26 -26.21
H53 LBN L . -27.57 35.86 -24.51
H54 LBN L . -27.80 37.44 -23.75
H55 LBN L . -30.05 37.60 -24.75
H56 LBN L . -29.90 36.16 -23.76
H57 LBN L . -29.13 35.22 -26.21
H58 LBN L . -30.32 36.43 -26.67
H59 LBN L . -30.75 34.03 -24.88
H60 LBN L . -31.91 35.35 -25.01
H61 LBN L . -31.37 34.67 -27.66
H62 LBN L . -31.39 33.11 -26.83
H67 LBN L . -25.43 35.93 -28.26
H68 LBN L . -25.25 34.77 -29.57
H69 LBN L . -26.60 36.31 -31.04
H70 LBN L . -26.88 37.33 -29.63
H71 LBN L . -27.62 34.92 -28.63
H72 LBN L . -28.73 36.08 -29.35
H73 LBN L . -27.38 34.18 -31.20
H74 LBN L . -29.01 34.84 -31.27
H75 LBN L . -29.37 33.38 -29.11
H76 LBN L . -30.73 32.76 -30.86
H77 LBN L . -28.77 30.49 -30.44
H78 LBN L . -30.27 30.30 -31.35
H79 LBN L . -31.14 31.54 -28.86
H80 LBN L . -29.59 27.92 -26.91
H81 LBN L . -30.46 25.57 -28.62
H82 LBN L . -27.98 32.49 -29.73
H83 LBN L . -29.39 32.46 -31.95
C1 LBN M . -21.19 32.97 -35.03
P1 LBN M . -18.78 33.70 -34.24
C2 LBN M . -22.30 32.00 -34.61
C3 LBN M . -22.15 30.69 -35.35
C5 LBN M . -28.54 23.38 -31.15
O1 LBN M . -19.96 32.55 -34.49
C8 LBN M . -29.90 23.96 -31.60
O2 LBN M . -19.27 34.70 -33.22
C11 LBN M . -31.06 23.14 -30.98
O3 LBN M . -17.52 33.04 -33.74
C14 LBN M . -32.40 23.87 -31.19
O4 LBN M . -18.47 34.48 -35.65
C17 LBN M . -33.59 23.05 -30.67
C20 LBN M . -34.91 23.54 -31.26
C22 LBN M . -36.08 22.66 -30.86
C23 LBN M . -36.10 21.27 -31.51
C24 LBN M . -35.58 21.23 -32.93
C25 LBN M . -24.29 30.11 -36.17
O5 LBN M . -23.03 30.68 -36.44
C26 LBN M . -24.43 28.60 -35.95
O6 LBN M . -25.25 30.80 -36.12
C27 LBN M . -25.73 28.03 -36.54
C28 LBN M . -25.96 26.56 -36.14
C29 LBN M . -27.29 26.01 -36.64
C30 LBN M . -27.59 24.61 -36.07
C31 LBN M . -28.78 23.92 -36.77
C34 LBN M . -22.97 32.72 -32.44
O7 LBN M . -22.23 31.77 -33.21
C35 LBN M . -24.40 32.35 -31.97
O8 LBN M . -22.51 33.78 -32.18
C36 LBN M . -24.48 30.99 -31.23
C37 LBN M . -25.24 29.95 -32.05
C38 LBN M . -25.78 28.79 -31.19
C39 LBN M . -26.42 27.70 -32.07
C40 LBN M . -26.89 26.48 -31.27
C41 LBN M . -27.34 25.34 -32.22
C42 LBN M . -27.38 24.01 -31.44
H1 LBN M . -21.12 33.01 -36.11
H2 LBN M . -21.42 33.96 -34.65
H3 LBN M . -23.27 32.43 -34.84
H4 LBN M . -22.39 29.87 -34.68
H5 LBN M . -21.12 30.59 -35.69
H8 LBN M . -28.52 22.45 -30.59
H13 LBN M . -29.96 23.93 -32.68
H14 LBN M . -29.97 24.99 -31.27
H19 LBN M . -31.10 22.17 -31.45
H25 LBN M . -32.39 24.82 -30.69
H32 LBN M . -33.46 22.01 -30.94
H33 LBN M . -33.64 23.14 -29.59
H39 LBN M . -34.83 23.60 -32.33
H40 LBN M . -35.10 24.54 -30.88
H44 LBN M . -37.00 23.17 -31.14
H45 LBN M . -36.06 22.54 -29.79
H46 LBN M . -35.50 20.61 -30.89
H47 LBN M . -37.12 20.92 -31.51
H48 LBN M . -35.78 20.26 -33.36
H49 LBN M . -34.50 21.40 -32.93
H50 LBN M . -36.06 22.00 -33.53
H51 LBN M . -24.42 28.40 -34.88
H52 LBN M . -23.58 28.10 -36.40
H53 LBN M . -26.56 28.62 -36.19
H54 LBN M . -25.67 28.09 -37.63
H55 LBN M . -25.93 26.48 -35.06
H56 LBN M . -25.16 25.96 -36.55
H57 LBN M . -28.09 26.69 -36.35
H58 LBN M . -27.26 25.95 -37.72
H59 LBN M . -27.81 24.70 -35.02
H60 LBN M . -26.71 24.00 -36.19
H61 LBN M . -29.69 24.16 -36.22
H62 LBN M . -28.62 22.85 -36.72
H67 LBN M . -25.05 32.33 -32.83
H68 LBN M . -24.75 33.14 -31.29
H69 LBN M . -25.00 31.13 -30.28
H70 LBN M . -23.48 30.64 -31.04
H71 LBN M . -26.08 30.41 -32.55
H72 LBN M . -24.57 29.53 -32.79
H73 LBN M . -26.54 29.18 -30.52
H74 LBN M . -24.98 28.36 -30.62
H75 LBN M . -25.69 27.38 -32.80
H76 LBN M . -26.07 26.13 -30.65
H77 LBN M . -26.61 25.25 -33.03
H78 LBN M . -28.30 25.58 -32.64
H79 LBN M . -26.44 23.56 -31.10
H80 LBN M . -30.89 23.03 -29.92
H81 LBN M . -32.54 24.04 -32.26
H82 LBN M . -27.27 28.13 -32.59
H83 LBN M . -27.72 26.76 -30.65
C1 LBN N . -19.68 -12.77 -25.30
P1 LBN N . -22.25 -13.22 -24.91
C2 LBN N . -18.98 -11.41 -25.42
C3 LBN N . -18.44 -11.25 -26.82
C5 LBN N . -14.51 -1.34 -21.56
O1 LBN N . -20.77 -12.62 -24.42
C8 LBN N . -15.08 -1.00 -20.17
O2 LBN N . -22.09 -14.66 -25.37
O3 LBN N . -22.79 -12.39 -26.06
O4 LBN N . -23.31 -13.17 -23.66
C25 LBN N . -16.81 -10.02 -28.02
O5 LBN N . -17.32 -10.40 -26.77
C26 LBN N . -15.66 -9.03 -28.10
O6 LBN N . -17.29 -10.46 -29.02
C27 LBN N . -14.78 -9.23 -29.35
C28 LBN N . -13.55 -8.30 -29.36
C34 LBN N . -19.36 -9.26 -24.45
O7 LBN N . -19.90 -10.38 -25.14
C35 LBN N . -18.57 -8.18 -25.23
O8 LBN N . -19.47 -9.18 -23.27
C36 LBN N . -18.71 -6.77 -24.59
C37 LBN N . -17.49 -6.35 -23.77
C38 LBN N . -17.03 -4.93 -24.12
C39 LBN N . -18.09 -3.87 -23.78
C40 LBN N . -17.48 -2.48 -23.56
C41 LBN N . -16.73 -2.33 -22.21
C42 LBN N . -15.26 -1.94 -22.49
H1 LBN N . -20.03 -13.09 -26.27
H2 LBN N . -18.98 -13.50 -24.90
H3 LBN N . -18.16 -11.36 -24.71
H4 LBN N . -19.20 -10.79 -27.45
H5 LBN N . -18.16 -12.20 -27.22
H8 LBN N . -13.48 -1.07 -21.77
H13 LBN N . -15.66 -1.84 -19.79
H14 LBN N . -15.73 -0.12 -20.24
H51 LBN N . -15.04 -9.14 -27.22
H52 LBN N . -16.06 -8.02 -28.12
H53 LBN N . -14.46 -10.26 -29.39
H54 LBN N . -15.38 -9.02 -30.23
H55 LBN N . -12.73 -8.82 -28.88
H56 LBN N . -13.78 -7.41 -28.79
H67 LBN N . -18.95 -8.13 -26.25
H68 LBN N . -17.52 -8.45 -25.26
H69 LBN N . -19.58 -6.78 -23.95
H70 LBN N . -18.87 -6.05 -25.38
H71 LBN N . -17.76 -6.38 -22.73
H72 LBN N . -16.67 -7.02 -23.95
H73 LBN N . -16.83 -4.87 -25.20
H74 LBN N . -16.12 -4.70 -23.58
H75 LBN N . -18.81 -3.82 -24.57
H76 LBN N . -16.80 -2.27 -24.38
H77 LBN N . -16.76 -3.28 -21.69
H78 LBN N . -17.20 -1.57 -21.62
H79 LBN N . -14.81 -2.17 -23.45
H82 LBN N . -18.59 -4.17 -22.86
H83 LBN N . -18.29 -1.74 -23.58
C1 LBN O . -15.13 32.10 -4.18
P1 LBN O . -12.82 32.68 -5.33
C2 LBN O . -16.46 31.45 -4.56
C3 LBN O . -16.89 30.51 -3.45
C5 LBN O . -25.36 26.46 -7.18
O1 LBN O . -14.49 32.56 -5.35
C8 LBN O . -24.05 25.69 -7.03
O2 LBN O . -12.21 31.38 -5.80
C11 LBN O . -23.66 25.60 -5.53
O3 LBN O . -12.35 32.96 -3.92
C14 LBN O . -22.71 24.41 -5.26
O4 LBN O . -12.35 33.91 -6.32
C17 LBN O . -22.29 24.32 -3.78
C25 LBN O . -16.59 30.09 -1.15
O5 LBN O . -16.36 30.97 -2.23
C26 LBN O . -18.02 29.62 -0.83
O6 LBN O . -15.68 29.72 -0.49
C27 LBN O . -18.28 28.19 -1.34
C28 LBN O . -19.78 27.83 -1.25
C29 LBN O . -20.55 28.30 -2.49
C30 LBN O . -22.03 27.92 -2.44
C31 LBN O . -22.95 29.09 -2.87
C34 LBN O . -17.93 32.57 -6.06
O7 LBN O . -17.45 32.45 -4.72
C35 LBN O . -19.46 32.76 -6.32
O8 LBN O . -17.18 32.53 -6.97
C36 LBN O . -20.35 31.72 -5.62
C37 LBN O . -21.15 30.84 -6.61
C38 LBN O . -22.56 31.38 -6.86
C39 LBN O . -23.17 30.83 -8.17
C40 LBN O . -24.44 30.02 -7.95
C41 LBN O . -24.17 28.72 -7.15
C42 LBN O . -25.43 27.82 -7.24
H1 LBN O . -15.30 32.94 -3.52
H2 LBN O . -14.48 31.38 -3.68
H3 LBN O . -16.34 30.89 -5.48
H4 LBN O . -16.50 29.52 -3.65
H5 LBN O . -17.97 30.48 -3.40
H8 LBN O . -26.29 25.90 -7.25
H13 LBN O . -23.25 26.16 -7.59
H14 LBN O . -24.19 24.68 -7.41
H19 LBN O . -23.16 26.52 -5.24
H25 LBN O . -23.21 23.50 -5.54
H32 LBN O . -22.30 23.28 -3.48
H33 LBN O . -21.28 24.70 -3.68
H51 LBN O . -18.16 29.64 0.24
H52 LBN O . -18.72 30.29 -1.31
H53 LBN O . -17.95 28.11 -2.37
H54 LBN O . -17.72 27.49 -0.72
H55 LBN O . -19.88 26.74 -1.17
H56 LBN O . -20.21 28.28 -0.37
H57 LBN O . -20.10 27.86 -3.37
H58 LBN O . -20.46 29.38 -2.56
H59 LBN O . -22.20 27.09 -3.09
H60 LBN O . -22.29 27.64 -1.43
H61 LBN O . -22.76 29.30 -3.92
H62 LBN O . -23.98 28.79 -2.76
H67 LBN O . -19.64 32.71 -7.40
H68 LBN O . -19.75 33.75 -5.97
H69 LBN O . -21.04 32.23 -4.97
H70 LBN O . -19.72 31.07 -5.02
H71 LBN O . -20.61 30.79 -7.54
H72 LBN O . -21.23 29.85 -6.19
H73 LBN O . -22.52 32.47 -6.93
H74 LBN O . -23.21 31.11 -6.04
H75 LBN O . -23.39 31.66 -8.83
H76 LBN O . -24.86 29.75 -8.92
H77 LBN O . -23.99 28.96 -6.11
H78 LBN O . -23.31 28.22 -7.55
H79 LBN O . -26.40 28.28 -7.35
H80 LBN O . -24.56 25.47 -4.95
H81 LBN O . -21.82 24.54 -5.86
H82 LBN O . -22.44 30.20 -8.65
H83 LBN O . -25.16 30.63 -7.41
C01 U7I P . 8.73 -11.71 -11.02
C02 U7I P . 7.22 -11.65 -10.81
C03 U7I P . 6.74 -12.78 -10.86
C04 U7I P . 5.30 -12.63 -10.07
C06 U7I P . 6.81 -11.14 -9.37
C08 U7I P . 7.76 -12.49 -7.62
C09 U7I P . 8.82 -12.70 -6.60
C10 U7I P . 9.90 -11.69 -6.43
C13 U7I P . 8.85 -10.29 -8.29
C15 U7I P . 4.78 -14.02 -9.76
F18 U7I P . 6.60 -10.80 -11.85
N07 U7I P . 7.77 -11.30 -8.46
N12 U7I P . 9.91 -10.50 -7.27
O05 U7I P . 5.58 -11.98 -9.02
O11 U7I P . 10.74 -11.85 -5.62
O14 U7I P . 8.87 -9.32 -8.96
O16 U7I P . 5.54 -14.59 -8.74
O17 U7I P . 6.53 -13.19 -12.27
H011 U7I P . 9.13 -10.70 -11.05
H012 U7I P . 8.93 -12.20 -11.96
H013 U7I P . 9.20 -12.27 -10.22
H031 U7I P . 7.37 -13.49 -10.35
H041 U7I P . 4.59 -12.07 -10.67
H061 U7I P . 6.53 -10.08 -9.43
H081 U7I P . 6.97 -13.22 -7.74
H091 U7I P . 8.80 -13.59 -5.98
H152 U7I P . 4.86 -14.63 -10.66
H151 U7I P . 3.74 -13.97 -9.47
H121 U7I P . 10.64 -9.82 -7.15
H161 U7I P . 5.15 -14.36 -7.91
H171 U7I P . 6.46 -12.42 -12.80
NA NA Q . 16.08 -15.60 -8.76
C1 LBN R . 37.25 -24.32 -29.79
P1 LBN R . 37.47 -22.81 -27.63
C2 LBN R . 36.45 -25.46 -29.15
C3 LBN R . 35.71 -26.23 -30.22
C5 LBN R . 30.93 -33.32 -23.41
O1 LBN R . 38.12 -23.78 -28.82
C8 LBN R . 30.95 -32.95 -21.91
O2 LBN R . 36.73 -23.66 -26.63
C11 LBN R . 29.53 -32.50 -21.49
O3 LBN R . 36.53 -21.81 -28.26
C14 LBN R . 28.73 -33.65 -20.86
O4 LBN R . 38.69 -22.00 -26.86
C17 LBN R . 27.25 -33.28 -20.69
C20 LBN R . 26.36 -34.52 -20.77
C22 LBN R . 24.89 -34.17 -20.75
C23 LBN R . 23.95 -35.36 -20.90
C24 LBN R . 24.64 -36.70 -21.07
C25 LBN R . 33.55 -26.93 -30.83
O5 LBN R . 34.35 -26.25 -29.89
C26 LBN R . 33.09 -28.36 -30.53
O6 LBN R . 33.23 -26.41 -31.84
C27 LBN R . 31.56 -28.53 -30.59
C28 LBN R . 31.17 -30.00 -30.84
C29 LBN R . 31.69 -30.93 -29.73
C30 LBN R . 30.67 -32.03 -29.35
C31 LBN R . 31.30 -33.10 -28.45
C34 LBN R . 36.85 -26.73 -27.17
O7 LBN R . 37.32 -26.34 -28.46
C35 LBN R . 35.75 -27.82 -27.06
O8 LBN R . 37.29 -26.22 -26.20
C36 LBN R . 36.20 -29.17 -27.63
C37 LBN R . 35.16 -30.28 -27.38
C38 LBN R . 35.51 -31.16 -26.17
C39 LBN R . 34.25 -31.65 -25.44
C40 LBN R . 34.47 -32.96 -24.67
C41 LBN R . 33.44 -33.09 -23.53
C42 LBN R . 32.05 -33.39 -24.14
H1 LBN R . 37.82 -24.70 -30.62
H2 LBN R . 36.58 -23.55 -30.14
H3 LBN R . 35.74 -25.04 -28.45
H4 LBN R . 36.09 -27.25 -30.26
H5 LBN R . 35.84 -25.75 -31.18
H8 LBN R . 29.98 -33.55 -23.87
H13 LBN R . 31.64 -32.12 -21.75
H14 LBN R . 31.25 -33.80 -21.32
H19 LBN R . 29.62 -31.69 -20.76
H25 LBN R . 28.81 -34.51 -21.51
H32 LBN R . 27.11 -32.80 -19.73
H33 LBN R . 26.96 -32.59 -21.48
H39 LBN R . 26.58 -35.15 -19.92
H40 LBN R . 26.60 -35.05 -21.69
H44 LBN R . 24.69 -33.48 -21.57
H45 LBN R . 24.66 -33.66 -19.82
H46 LBN R . 23.32 -35.41 -20.02
H47 LBN R . 23.31 -35.19 -21.76
H48 LBN R . 23.90 -37.48 -21.13
H49 LBN R . 25.30 -36.89 -20.23
H50 LBN R . 25.22 -36.70 -21.99
H51 LBN R . 33.44 -28.63 -29.53
H52 LBN R . 33.55 -29.04 -31.25
H53 LBN R . 31.13 -28.21 -29.65
H54 LBN R . 31.17 -27.92 -31.39
H55 LBN R . 31.57 -30.32 -31.79
H56 LBN R . 30.08 -30.07 -30.88
H57 LBN R . 31.91 -30.33 -28.86
H58 LBN R . 32.59 -31.40 -30.09
H59 LBN R . 29.85 -31.57 -28.83
H60 LBN R . 30.30 -32.50 -30.25
H61 LBN R . 32.38 -32.99 -28.45
H62 LBN R . 30.93 -32.97 -27.43
H67 LBN R . 34.87 -27.48 -27.60
H68 LBN R . 35.49 -27.95 -26.01
H69 LBN R . 37.14 -29.46 -27.17
H70 LBN R . 36.35 -29.08 -28.71
H71 LBN R . 34.20 -29.80 -27.20
H72 LBN R . 35.09 -30.90 -28.25
H73 LBN R . 36.10 -30.57 -25.47
H74 LBN R . 36.09 -32.01 -26.50
H75 LBN R . 33.47 -31.82 -26.18
H76 LBN R . 34.36 -33.79 -25.35
H77 LBN R . 33.41 -32.17 -22.96
H78 LBN R . 33.73 -33.90 -22.87
H79 LBN R . 31.99 -33.67 -25.18
H80 LBN R . 29.00 -32.13 -22.36
H81 LBN R . 29.16 -33.87 -19.89
H82 LBN R . 33.91 -30.89 -24.76
H83 LBN R . 35.47 -32.95 -24.25
C1 LBN S . 40.26 -26.32 -21.12
P1 LBN S . 40.50 -23.70 -21.36
C2 LBN S . 39.19 -27.35 -20.75
C3 LBN S . 39.24 -27.67 -19.27
C5 LBN S . 30.75 -33.29 -16.42
O1 LBN S . 39.90 -25.06 -20.60
C8 LBN S . 31.08 -34.61 -17.14
O2 LBN S . 39.98 -23.65 -22.78
C11 LBN S . 29.91 -35.60 -17.01
O3 LBN S . 40.06 -22.46 -20.62
C14 LBN S . 30.10 -36.81 -17.94
O4 LBN S . 42.14 -23.77 -21.39
C17 LBN S . 29.00 -37.87 -17.79
C20 LBN S . 29.42 -39.21 -18.37
C22 LBN S . 28.39 -40.30 -18.09
C23 LBN S . 28.29 -40.75 -16.64
C24 LBN S . 29.60 -40.75 -15.88
C25 LBN S . 39.17 -30.02 -19.06
O5 LBN S . 39.96 -28.85 -19.09
C26 LBN S . 38.24 -30.31 -17.87
O6 LBN S . 39.22 -30.78 -19.97
C27 LBN S . 38.18 -31.81 -17.51
C28 LBN S . 37.09 -32.10 -16.46
C29 LBN S . 36.95 -33.61 -16.17
C30 LBN S . 35.74 -33.89 -15.27
C31 LBN S . 35.73 -35.34 -14.74
C34 LBN S . 37.52 -27.13 -22.42
O7 LBN S . 37.90 -26.84 -21.08
C35 LBN S . 36.60 -28.35 -22.72
O8 LBN S . 37.89 -26.44 -23.31
C36 LBN S . 35.33 -28.38 -21.85
C37 LBN S . 35.35 -29.53 -20.82
C38 LBN S . 33.96 -29.91 -20.31
C39 LBN S . 34.05 -30.97 -19.21
C40 LBN S . 32.70 -31.32 -18.59
C41 LBN S . 32.86 -32.24 -17.35
C42 LBN S . 31.55 -32.21 -16.52
H1 LBN S . 41.21 -26.62 -20.69
H2 LBN S . 40.35 -26.25 -22.19
H3 LBN S . 39.36 -28.26 -21.31
H4 LBN S . 38.23 -27.78 -18.89
H5 LBN S . 39.73 -26.85 -18.74
H8 LBN S . 29.84 -33.22 -15.82
H13 LBN S . 31.98 -35.04 -16.70
H14 LBN S . 31.26 -34.40 -18.20
H19 LBN S . 29.84 -35.95 -15.98
H25 LBN S . 30.12 -36.47 -18.96
H32 LBN S . 28.77 -37.99 -16.74
H33 LBN S . 28.11 -37.52 -18.31
H39 LBN S . 30.37 -39.49 -17.97
H40 LBN S . 29.52 -39.10 -19.44
H44 LBN S . 28.64 -41.16 -18.70
H45 LBN S . 27.42 -39.93 -18.40
H46 LBN S . 27.59 -40.09 -16.13
H47 LBN S . 27.88 -41.75 -16.62
H48 LBN S . 29.46 -41.23 -14.92
H49 LBN S . 29.94 -39.72 -15.72
H50 LBN S . 30.35 -41.28 -16.45
H51 LBN S . 37.24 -29.96 -18.12
H52 LBN S . 38.60 -29.75 -17.01
H53 LBN S . 37.96 -32.37 -18.41
H54 LBN S . 39.14 -32.11 -17.13
H55 LBN S . 36.14 -31.73 -16.82
H56 LBN S . 37.34 -31.59 -15.55
H57 LBN S . 36.83 -34.13 -17.11
H58 LBN S . 37.86 -33.95 -15.68
H59 LBN S . 34.83 -33.73 -15.83
H60 LBN S . 35.76 -33.22 -14.43
H61 LBN S . 35.17 -35.96 -15.42
H62 LBN S . 35.23 -35.34 -13.77
H67 LBN S . 37.17 -29.25 -22.54
H68 LBN S . 36.31 -28.33 -23.76
H69 LBN S . 34.46 -28.51 -22.49
H70 LBN S . 35.23 -27.44 -21.33
H71 LBN S . 35.80 -30.40 -21.27
H72 LBN S . 35.96 -29.21 -19.98
H73 LBN S . 33.39 -30.32 -21.14
H74 LBN S . 33.46 -29.04 -19.93
H75 LBN S . 34.69 -30.59 -18.43
H76 LBN S . 32.19 -30.41 -18.30
H77 LBN S . 33.67 -31.85 -16.74
H78 LBN S . 33.11 -33.23 -17.67
H79 LBN S . 31.28 -31.30 -15.99
H80 LBN S . 28.98 -35.10 -17.28
H81 LBN S . 31.06 -37.27 -17.71
H82 LBN S . 34.48 -31.87 -19.62
H83 LBN S . 32.09 -31.83 -19.34
C1 LBN T . 10.99 -28.62 15.32
P1 LBN T . 9.84 -30.96 14.82
C2 LBN T . 11.89 -27.81 14.39
C3 LBN T . 13.30 -27.77 14.95
C5 LBN T . 14.35 -20.80 5.37
O1 LBN T . 10.06 -29.33 14.54
C8 LBN T . 13.19 -20.81 4.36
O2 LBN T . 9.61 -31.17 16.30
O3 LBN T . 11.08 -31.71 14.39
O4 LBN T . 8.55 -31.50 13.96
C25 LBN T . 15.26 -26.48 14.84
O5 LBN T . 13.89 -26.58 14.52
C26 LBN T . 16.08 -25.28 14.33
O6 LBN T . 15.80 -27.33 15.47
C27 LBN T . 17.25 -24.92 15.26
C28 LBN T . 17.98 -23.64 14.82
C34 LBN T . 11.97 -27.50 12.02
O7 LBN T . 11.92 -28.42 13.11
C35 LBN T . 13.34 -26.87 11.61
O8 LBN T . 10.99 -27.20 11.44
C36 LBN T . 13.41 -26.58 10.10
C37 LBN T . 13.21 -25.10 9.76
C38 LBN T . 14.28 -24.57 8.79
C39 LBN T . 14.21 -25.27 7.43
C40 LBN T . 14.83 -24.43 6.30
C41 LBN T . 13.92 -23.24 5.86
C42 LBN T . 14.69 -21.90 6.05
H1 LBN T . 11.59 -29.33 15.88
H2 LBN T . 10.47 -27.97 16.00
H3 LBN T . 11.50 -26.80 14.30
H4 LBN T . 13.86 -28.62 14.60
H5 LBN T . 13.26 -27.79 16.03
H8 LBN T . 14.90 -19.88 5.53
H13 LBN T . 12.35 -21.36 4.77
H14 LBN T . 13.51 -21.28 3.44
H51 LBN T . 15.41 -24.42 14.26
H52 LBN T . 16.46 -25.50 13.35
H53 LBN T . 16.88 -24.79 16.27
H54 LBN T . 17.96 -25.76 15.25
H55 LBN T . 17.51 -22.79 15.30
H56 LBN T . 17.87 -23.54 13.74
H67 LBN T . 14.13 -27.57 11.87
H68 LBN T . 13.48 -25.96 12.17
H69 LBN T . 12.65 -27.15 9.60
H70 LBN T . 14.39 -26.88 9.74
H71 LBN T . 12.23 -24.99 9.29
H72 LBN T . 13.23 -24.51 10.66
H73 LBN T . 15.25 -24.74 9.23
H74 LBN T . 14.13 -23.51 8.65
H75 LBN T . 14.75 -26.20 7.49
H76 LBN T . 15.78 -24.04 6.64
H77 LBN T . 13.03 -23.23 6.46
H78 LBN T . 13.67 -23.36 4.82
H79 LBN T . 15.51 -21.86 6.76
H82 LBN T . 13.18 -25.47 7.18
H83 LBN T . 15.00 -25.07 5.44
C1 LBN U . 14.98 -10.31 -30.82
P1 LBN U . 16.78 -8.48 -30.20
C2 LBN U . 14.69 -11.78 -30.49
C3 LBN U . 13.21 -11.95 -30.23
C5 LBN U . 12.50 -21.71 -27.69
O1 LBN U . 16.35 -10.05 -30.56
C8 LBN U . 12.32 -20.55 -26.69
O2 LBN U . 16.72 -8.28 -28.70
C11 LBN U . 11.09 -19.69 -27.09
O3 LBN U . 15.82 -7.54 -30.87
C14 LBN U . 10.53 -18.90 -25.90
O4 LBN U . 18.31 -8.19 -30.74
C17 LBN U . 9.32 -18.03 -26.27
C25 LBN U . 11.12 -10.96 -30.70
O5 LBN U . 12.50 -10.98 -30.97
C26 LBN U . 10.29 -12.24 -30.82
O6 LBN U . 10.59 -9.94 -30.37
C27 LBN U . 9.99 -12.88 -29.45
C28 LBN U . 9.40 -14.30 -29.60
C29 LBN U . 10.49 -15.35 -29.75
C30 LBN U . 9.92 -16.78 -29.88
C31 LBN U . 10.62 -17.59 -30.98
C34 LBN U . 16.14 -13.49 -31.30
O7 LBN U . 15.06 -12.61 -31.58
C35 LBN U . 16.11 -14.97 -31.80
O8 LBN U . 17.07 -13.11 -30.68
C36 LBN U . 14.80 -15.71 -31.42
C37 LBN U . 15.05 -16.92 -30.51
C38 LBN U . 15.18 -18.25 -31.28
C39 LBN U . 15.89 -19.33 -30.46
C40 LBN U . 15.03 -20.56 -30.21
C41 LBN U . 13.80 -20.25 -29.31
C42 LBN U . 13.16 -21.57 -28.85
H1 LBN U . 14.77 -10.12 -31.86
H2 LBN U . 14.38 -9.67 -30.19
H3 LBN U . 15.24 -12.07 -29.61
H4 LBN U . 13.00 -11.82 -29.18
H5 LBN U . 12.89 -12.94 -30.54
H8 LBN U . 12.08 -22.67 -27.44
H13 LBN U . 13.20 -19.93 -26.65
H14 LBN U . 12.14 -20.96 -25.71
H19 LBN U . 11.39 -18.99 -27.87
H25 LBN U . 10.23 -19.60 -25.12
H32 LBN U . 8.59 -18.08 -25.48
H33 LBN U . 9.66 -17.00 -26.37
H51 LBN U . 9.36 -12.01 -31.31
H52 LBN U . 10.84 -12.96 -31.43
H53 LBN U . 10.90 -12.93 -28.87
H54 LBN U . 9.28 -12.25 -28.92
H55 LBN U . 8.80 -14.52 -28.73
H56 LBN U . 8.76 -14.31 -30.48
H57 LBN U . 11.14 -15.31 -28.89
H58 LBN U . 11.08 -15.14 -30.64
H59 LBN U . 10.05 -17.28 -28.92
H60 LBN U . 8.87 -16.71 -30.11
H61 LBN U . 11.66 -17.74 -30.70
H62 LBN U . 10.13 -18.55 -31.07
H67 LBN U . 16.96 -15.50 -31.39
H68 LBN U . 16.19 -14.97 -32.88
H69 LBN U . 14.32 -16.06 -32.34
H70 LBN U . 14.14 -15.02 -30.92
H71 LBN U . 15.95 -16.75 -29.94
H72 LBN U . 14.20 -17.01 -29.83
H73 LBN U . 15.76 -18.06 -32.19
H74 LBN U . 14.20 -18.60 -31.55
H75 LBN U . 16.79 -19.64 -30.99
H76 LBN U . 15.63 -21.31 -29.71
H77 LBN U . 13.07 -19.67 -29.89
H78 LBN U . 14.13 -19.66 -28.48
H79 LBN U . 13.25 -22.44 -29.50
H80 LBN U . 10.32 -20.35 -27.47
H81 LBN U . 11.31 -18.26 -25.51
H82 LBN U . 16.19 -18.91 -29.50
H83 LBN U . 14.69 -20.96 -31.16
#